data_7UHZ
#
_entry.id   7UHZ
#
loop_
_entity.id
_entity.type
_entity.pdbx_description
1 polymer 'BMPC-23 Fab Heavy chain'
2 polymer 'BMPC-23 Fab Light chain'
3 polymer 'Envelope glycoprotein B'
#
loop_
_entity_poly.entity_id
_entity_poly.type
_entity_poly.pdbx_seq_one_letter_code
_entity_poly.pdbx_strand_id
1 'polypeptide(L)'
;QVQLQQSGPELVKPGASVKLSCKASGYSFTTYDINWVKERPGQGLEWIGWIYPREGSTNYNEKFRGKATLTADTSSSTAY
MELHSLTSEDSAVYFCATYGSSRYYTMDYWGQGTSVTVSSA
;
H,I,J
2 'polypeptide(L)'
;DIVLTQSPTSLAVSLGQRATISCRASESVDNFGISFMNWFQQKPGQPPKLLIYAASNLGSGVPARFSGSGSGTDFSLNIH
PMEDDDTAMYFCQQSKEVPLTFGAGTKLELKR
;
L,M,N
3 'polypeptide(L)'
;DIKAENTDANFYVCPPPTGATVVQFEQPRRCPTRPEGQNYTEGIAVVFKENIAPYKFKATMYYKDVTVSQVWFGHRYSQF
MGIFEDRAPVPFEEVIDKINAKGVCRSTAKYVRNNLETTAFHRDDHETDMELKPANAATRTSRGWHTTDLKYNPSRVEAF
HRYGTTVNCIVEEVDARSVYPYDEFVLATGDFVYMSPFYGYREGSHTEHTTYAADRFKQVDGFYARDLTTKARATAPTTR
NLLTTPKFTVAWDWVPKRPSVCTMTKWQEVDEMLRSEYGGSFRFSSDAISTTFTTNLTEYPLSRVDLGDCIGKDARDAMD
RIFARRYNATHIKVGQPQYYQANGGFLIAYQPLLSNTLAELYVREHLREQSRKPPNPTPPPPGASANASVERIKTTSSIE
FARLQFTYNHIQRHVNDMLGRVAIAWCELQNHELTLWNEARKLNPNAIASVTVGRRVSARMLGDVMAVSTCVPVAADNVI
VQNSMRISSRPGACYSRPLVSFRYEDQGPLVEGQLGENNELRLTRDAIEPCTVGHRRYFTFGGGYVYFEEYAYSHQLSRA
DITTVSTFIDLNITMLEDHEFVPLEVYTRHEIKDSGLLDYTEVQRRNQLHDLRFADIDTVIHADANAA
;
A,B,C
#
# COMPACT_ATOMS: atom_id res chain seq x y z
N GLN A 1 -47.08 -16.10 -41.54
CA GLN A 1 -45.80 -15.65 -42.06
C GLN A 1 -44.88 -16.82 -42.39
N VAL A 2 -44.94 -17.90 -41.61
CA VAL A 2 -44.33 -19.15 -42.04
C VAL A 2 -45.38 -19.96 -42.79
N GLN A 3 -45.13 -20.18 -44.07
CA GLN A 3 -46.11 -20.84 -44.92
C GLN A 3 -45.43 -22.01 -45.61
N LEU A 4 -46.20 -23.06 -45.85
CA LEU A 4 -45.69 -24.29 -46.45
C LEU A 4 -46.58 -24.62 -47.66
N GLN A 5 -46.23 -24.07 -48.82
CA GLN A 5 -46.99 -24.37 -50.03
C GLN A 5 -46.90 -25.85 -50.36
N GLN A 6 -47.95 -26.36 -51.00
CA GLN A 6 -48.01 -27.75 -51.42
C GLN A 6 -48.65 -27.82 -52.79
N SER A 7 -48.39 -28.93 -53.48
CA SER A 7 -49.01 -29.18 -54.76
C SER A 7 -50.50 -29.49 -54.59
N GLY A 8 -51.24 -29.39 -55.67
CA GLY A 8 -52.66 -29.67 -55.66
C GLY A 8 -52.93 -31.16 -55.70
N PRO A 9 -54.21 -31.51 -55.72
CA PRO A 9 -54.59 -32.93 -55.76
C PRO A 9 -54.10 -33.62 -57.02
N GLU A 10 -53.79 -34.90 -56.89
CA GLU A 10 -53.27 -35.70 -58.00
C GLU A 10 -54.23 -36.83 -58.30
N LEU A 11 -54.70 -36.89 -59.55
CA LEU A 11 -55.41 -38.05 -60.08
C LEU A 11 -54.40 -38.95 -60.79
N VAL A 12 -54.25 -40.18 -60.30
CA VAL A 12 -53.17 -41.05 -60.74
C VAL A 12 -53.75 -42.43 -61.09
N LYS A 13 -53.04 -43.15 -61.96
CA LYS A 13 -53.30 -44.57 -62.15
C LYS A 13 -52.59 -45.36 -61.07
N PRO A 14 -53.25 -46.35 -60.44
CA PRO A 14 -52.59 -47.11 -59.38
C PRO A 14 -51.33 -47.81 -59.89
N GLY A 15 -50.32 -47.84 -59.03
CA GLY A 15 -49.05 -48.43 -59.37
C GLY A 15 -48.04 -47.49 -60.00
N ALA A 16 -48.42 -46.26 -60.29
CA ALA A 16 -47.52 -45.29 -60.90
C ALA A 16 -46.63 -44.68 -59.82
N SER A 17 -45.95 -43.57 -60.16
CA SER A 17 -45.13 -42.86 -59.19
C SER A 17 -45.39 -41.37 -59.37
N VAL A 18 -45.36 -40.63 -58.26
CA VAL A 18 -45.68 -39.20 -58.29
C VAL A 18 -44.61 -38.41 -57.54
N LYS A 19 -44.80 -37.10 -57.45
CA LYS A 19 -43.83 -36.21 -56.83
C LYS A 19 -44.57 -35.07 -56.16
N LEU A 20 -44.68 -35.11 -54.83
CA LEU A 20 -45.30 -34.03 -54.10
C LEU A 20 -44.23 -33.02 -53.67
N SER A 21 -44.66 -31.78 -53.51
CA SER A 21 -43.74 -30.69 -53.23
C SER A 21 -44.22 -29.89 -52.04
N CYS A 22 -43.27 -29.38 -51.25
CA CYS A 22 -43.55 -28.55 -50.10
C CYS A 22 -42.69 -27.30 -50.18
N LYS A 23 -43.24 -26.23 -50.72
CA LYS A 23 -42.52 -24.97 -50.86
C LYS A 23 -42.55 -24.23 -49.53
N ALA A 24 -41.43 -24.24 -48.82
CA ALA A 24 -41.33 -23.57 -47.54
C ALA A 24 -41.04 -22.08 -47.74
N SER A 25 -41.61 -21.26 -46.87
CA SER A 25 -41.42 -19.82 -46.94
C SER A 25 -41.63 -19.23 -45.56
N GLY A 26 -40.95 -18.11 -45.32
CA GLY A 26 -41.04 -17.41 -44.06
C GLY A 26 -39.90 -17.65 -43.10
N TYR A 27 -38.95 -18.51 -43.44
CA TYR A 27 -37.80 -18.79 -42.58
C TYR A 27 -36.73 -19.45 -43.44
N SER A 28 -35.53 -19.58 -42.88
CA SER A 28 -34.43 -20.22 -43.56
C SER A 28 -34.73 -21.71 -43.74
N PHE A 29 -34.96 -22.12 -44.98
CA PHE A 29 -35.45 -23.46 -45.27
C PHE A 29 -34.53 -24.56 -44.75
N THR A 30 -33.23 -24.30 -44.65
CA THR A 30 -32.28 -25.33 -44.29
C THR A 30 -32.17 -25.58 -42.79
N THR A 31 -32.82 -24.76 -41.96
CA THR A 31 -32.56 -24.80 -40.52
C THR A 31 -33.60 -25.59 -39.73
N TYR A 32 -34.54 -26.27 -40.38
CA TYR A 32 -35.52 -27.05 -39.65
C TYR A 32 -35.93 -28.26 -40.46
N ASP A 33 -36.20 -29.35 -39.75
CA ASP A 33 -36.61 -30.59 -40.40
C ASP A 33 -37.94 -30.40 -41.10
N ILE A 34 -38.12 -31.17 -42.18
CA ILE A 34 -39.37 -31.19 -42.92
C ILE A 34 -39.99 -32.56 -42.74
N ASN A 35 -41.06 -32.63 -41.96
CA ASN A 35 -41.74 -33.88 -41.70
C ASN A 35 -42.86 -34.08 -42.70
N TRP A 36 -43.11 -35.33 -43.07
CA TRP A 36 -44.21 -35.68 -43.94
C TRP A 36 -45.12 -36.66 -43.22
N VAL A 37 -46.42 -36.39 -43.25
CA VAL A 37 -47.40 -37.17 -42.50
C VAL A 37 -48.48 -37.64 -43.46
N LYS A 38 -48.83 -38.92 -43.35
CA LYS A 38 -49.87 -39.50 -44.18
C LYS A 38 -51.23 -39.37 -43.50
N GLU A 39 -52.24 -39.03 -44.30
CA GLU A 39 -53.59 -38.81 -43.80
C GLU A 39 -54.59 -39.47 -44.72
N ARG A 40 -55.09 -40.64 -44.33
CA ARG A 40 -56.27 -41.22 -44.93
C ARG A 40 -57.40 -41.21 -43.91
N PRO A 41 -58.60 -40.78 -44.30
CA PRO A 41 -59.67 -40.61 -43.30
C PRO A 41 -60.01 -41.87 -42.52
N GLY A 42 -59.86 -43.05 -43.14
CA GLY A 42 -60.20 -44.28 -42.45
C GLY A 42 -59.30 -44.55 -41.26
N GLN A 43 -58.01 -44.37 -41.42
CA GLN A 43 -57.03 -44.68 -40.37
C GLN A 43 -56.58 -43.41 -39.68
N GLY A 44 -55.85 -43.58 -38.58
CA GLY A 44 -55.26 -42.46 -37.87
C GLY A 44 -54.14 -41.84 -38.67
N LEU A 45 -53.80 -40.59 -38.38
CA LEU A 45 -52.80 -39.90 -39.17
C LEU A 45 -51.43 -40.49 -38.88
N GLU A 46 -50.61 -40.62 -39.93
CA GLU A 46 -49.45 -41.49 -39.88
C GLU A 46 -48.22 -40.71 -40.33
N TRP A 47 -47.16 -40.77 -39.52
CA TRP A 47 -45.90 -40.14 -39.88
C TRP A 47 -45.09 -41.08 -40.77
N ILE A 48 -44.58 -40.56 -41.89
CA ILE A 48 -43.87 -41.43 -42.82
C ILE A 48 -42.37 -41.15 -42.78
N GLY A 49 -41.98 -39.95 -42.41
CA GLY A 49 -40.56 -39.62 -42.34
C GLY A 49 -40.34 -38.14 -42.19
N TRP A 50 -39.08 -37.78 -42.06
CA TRP A 50 -38.68 -36.38 -42.13
C TRP A 50 -37.28 -36.29 -42.72
N ILE A 51 -36.97 -35.12 -43.26
CA ILE A 51 -35.72 -34.88 -43.97
C ILE A 51 -35.09 -33.61 -43.43
N TYR A 52 -33.77 -33.63 -43.25
CA TYR A 52 -33.05 -32.46 -42.77
C TYR A 52 -32.51 -31.71 -43.99
N PRO A 53 -33.07 -30.55 -44.33
CA PRO A 53 -32.65 -29.87 -45.56
C PRO A 53 -31.17 -29.50 -45.59
N ARG A 54 -30.61 -29.08 -44.46
CA ARG A 54 -29.23 -28.59 -44.46
C ARG A 54 -28.25 -29.69 -44.87
N GLU A 55 -28.41 -30.89 -44.32
CA GLU A 55 -27.51 -31.98 -44.64
C GLU A 55 -28.06 -32.90 -45.71
N GLY A 56 -29.35 -32.80 -46.02
CA GLY A 56 -29.99 -33.75 -46.89
C GLY A 56 -30.25 -35.09 -46.25
N SER A 57 -29.80 -35.29 -45.02
CA SER A 57 -30.07 -36.53 -44.31
C SER A 57 -31.54 -36.63 -43.97
N THR A 58 -32.04 -37.86 -43.89
CA THR A 58 -33.45 -38.08 -43.68
C THR A 58 -33.66 -39.43 -43.02
N ASN A 59 -34.71 -39.51 -42.21
CA ASN A 59 -35.14 -40.76 -41.62
C ASN A 59 -36.59 -41.00 -41.99
N TYR A 60 -36.88 -42.20 -42.46
CA TYR A 60 -38.22 -42.59 -42.88
C TYR A 60 -38.85 -43.47 -41.81
N ASN A 61 -40.17 -43.46 -41.74
CA ASN A 61 -40.86 -44.53 -41.03
C ASN A 61 -40.55 -45.84 -41.73
N GLU A 62 -40.41 -46.91 -40.94
CA GLU A 62 -39.82 -48.13 -41.44
C GLU A 62 -40.62 -48.72 -42.60
N LYS A 63 -41.95 -48.69 -42.50
CA LYS A 63 -42.78 -49.35 -43.50
C LYS A 63 -42.74 -48.64 -44.85
N PHE A 64 -42.16 -47.44 -44.90
CA PHE A 64 -42.13 -46.65 -46.12
C PHE A 64 -40.76 -46.65 -46.80
N ARG A 65 -40.07 -47.79 -46.82
CA ARG A 65 -38.73 -47.88 -47.39
C ARG A 65 -38.70 -47.40 -48.83
N GLY A 66 -39.39 -48.11 -49.72
CA GLY A 66 -39.37 -47.78 -51.13
C GLY A 66 -40.64 -47.11 -51.61
N LYS A 67 -41.69 -47.18 -50.80
CA LYS A 67 -42.95 -46.57 -51.18
C LYS A 67 -42.86 -45.04 -51.18
N ALA A 68 -42.01 -44.48 -50.32
CA ALA A 68 -41.85 -43.04 -50.22
C ALA A 68 -40.36 -42.69 -50.22
N THR A 69 -40.06 -41.50 -50.73
CA THR A 69 -38.69 -41.00 -50.77
C THR A 69 -38.71 -39.48 -50.71
N LEU A 70 -37.78 -38.93 -49.94
CA LEU A 70 -37.72 -37.50 -49.67
C LEU A 70 -36.45 -36.89 -50.25
N THR A 71 -36.60 -35.75 -50.90
CA THR A 71 -35.47 -34.92 -51.32
C THR A 71 -35.74 -33.50 -50.86
N ALA A 72 -34.70 -32.66 -50.94
CA ALA A 72 -34.82 -31.27 -50.54
C ALA A 72 -34.03 -30.41 -51.53
N ASP A 73 -34.60 -29.26 -51.87
CA ASP A 73 -33.96 -28.29 -52.76
C ASP A 73 -33.83 -26.99 -52.00
N THR A 74 -32.65 -26.76 -51.42
CA THR A 74 -32.43 -25.54 -50.65
C THR A 74 -32.52 -24.31 -51.54
N SER A 75 -32.04 -24.40 -52.78
CA SER A 75 -32.14 -23.28 -53.71
C SER A 75 -33.60 -22.91 -53.95
N SER A 76 -34.45 -23.92 -54.16
CA SER A 76 -35.88 -23.69 -54.29
C SER A 76 -36.60 -23.59 -52.95
N SER A 77 -35.89 -23.83 -51.84
CA SER A 77 -36.49 -23.83 -50.51
C SER A 77 -37.68 -24.77 -50.46
N THR A 78 -37.53 -25.94 -51.08
CA THR A 78 -38.64 -26.87 -51.29
C THR A 78 -38.18 -28.28 -50.98
N ALA A 79 -38.96 -28.98 -50.17
CA ALA A 79 -38.77 -30.41 -49.99
C ALA A 79 -39.72 -31.17 -50.91
N TYR A 80 -39.26 -32.33 -51.38
CA TYR A 80 -39.99 -33.07 -52.39
C TYR A 80 -40.32 -34.47 -51.90
N MET A 81 -41.46 -34.97 -52.36
CA MET A 81 -41.86 -36.35 -52.16
C MET A 81 -41.58 -37.16 -53.42
N GLU A 82 -41.24 -38.43 -53.23
CA GLU A 82 -41.09 -39.38 -54.33
C GLU A 82 -41.87 -40.62 -53.94
N LEU A 83 -43.16 -40.63 -54.25
CA LEU A 83 -43.98 -41.80 -53.96
C LEU A 83 -43.81 -42.84 -55.06
N HIS A 84 -43.81 -44.11 -54.66
CA HIS A 84 -43.57 -45.19 -55.61
C HIS A 84 -44.53 -46.34 -55.31
N SER A 85 -44.96 -47.01 -56.37
CA SER A 85 -45.91 -48.12 -56.29
C SER A 85 -47.14 -47.72 -55.49
N LEU A 86 -47.86 -46.73 -56.02
CA LEU A 86 -49.01 -46.18 -55.32
C LEU A 86 -50.16 -47.16 -55.30
N THR A 87 -50.32 -47.87 -54.17
CA THR A 87 -51.46 -48.77 -53.99
C THR A 87 -52.74 -47.95 -53.93
N SER A 88 -53.87 -48.65 -54.09
CA SER A 88 -55.17 -47.98 -53.98
C SER A 88 -55.33 -47.34 -52.61
N GLU A 89 -54.89 -48.01 -51.55
CA GLU A 89 -55.00 -47.45 -50.21
C GLU A 89 -54.04 -46.28 -50.02
N ASP A 90 -52.99 -46.18 -50.83
CA ASP A 90 -52.08 -45.05 -50.73
C ASP A 90 -52.75 -43.73 -51.07
N SER A 91 -53.92 -43.78 -51.71
CA SER A 91 -54.68 -42.56 -51.95
C SER A 91 -55.07 -41.92 -50.62
N ALA A 92 -54.45 -40.79 -50.29
CA ALA A 92 -54.63 -40.16 -48.99
C ALA A 92 -54.05 -38.76 -49.07
N VAL A 93 -54.29 -37.99 -48.01
CA VAL A 93 -53.69 -36.67 -47.88
C VAL A 93 -52.32 -36.81 -47.25
N TYR A 94 -51.37 -36.01 -47.72
CA TYR A 94 -50.03 -36.02 -47.18
C TYR A 94 -49.68 -34.60 -46.74
N PHE A 95 -49.34 -34.45 -45.46
CA PHE A 95 -49.01 -33.16 -44.89
C PHE A 95 -47.50 -33.03 -44.73
N CYS A 96 -46.98 -31.89 -45.14
CA CYS A 96 -45.59 -31.54 -44.89
C CYS A 96 -45.55 -30.52 -43.75
N ALA A 97 -44.72 -30.80 -42.75
CA ALA A 97 -44.71 -30.03 -41.53
C ALA A 97 -43.27 -29.78 -41.09
N THR A 98 -43.11 -28.79 -40.21
CA THR A 98 -41.79 -28.39 -39.74
C THR A 98 -41.93 -27.81 -38.33
N TYR A 99 -40.84 -27.32 -37.78
CA TYR A 99 -40.79 -26.77 -36.44
C TYR A 99 -40.72 -25.25 -36.53
N GLY A 100 -40.66 -24.58 -35.39
CA GLY A 100 -40.34 -23.17 -35.42
C GLY A 100 -40.98 -22.21 -34.42
N SER A 101 -42.06 -22.60 -33.77
CA SER A 101 -42.71 -21.72 -32.79
C SER A 101 -42.70 -22.31 -31.39
N SER A 102 -43.14 -23.54 -31.22
CA SER A 102 -43.09 -24.18 -29.91
C SER A 102 -41.63 -24.36 -29.49
N ARG A 103 -41.40 -24.30 -28.18
CA ARG A 103 -40.03 -24.26 -27.68
C ARG A 103 -39.24 -25.50 -28.07
N TYR A 104 -39.88 -26.67 -27.97
CA TYR A 104 -39.23 -27.90 -28.39
C TYR A 104 -39.57 -28.20 -29.85
N TYR A 105 -38.76 -29.05 -30.47
CA TYR A 105 -38.95 -29.39 -31.88
C TYR A 105 -40.22 -30.21 -32.01
N THR A 106 -41.30 -29.55 -32.43
CA THR A 106 -42.57 -30.20 -32.66
C THR A 106 -43.15 -29.70 -33.97
N MET A 107 -44.05 -30.49 -34.55
CA MET A 107 -44.63 -30.16 -35.85
C MET A 107 -45.73 -29.12 -35.72
N ASP A 108 -45.35 -27.85 -35.61
CA ASP A 108 -46.31 -26.78 -35.36
C ASP A 108 -46.49 -25.84 -36.54
N TYR A 109 -45.96 -26.18 -37.72
CA TYR A 109 -46.25 -25.44 -38.94
C TYR A 109 -46.58 -26.45 -40.02
N TRP A 110 -47.63 -26.18 -40.78
CA TRP A 110 -48.18 -27.19 -41.66
C TRP A 110 -48.56 -26.56 -42.99
N GLY A 111 -48.57 -27.41 -44.03
CA GLY A 111 -49.04 -27.02 -45.33
C GLY A 111 -50.54 -27.25 -45.47
N GLN A 112 -51.08 -26.78 -46.60
CA GLN A 112 -52.50 -26.97 -46.85
C GLN A 112 -52.84 -28.43 -47.13
N GLY A 113 -51.83 -29.26 -47.39
CA GLY A 113 -52.07 -30.67 -47.65
C GLY A 113 -52.19 -30.98 -49.12
N THR A 114 -52.08 -32.26 -49.47
CA THR A 114 -52.16 -32.70 -50.85
C THR A 114 -52.85 -34.04 -50.89
N SER A 115 -54.00 -34.09 -51.57
CA SER A 115 -54.82 -35.29 -51.65
C SER A 115 -54.48 -36.04 -52.93
N VAL A 116 -53.72 -37.12 -52.80
CA VAL A 116 -53.33 -37.96 -53.92
C VAL A 116 -54.35 -39.08 -54.06
N THR A 117 -54.79 -39.33 -55.28
CA THR A 117 -55.76 -40.37 -55.58
C THR A 117 -55.24 -41.26 -56.70
N VAL A 118 -55.48 -42.56 -56.59
CA VAL A 118 -55.19 -43.50 -57.66
C VAL A 118 -56.46 -44.24 -58.01
N SER A 119 -56.81 -44.25 -59.30
CA SER A 119 -58.01 -44.90 -59.79
C SER A 119 -57.86 -45.06 -61.30
N SER A 120 -58.95 -45.46 -61.96
CA SER A 120 -58.93 -45.69 -63.40
C SER A 120 -60.03 -44.96 -64.16
N GLN B 1 -52.89 -29.83 22.21
CA GLN B 1 -52.81 -28.39 22.30
C GLN B 1 -53.51 -27.69 21.12
N VAL B 2 -53.44 -28.29 19.93
CA VAL B 2 -54.32 -27.87 18.86
C VAL B 2 -55.58 -28.71 18.91
N GLN B 3 -56.70 -28.04 19.18
CA GLN B 3 -57.97 -28.75 19.38
C GLN B 3 -59.00 -28.15 18.44
N LEU B 4 -59.92 -28.99 17.97
CA LEU B 4 -60.95 -28.59 17.03
C LEU B 4 -62.30 -28.99 17.61
N GLN B 5 -62.89 -28.12 18.42
CA GLN B 5 -64.20 -28.42 18.98
C GLN B 5 -65.24 -28.54 17.86
N GLN B 6 -66.26 -29.37 18.13
CA GLN B 6 -67.35 -29.57 17.18
C GLN B 6 -68.65 -29.65 17.95
N SER B 7 -69.75 -29.40 17.23
CA SER B 7 -71.07 -29.53 17.81
C SER B 7 -71.40 -31.00 18.05
N GLY B 8 -72.40 -31.23 18.89
CA GLY B 8 -72.85 -32.57 19.20
C GLY B 8 -73.72 -33.14 18.09
N PRO B 9 -74.19 -34.36 18.31
CA PRO B 9 -75.05 -35.01 17.31
C PRO B 9 -76.34 -34.24 17.09
N GLU B 10 -76.86 -34.31 15.86
CA GLU B 10 -78.07 -33.61 15.46
C GLU B 10 -79.12 -34.61 15.04
N LEU B 11 -80.28 -34.56 15.69
CA LEU B 11 -81.47 -35.27 15.24
C LEU B 11 -82.31 -34.30 14.43
N VAL B 12 -82.53 -34.62 13.14
CA VAL B 12 -83.12 -33.69 12.20
C VAL B 12 -84.25 -34.39 11.44
N LYS B 13 -85.19 -33.59 10.94
CA LYS B 13 -86.15 -34.07 9.96
C LYS B 13 -85.53 -34.02 8.58
N PRO B 14 -85.67 -35.08 7.76
CA PRO B 14 -85.05 -35.06 6.43
C PRO B 14 -85.56 -33.90 5.60
N GLY B 15 -84.67 -33.31 4.81
CA GLY B 15 -84.99 -32.17 3.98
C GLY B 15 -84.80 -30.82 4.63
N ALA B 16 -84.46 -30.78 5.91
CA ALA B 16 -84.25 -29.52 6.61
C ALA B 16 -82.85 -29.00 6.32
N SER B 17 -82.42 -28.00 7.09
CA SER B 17 -81.06 -27.47 6.97
C SER B 17 -80.48 -27.30 8.36
N VAL B 18 -79.18 -27.53 8.49
CA VAL B 18 -78.51 -27.47 9.80
C VAL B 18 -77.26 -26.62 9.72
N LYS B 19 -76.53 -26.53 10.83
CA LYS B 19 -75.35 -25.69 10.91
C LYS B 19 -74.36 -26.36 11.85
N LEU B 20 -73.31 -26.96 11.30
CA LEU B 20 -72.27 -27.55 12.11
C LEU B 20 -71.16 -26.53 12.36
N SER B 21 -70.46 -26.69 13.47
CA SER B 21 -69.47 -25.71 13.90
C SER B 21 -68.17 -26.42 14.23
N CYS B 22 -67.05 -25.75 13.95
CA CYS B 22 -65.72 -26.26 14.25
C CYS B 22 -64.95 -25.16 14.98
N LYS B 23 -64.95 -25.21 16.30
CA LYS B 23 -64.25 -24.23 17.12
C LYS B 23 -62.77 -24.59 17.16
N ALA B 24 -61.95 -23.84 16.42
CA ALA B 24 -60.52 -24.10 16.41
C ALA B 24 -59.85 -23.42 17.59
N SER B 25 -58.82 -24.09 18.12
CA SER B 25 -58.09 -23.56 19.26
C SER B 25 -56.68 -24.13 19.24
N GLY B 26 -55.75 -23.35 19.79
CA GLY B 26 -54.36 -23.76 19.87
C GLY B 26 -53.45 -23.14 18.83
N TYR B 27 -53.99 -22.37 17.90
CA TYR B 27 -53.19 -21.72 16.87
C TYR B 27 -53.99 -20.58 16.28
N SER B 28 -53.34 -19.75 15.47
CA SER B 28 -54.01 -18.64 14.81
C SER B 28 -55.00 -19.19 13.78
N PHE B 29 -56.29 -19.01 14.06
CA PHE B 29 -57.33 -19.65 13.27
C PHE B 29 -57.29 -19.27 11.79
N THR B 30 -56.79 -18.09 11.47
CA THR B 30 -56.83 -17.60 10.09
C THR B 30 -55.71 -18.13 9.22
N THR B 31 -54.73 -18.84 9.79
CA THR B 31 -53.52 -19.16 9.05
C THR B 31 -53.50 -20.57 8.46
N TYR B 32 -54.59 -21.31 8.54
CA TYR B 32 -54.61 -22.66 7.98
C TYR B 32 -56.00 -22.99 7.48
N ASP B 33 -56.04 -23.75 6.39
CA ASP B 33 -57.32 -24.15 5.81
C ASP B 33 -58.09 -25.04 6.77
N ILE B 34 -59.41 -24.97 6.67
CA ILE B 34 -60.30 -25.81 7.44
C ILE B 34 -61.01 -26.74 6.47
N ASN B 35 -60.64 -28.01 6.50
CA ASN B 35 -61.22 -29.01 5.63
C ASN B 35 -62.39 -29.68 6.32
N TRP B 36 -63.39 -30.05 5.55
CA TRP B 36 -64.54 -30.79 6.05
C TRP B 36 -64.65 -32.10 5.29
N VAL B 37 -64.81 -33.19 6.03
CA VAL B 37 -64.82 -34.54 5.47
C VAL B 37 -66.08 -35.25 5.88
N LYS B 38 -66.74 -35.89 4.92
CA LYS B 38 -67.95 -36.64 5.20
C LYS B 38 -67.62 -38.09 5.55
N GLU B 39 -68.31 -38.62 6.54
CA GLU B 39 -68.08 -39.97 7.04
C GLU B 39 -69.40 -40.68 7.28
N ARG B 40 -69.79 -41.53 6.34
CA ARG B 40 -70.85 -42.50 6.57
C ARG B 40 -70.25 -43.89 6.58
N PRO B 41 -70.60 -44.73 7.56
CA PRO B 41 -69.91 -46.03 7.69
C PRO B 41 -70.01 -46.90 6.46
N GLY B 42 -71.11 -46.81 5.71
CA GLY B 42 -71.25 -47.65 4.53
C GLY B 42 -70.22 -47.36 3.46
N GLN B 43 -69.99 -46.08 3.17
CA GLN B 43 -69.08 -45.68 2.11
C GLN B 43 -67.74 -45.24 2.68
N GLY B 44 -66.77 -45.06 1.79
CA GLY B 44 -65.48 -44.54 2.19
C GLY B 44 -65.57 -43.09 2.60
N LEU B 45 -64.60 -42.61 3.38
CA LEU B 45 -64.68 -41.25 3.89
C LEU B 45 -64.44 -40.26 2.75
N GLU B 46 -65.20 -39.17 2.78
CA GLU B 46 -65.37 -38.33 1.59
C GLU B 46 -65.06 -36.88 1.94
N TRP B 47 -64.20 -36.26 1.15
CA TRP B 47 -63.90 -34.84 1.33
C TRP B 47 -64.95 -34.00 0.63
N ILE B 48 -65.49 -33.01 1.32
CA ILE B 48 -66.56 -32.20 0.74
C ILE B 48 -66.06 -30.82 0.36
N GLY B 49 -65.04 -30.32 1.05
CA GLY B 49 -64.51 -29.01 0.74
C GLY B 49 -63.56 -28.53 1.81
N TRP B 50 -62.98 -27.37 1.56
CA TRP B 50 -62.22 -26.66 2.58
C TRP B 50 -62.37 -25.17 2.36
N ILE B 51 -62.13 -24.41 3.44
CA ILE B 51 -62.31 -22.97 3.44
C ILE B 51 -61.07 -22.33 4.03
N TYR B 52 -60.65 -21.22 3.42
CA TYR B 52 -59.49 -20.48 3.90
C TYR B 52 -59.99 -19.38 4.82
N PRO B 53 -59.77 -19.48 6.13
CA PRO B 53 -60.34 -18.48 7.05
C PRO B 53 -59.86 -17.06 6.79
N ARG B 54 -58.58 -16.89 6.44
CA ARG B 54 -58.04 -15.53 6.32
C ARG B 54 -58.73 -14.75 5.21
N GLU B 55 -58.94 -15.38 4.06
CA GLU B 55 -59.59 -14.69 2.95
C GLU B 55 -61.07 -14.99 2.87
N GLY B 56 -61.54 -16.01 3.56
CA GLY B 56 -62.90 -16.47 3.41
C GLY B 56 -63.13 -17.25 2.14
N SER B 57 -62.13 -17.36 1.27
CA SER B 57 -62.25 -18.14 0.06
C SER B 57 -62.34 -19.63 0.41
N THR B 58 -63.02 -20.37 -0.45
CA THR B 58 -63.28 -21.77 -0.17
C THR B 58 -63.48 -22.51 -1.48
N ASN B 59 -63.09 -23.78 -1.48
CA ASN B 59 -63.34 -24.68 -2.59
C ASN B 59 -64.09 -25.89 -2.07
N TYR B 60 -65.17 -26.25 -2.75
CA TYR B 60 -66.00 -27.38 -2.37
C TYR B 60 -65.72 -28.54 -3.30
N ASN B 61 -65.94 -29.76 -2.82
CA ASN B 61 -66.07 -30.88 -3.73
C ASN B 61 -67.26 -30.63 -4.63
N GLU B 62 -67.14 -31.06 -5.88
CA GLU B 62 -68.09 -30.61 -6.91
C GLU B 62 -69.52 -31.02 -6.59
N LYS B 63 -69.70 -32.25 -6.09
CA LYS B 63 -71.05 -32.76 -5.90
C LYS B 63 -71.78 -32.06 -4.76
N PHE B 64 -71.07 -31.25 -3.98
CA PHE B 64 -71.65 -30.58 -2.82
C PHE B 64 -71.91 -29.09 -3.06
N ARG B 65 -72.38 -28.73 -4.27
CA ARG B 65 -72.61 -27.33 -4.60
C ARG B 65 -73.55 -26.65 -3.62
N GLY B 66 -74.80 -27.10 -3.55
CA GLY B 66 -75.78 -26.47 -2.70
C GLY B 66 -76.09 -27.27 -1.46
N LYS B 67 -75.69 -28.54 -1.45
CA LYS B 67 -75.95 -29.39 -0.30
C LYS B 67 -75.13 -28.96 0.91
N ALA B 68 -73.95 -28.39 0.68
CA ALA B 68 -73.07 -27.96 1.76
C ALA B 68 -72.57 -26.55 1.47
N THR B 69 -72.29 -25.81 2.55
CA THR B 69 -71.77 -24.45 2.45
C THR B 69 -70.93 -24.16 3.67
N LEU B 70 -69.80 -23.48 3.45
CA LEU B 70 -68.82 -23.20 4.48
C LEU B 70 -68.71 -21.70 4.73
N THR B 71 -68.67 -21.34 6.01
CA THR B 71 -68.34 -19.99 6.43
C THR B 71 -67.27 -20.07 7.50
N ALA B 72 -66.68 -18.93 7.82
CA ALA B 72 -65.64 -18.86 8.85
C ALA B 72 -65.84 -17.59 9.66
N ASP B 73 -65.63 -17.71 10.97
CA ASP B 73 -65.73 -16.57 11.89
C ASP B 73 -64.39 -16.45 12.59
N THR B 74 -63.54 -15.56 12.08
CA THR B 74 -62.21 -15.37 12.67
C THR B 74 -62.32 -14.85 14.10
N SER B 75 -63.29 -13.96 14.35
CA SER B 75 -63.48 -13.45 15.71
C SER B 75 -63.80 -14.59 16.67
N SER B 76 -64.68 -15.50 16.26
CA SER B 76 -64.97 -16.68 17.06
C SER B 76 -63.97 -17.80 16.85
N SER B 77 -63.04 -17.64 15.90
CA SER B 77 -62.06 -18.68 15.57
C SER B 77 -62.78 -19.99 15.23
N THR B 78 -63.87 -19.88 14.49
CA THR B 78 -64.77 -21.01 14.25
C THR B 78 -65.17 -21.04 12.78
N ALA B 79 -65.02 -22.20 12.16
CA ALA B 79 -65.59 -22.42 10.84
C ALA B 79 -66.95 -23.10 10.97
N TYR B 80 -67.85 -22.77 10.04
CA TYR B 80 -69.23 -23.22 10.14
C TYR B 80 -69.62 -24.01 8.91
N MET B 81 -70.50 -24.98 9.13
CA MET B 81 -71.15 -25.72 8.07
C MET B 81 -72.56 -25.18 7.84
N GLU B 82 -73.00 -25.23 6.58
CA GLU B 82 -74.37 -24.89 6.21
C GLU B 82 -74.87 -26.03 5.32
N LEU B 83 -75.40 -27.07 5.94
CA LEU B 83 -75.96 -28.17 5.18
C LEU B 83 -77.37 -27.84 4.72
N HIS B 84 -77.71 -28.29 3.52
CA HIS B 84 -79.00 -27.95 2.94
C HIS B 84 -79.57 -29.19 2.24
N SER B 85 -80.89 -29.33 2.30
CA SER B 85 -81.61 -30.46 1.72
C SER B 85 -81.00 -31.78 2.19
N LEU B 86 -81.06 -31.99 3.49
CA LEU B 86 -80.44 -33.17 4.09
C LEU B 86 -81.20 -34.43 3.72
N THR B 87 -80.68 -35.16 2.73
CA THR B 87 -81.24 -36.45 2.35
C THR B 87 -81.03 -37.45 3.49
N SER B 88 -81.77 -38.56 3.43
CA SER B 88 -81.62 -39.62 4.43
C SER B 88 -80.19 -40.13 4.44
N GLU B 89 -79.57 -40.29 3.27
CA GLU B 89 -78.21 -40.76 3.21
C GLU B 89 -77.22 -39.71 3.71
N ASP B 90 -77.61 -38.44 3.73
CA ASP B 90 -76.73 -37.40 4.26
C ASP B 90 -76.47 -37.59 5.75
N SER B 91 -77.27 -38.40 6.44
CA SER B 91 -76.99 -38.72 7.83
C SER B 91 -75.64 -39.42 7.93
N ALA B 92 -74.65 -38.73 8.49
CA ALA B 92 -73.29 -39.25 8.52
C ALA B 92 -72.48 -38.37 9.49
N VAL B 93 -71.26 -38.81 9.76
CA VAL B 93 -70.34 -38.03 10.56
C VAL B 93 -69.60 -37.07 9.65
N TYR B 94 -69.36 -35.86 10.15
CA TYR B 94 -68.62 -34.86 9.39
C TYR B 94 -67.45 -34.38 10.22
N PHE B 95 -66.25 -34.54 9.68
CA PHE B 95 -65.03 -34.17 10.37
C PHE B 95 -64.50 -32.84 9.82
N CYS B 96 -64.13 -31.96 10.73
CA CYS B 96 -63.44 -30.72 10.39
C CYS B 96 -61.96 -30.90 10.71
N ALA B 97 -61.10 -30.58 9.75
CA ALA B 97 -59.68 -30.86 9.86
C ALA B 97 -58.88 -29.69 9.33
N THR B 98 -57.61 -29.65 9.70
CA THR B 98 -56.73 -28.55 9.32
C THR B 98 -55.30 -29.09 9.25
N TYR B 99 -54.35 -28.20 9.01
CA TYR B 99 -52.94 -28.53 8.87
C TYR B 99 -52.21 -28.09 10.13
N GLY B 100 -50.90 -28.31 10.18
CA GLY B 100 -50.12 -27.70 11.23
C GLY B 100 -48.94 -28.43 11.83
N SER B 101 -48.83 -29.76 11.65
CA SER B 101 -47.71 -30.49 12.21
C SER B 101 -46.85 -31.15 11.14
N SER B 102 -47.47 -31.89 10.21
CA SER B 102 -46.71 -32.47 9.12
C SER B 102 -46.13 -31.37 8.24
N ARG B 103 -44.98 -31.64 7.63
CA ARG B 103 -44.25 -30.59 6.94
C ARG B 103 -45.06 -30.03 5.78
N TYR B 104 -45.73 -30.89 5.03
CA TYR B 104 -46.57 -30.43 3.95
C TYR B 104 -48.01 -30.25 4.45
N TYR B 105 -48.80 -29.49 3.69
CA TYR B 105 -50.17 -29.20 4.08
C TYR B 105 -50.99 -30.48 3.96
N THR B 106 -51.21 -31.14 5.09
CA THR B 106 -52.02 -32.34 5.15
C THR B 106 -52.96 -32.26 6.35
N MET B 107 -54.04 -33.03 6.29
CA MET B 107 -55.06 -32.97 7.32
C MET B 107 -54.65 -33.77 8.55
N ASP B 108 -53.80 -33.19 9.41
CA ASP B 108 -53.25 -33.90 10.54
C ASP B 108 -53.77 -33.41 11.88
N TYR B 109 -54.80 -32.56 11.89
CA TYR B 109 -55.48 -32.18 13.12
C TYR B 109 -56.97 -32.30 12.88
N TRP B 110 -57.67 -32.91 13.83
CA TRP B 110 -59.05 -33.29 13.58
C TRP B 110 -59.90 -32.98 14.80
N GLY B 111 -61.19 -32.79 14.55
CA GLY B 111 -62.16 -32.64 15.61
C GLY B 111 -62.72 -33.98 16.05
N GLN B 112 -63.52 -33.93 17.12
CA GLN B 112 -64.14 -35.15 17.62
C GLN B 112 -65.21 -35.68 16.67
N GLY B 113 -65.64 -34.87 15.71
CA GLY B 113 -66.65 -35.29 14.75
C GLY B 113 -68.05 -34.92 15.17
N THR B 114 -68.99 -34.98 14.22
CA THR B 114 -70.38 -34.63 14.48
C THR B 114 -71.26 -35.55 13.66
N SER B 115 -72.08 -36.33 14.35
CA SER B 115 -72.96 -37.30 13.71
C SER B 115 -74.34 -36.68 13.51
N VAL B 116 -74.64 -36.29 12.27
CA VAL B 116 -75.91 -35.71 11.91
C VAL B 116 -76.82 -36.84 11.45
N THR B 117 -78.06 -36.82 11.92
CA THR B 117 -79.06 -37.82 11.57
C THR B 117 -80.34 -37.12 11.12
N VAL B 118 -80.98 -37.68 10.10
CA VAL B 118 -82.29 -37.21 9.67
C VAL B 118 -83.25 -38.41 9.70
N SER B 119 -84.39 -38.23 10.37
CA SER B 119 -85.39 -39.26 10.51
C SER B 119 -86.69 -38.60 10.96
N SER B 120 -87.69 -39.42 11.33
CA SER B 120 -88.98 -38.90 11.74
C SER B 120 -89.45 -39.43 13.08
N GLN C 1 -9.31 -62.38 -14.42
CA GLN C 1 -8.45 -62.04 -13.30
C GLN C 1 -9.20 -62.07 -11.97
N VAL C 2 -10.48 -61.69 -11.98
CA VAL C 2 -11.34 -61.98 -10.85
C VAL C 2 -12.02 -63.31 -11.09
N GLN C 3 -11.71 -64.29 -10.25
CA GLN C 3 -12.20 -65.64 -10.45
C GLN C 3 -12.88 -66.10 -9.17
N LEU C 4 -13.91 -66.92 -9.32
CA LEU C 4 -14.71 -67.41 -8.20
C LEU C 4 -14.74 -68.93 -8.29
N GLN C 5 -13.75 -69.60 -7.68
CA GLN C 5 -13.75 -71.05 -7.68
C GLN C 5 -14.95 -71.59 -6.93
N GLN C 6 -15.41 -72.77 -7.35
CA GLN C 6 -16.53 -73.44 -6.71
C GLN C 6 -16.23 -74.93 -6.62
N SER C 7 -16.94 -75.59 -5.70
CA SER C 7 -16.83 -77.02 -5.57
C SER C 7 -17.48 -77.73 -6.76
N GLY C 8 -17.14 -79.00 -6.93
CA GLY C 8 -17.70 -79.79 -8.00
C GLY C 8 -19.09 -80.28 -7.67
N PRO C 9 -19.67 -81.04 -8.59
CA PRO C 9 -21.01 -81.56 -8.38
C PRO C 9 -21.08 -82.49 -7.18
N GLU C 10 -22.25 -82.48 -6.53
CA GLU C 10 -22.46 -83.29 -5.33
C GLU C 10 -23.58 -84.29 -5.59
N LEU C 11 -23.28 -85.57 -5.39
CA LEU C 11 -24.29 -86.62 -5.34
C LEU C 11 -24.64 -86.87 -3.88
N VAL C 12 -25.90 -86.64 -3.52
CA VAL C 12 -26.32 -86.62 -2.13
C VAL C 12 -27.56 -87.50 -1.96
N LYS C 13 -27.76 -87.98 -0.74
CA LYS C 13 -29.04 -88.59 -0.36
C LYS C 13 -30.01 -87.49 0.03
N PRO C 14 -31.26 -87.52 -0.42
CA PRO C 14 -32.20 -86.46 -0.06
C PRO C 14 -32.39 -86.36 1.44
N GLY C 15 -32.52 -85.13 1.92
CA GLY C 15 -32.69 -84.87 3.34
C GLY C 15 -31.40 -84.66 4.10
N ALA C 16 -30.24 -84.84 3.46
CA ALA C 16 -28.96 -84.66 4.12
C ALA C 16 -28.61 -83.17 4.17
N SER C 17 -27.36 -82.87 4.49
CA SER C 17 -26.88 -81.49 4.48
C SER C 17 -25.51 -81.45 3.81
N VAL C 18 -25.24 -80.38 3.08
CA VAL C 18 -23.99 -80.27 2.33
C VAL C 18 -23.32 -78.93 2.59
N LYS C 19 -22.20 -78.68 1.92
CA LYS C 19 -21.42 -77.46 2.14
C LYS C 19 -20.77 -77.07 0.82
N LEU C 20 -21.31 -76.05 0.17
CA LEU C 20 -20.72 -75.54 -1.05
C LEU C 20 -19.74 -74.41 -0.72
N SER C 21 -18.75 -74.24 -1.59
CA SER C 21 -17.67 -73.30 -1.34
C SER C 21 -17.48 -72.41 -2.55
N CYS C 22 -17.10 -71.15 -2.28
CA CYS C 22 -16.83 -70.18 -3.32
C CYS C 22 -15.47 -69.53 -3.01
N LYS C 23 -14.42 -70.04 -3.62
CA LYS C 23 -13.08 -69.51 -3.42
C LYS C 23 -12.89 -68.28 -4.29
N ALA C 24 -12.93 -67.11 -3.66
CA ALA C 24 -12.76 -65.85 -4.38
C ALA C 24 -11.28 -65.55 -4.59
N SER C 25 -10.96 -64.97 -5.74
CA SER C 25 -9.59 -64.63 -6.07
C SER C 25 -9.59 -63.48 -7.04
N GLY C 26 -8.51 -62.69 -7.00
CA GLY C 26 -8.36 -61.55 -7.87
C GLY C 26 -8.68 -60.21 -7.27
N TYR C 27 -9.16 -60.18 -6.03
CA TYR C 27 -9.48 -58.93 -5.35
C TYR C 27 -9.55 -59.20 -3.86
N SER C 28 -9.63 -58.12 -3.07
CA SER C 28 -9.74 -58.24 -1.62
C SER C 28 -11.08 -58.86 -1.27
N PHE C 29 -11.05 -60.09 -0.76
CA PHE C 29 -12.27 -60.87 -0.57
C PHE C 29 -13.28 -60.19 0.36
N THR C 30 -12.81 -59.37 1.30
CA THR C 30 -13.69 -58.78 2.30
C THR C 30 -14.42 -57.54 1.82
N THR C 31 -14.12 -57.03 0.63
CA THR C 31 -14.62 -55.72 0.23
C THR C 31 -15.84 -55.77 -0.68
N TYR C 32 -16.42 -56.94 -0.93
CA TYR C 32 -17.59 -57.03 -1.78
C TYR C 32 -18.48 -58.16 -1.33
N ASP C 33 -19.78 -57.95 -1.48
CA ASP C 33 -20.75 -58.95 -1.09
C ASP C 33 -20.60 -60.20 -1.94
N ILE C 34 -20.94 -61.34 -1.35
CA ILE C 34 -20.96 -62.62 -2.05
C ILE C 34 -22.40 -63.08 -2.14
N ASN C 35 -22.96 -63.01 -3.34
CA ASN C 35 -24.34 -63.42 -3.57
C ASN C 35 -24.38 -64.87 -4.00
N TRP C 36 -25.44 -65.56 -3.58
CA TRP C 36 -25.67 -66.93 -3.98
C TRP C 36 -27.00 -67.02 -4.70
N VAL C 37 -27.02 -67.67 -5.86
CA VAL C 37 -28.19 -67.74 -6.73
C VAL C 37 -28.50 -69.19 -7.02
N LYS C 38 -29.78 -69.56 -6.89
CA LYS C 38 -30.22 -70.91 -7.18
C LYS C 38 -30.62 -71.03 -8.65
N GLU C 39 -30.23 -72.16 -9.25
CA GLU C 39 -30.49 -72.41 -10.67
C GLU C 39 -30.96 -73.84 -10.85
N ARG C 40 -32.26 -74.01 -11.01
CA ARG C 40 -32.82 -75.25 -11.53
C ARG C 40 -33.41 -75.01 -12.90
N PRO C 41 -33.13 -75.87 -13.88
CA PRO C 41 -33.55 -75.57 -15.26
C PRO C 41 -35.05 -75.37 -15.42
N GLY C 42 -35.86 -76.06 -14.61
CA GLY C 42 -37.30 -75.92 -14.74
C GLY C 42 -37.80 -74.52 -14.43
N GLN C 43 -37.32 -73.94 -13.34
CA GLN C 43 -37.76 -72.62 -12.89
C GLN C 43 -36.76 -71.55 -13.27
N GLY C 44 -37.17 -70.29 -13.10
CA GLY C 44 -36.29 -69.18 -13.33
C GLY C 44 -35.21 -69.11 -12.27
N LEU C 45 -34.10 -68.43 -12.57
CA LEU C 45 -32.99 -68.41 -11.64
C LEU C 45 -33.35 -67.57 -10.42
N GLU C 46 -32.91 -68.03 -9.25
CA GLU C 46 -33.48 -67.56 -7.99
C GLU C 46 -32.37 -67.12 -7.06
N TRP C 47 -32.49 -65.91 -6.52
CA TRP C 47 -31.54 -65.41 -5.55
C TRP C 47 -31.90 -65.92 -4.16
N ILE C 48 -30.93 -66.47 -3.43
CA ILE C 48 -31.23 -67.04 -2.13
C ILE C 48 -30.69 -66.15 -1.01
N GLY C 49 -29.64 -65.38 -1.28
CA GLY C 49 -29.09 -64.52 -0.26
C GLY C 49 -27.75 -63.97 -0.68
N TRP C 50 -27.20 -63.12 0.18
CA TRP C 50 -25.83 -62.68 0.05
C TRP C 50 -25.25 -62.41 1.42
N ILE C 51 -23.92 -62.45 1.49
CA ILE C 51 -23.20 -62.32 2.75
C ILE C 51 -22.10 -61.28 2.57
N TYR C 52 -21.91 -60.44 3.59
CA TYR C 52 -20.88 -59.43 3.57
C TYR C 52 -19.66 -59.99 4.26
N PRO C 53 -18.58 -60.32 3.53
CA PRO C 53 -17.43 -60.97 4.18
C PRO C 53 -16.78 -60.14 5.28
N ARG C 54 -16.69 -58.82 5.10
CA ARG C 54 -15.97 -58.00 6.07
C ARG C 54 -16.61 -58.04 7.44
N GLU C 55 -17.94 -57.93 7.50
CA GLU C 55 -18.64 -57.95 8.77
C GLU C 55 -19.19 -59.31 9.12
N GLY C 56 -19.26 -60.22 8.15
CA GLY C 56 -19.94 -61.47 8.35
C GLY C 56 -21.44 -61.36 8.33
N SER C 57 -21.97 -60.15 8.23
CA SER C 57 -23.41 -59.97 8.15
C SER C 57 -23.93 -60.49 6.82
N THR C 58 -25.18 -60.93 6.82
CA THR C 58 -25.75 -61.56 5.64
C THR C 58 -27.25 -61.41 5.67
N ASN C 59 -27.83 -61.31 4.47
CA ASN C 59 -29.28 -61.31 4.31
C ASN C 59 -29.65 -62.43 3.36
N TYR C 60 -30.64 -63.22 3.76
CA TYR C 60 -31.10 -64.34 2.97
C TYR C 60 -32.42 -63.98 2.30
N ASN C 61 -32.71 -64.62 1.18
CA ASN C 61 -34.08 -64.62 0.68
C ASN C 61 -34.95 -65.31 1.72
N GLU C 62 -36.19 -64.81 1.87
CA GLU C 62 -37.00 -65.17 3.02
C GLU C 62 -37.28 -66.67 3.07
N LYS C 63 -37.56 -67.28 1.92
CA LYS C 63 -37.97 -68.68 1.91
C LYS C 63 -36.83 -69.62 2.27
N PHE C 64 -35.60 -69.11 2.35
CA PHE C 64 -34.43 -69.93 2.61
C PHE C 64 -33.91 -69.77 4.04
N ARG C 65 -34.80 -69.66 5.03
CA ARG C 65 -34.39 -69.44 6.41
C ARG C 65 -33.43 -70.52 6.91
N GLY C 66 -33.90 -71.77 6.97
CA GLY C 66 -33.09 -72.85 7.48
C GLY C 66 -32.56 -73.76 6.41
N LYS C 67 -33.13 -73.66 5.21
CA LYS C 67 -32.70 -74.52 4.12
C LYS C 67 -31.30 -74.15 3.64
N ALA C 68 -30.91 -72.88 3.77
CA ALA C 68 -29.61 -72.40 3.35
C ALA C 68 -28.99 -71.56 4.44
N THR C 69 -27.66 -71.56 4.48
CA THR C 69 -26.91 -70.77 5.46
C THR C 69 -25.56 -70.41 4.87
N LEU C 70 -25.14 -69.17 5.10
CA LEU C 70 -23.92 -68.63 4.53
C LEU C 70 -22.90 -68.30 5.61
N THR C 71 -21.65 -68.68 5.35
CA THR C 71 -20.53 -68.26 6.17
C THR C 71 -19.46 -67.72 5.24
N ALA C 72 -18.45 -67.07 5.83
CA ALA C 72 -17.35 -66.51 5.07
C ALA C 72 -16.05 -66.73 5.82
N ASP C 73 -14.99 -67.07 5.10
CA ASP C 73 -13.67 -67.27 5.67
C ASP C 73 -12.72 -66.30 4.98
N THR C 74 -12.48 -65.16 5.62
CA THR C 74 -11.60 -64.15 5.04
C THR C 74 -10.19 -64.68 4.90
N SER C 75 -9.72 -65.46 5.87
CA SER C 75 -8.39 -66.05 5.78
C SER C 75 -8.27 -66.94 4.55
N SER C 76 -9.28 -67.76 4.30
CA SER C 76 -9.31 -68.57 3.10
C SER C 76 -9.85 -67.83 1.89
N SER C 77 -10.33 -66.59 2.08
CA SER C 77 -10.94 -65.80 1.00
C SER C 77 -12.06 -66.60 0.33
N THR C 78 -12.86 -67.27 1.15
CA THR C 78 -13.85 -68.22 0.65
C THR C 78 -15.16 -68.03 1.40
N ALA C 79 -16.26 -67.91 0.66
CA ALA C 79 -17.57 -67.96 1.25
C ALA C 79 -18.13 -69.38 1.14
N TYR C 80 -18.92 -69.77 2.14
CA TYR C 80 -19.38 -71.14 2.24
C TYR C 80 -20.89 -71.19 2.26
N MET C 81 -21.42 -72.27 1.70
CA MET C 81 -22.83 -72.62 1.78
C MET C 81 -23.05 -73.68 2.84
N GLU C 82 -24.20 -73.61 3.51
CA GLU C 82 -24.65 -74.63 4.45
C GLU C 82 -26.08 -74.97 4.08
N LEU C 83 -26.24 -75.91 3.15
CA LEU C 83 -27.57 -76.35 2.77
C LEU C 83 -28.09 -77.38 3.77
N HIS C 84 -29.38 -77.33 4.04
CA HIS C 84 -29.97 -78.21 5.03
C HIS C 84 -31.31 -78.70 4.53
N SER C 85 -31.64 -79.94 4.88
CA SER C 85 -32.88 -80.61 4.46
C SER C 85 -33.05 -80.52 2.96
N LEU C 86 -32.11 -81.11 2.23
CA LEU C 86 -32.09 -81.03 0.78
C LEU C 86 -33.23 -81.82 0.18
N THR C 87 -34.31 -81.13 -0.19
CA THR C 87 -35.42 -81.76 -0.89
C THR C 87 -34.97 -82.22 -2.27
N SER C 88 -35.77 -83.10 -2.88
CA SER C 88 -35.48 -83.55 -4.24
C SER C 88 -35.42 -82.37 -5.20
N GLU C 89 -36.33 -81.41 -5.05
CA GLU C 89 -36.31 -80.25 -5.93
C GLU C 89 -35.12 -79.33 -5.65
N ASP C 90 -34.53 -79.43 -4.45
CA ASP C 90 -33.35 -78.63 -4.15
C ASP C 90 -32.17 -78.99 -5.05
N SER C 91 -32.21 -80.14 -5.71
CA SER C 91 -31.18 -80.49 -6.67
C SER C 91 -31.16 -79.46 -7.79
N ALA C 92 -30.12 -78.63 -7.84
CA ALA C 92 -30.05 -77.52 -8.78
C ALA C 92 -28.63 -76.98 -8.77
N VAL C 93 -28.36 -76.08 -9.69
CA VAL C 93 -27.08 -75.39 -9.74
C VAL C 93 -27.16 -74.17 -8.82
N TYR C 94 -26.07 -73.89 -8.13
CA TYR C 94 -25.99 -72.73 -7.25
C TYR C 94 -24.79 -71.89 -7.66
N PHE C 95 -25.05 -70.63 -8.00
CA PHE C 95 -24.01 -69.72 -8.44
C PHE C 95 -23.64 -68.77 -7.31
N CYS C 96 -22.35 -68.59 -7.11
CA CYS C 96 -21.83 -67.58 -6.20
C CYS C 96 -21.33 -66.41 -7.02
N ALA C 97 -21.76 -65.20 -6.67
CA ALA C 97 -21.50 -64.03 -7.48
C ALA C 97 -21.13 -62.86 -6.58
N THR C 98 -20.52 -61.84 -7.18
CA THR C 98 -20.05 -60.68 -6.44
C THR C 98 -20.08 -59.48 -7.38
N TYR C 99 -19.60 -58.34 -6.89
CA TYR C 99 -19.57 -57.09 -7.62
C TYR C 99 -18.14 -56.81 -8.08
N GLY C 100 -17.93 -55.70 -8.77
CA GLY C 100 -16.56 -55.27 -9.01
C GLY C 100 -16.20 -54.58 -10.30
N SER C 101 -17.01 -54.69 -11.35
CA SER C 101 -16.68 -54.04 -12.62
C SER C 101 -17.73 -53.00 -13.01
N SER C 102 -19.01 -53.36 -13.00
CA SER C 102 -20.04 -52.38 -13.30
C SER C 102 -20.06 -51.30 -12.22
N ARG C 103 -20.44 -50.08 -12.61
CA ARG C 103 -20.29 -48.94 -11.73
C ARG C 103 -21.12 -49.12 -10.46
N TYR C 104 -22.35 -49.61 -10.60
CA TYR C 104 -23.18 -49.88 -9.45
C TYR C 104 -23.00 -51.31 -8.99
N TYR C 105 -23.39 -51.58 -7.74
CA TYR C 105 -23.23 -52.91 -7.16
C TYR C 105 -24.18 -53.86 -7.86
N THR C 106 -23.65 -54.63 -8.80
CA THR C 106 -24.42 -55.63 -9.52
C THR C 106 -23.60 -56.91 -9.62
N MET C 107 -24.30 -58.02 -9.81
CA MET C 107 -23.66 -59.33 -9.84
C MET C 107 -22.98 -59.59 -11.17
N ASP C 108 -21.78 -59.03 -11.38
CA ASP C 108 -21.10 -59.11 -12.66
C ASP C 108 -19.85 -59.99 -12.63
N TYR C 109 -19.63 -60.75 -11.56
CA TYR C 109 -18.58 -61.75 -11.52
C TYR C 109 -19.17 -63.02 -10.96
N TRP C 110 -18.87 -64.14 -11.61
CA TRP C 110 -19.59 -65.37 -11.31
C TRP C 110 -18.61 -66.54 -11.26
N GLY C 111 -19.00 -67.57 -10.51
CA GLY C 111 -18.27 -68.82 -10.48
C GLY C 111 -18.74 -69.76 -11.58
N GLN C 112 -18.02 -70.88 -11.69
CA GLN C 112 -18.39 -71.88 -12.68
C GLN C 112 -19.69 -72.59 -12.31
N GLY C 113 -20.15 -72.44 -11.07
CA GLY C 113 -21.38 -73.08 -10.65
C GLY C 113 -21.15 -74.42 -9.99
N THR C 114 -22.17 -74.91 -9.29
CA THR C 114 -22.09 -76.20 -8.61
C THR C 114 -23.44 -76.88 -8.68
N SER C 115 -23.47 -78.04 -9.32
CA SER C 115 -24.71 -78.80 -9.51
C SER C 115 -24.85 -79.82 -8.40
N VAL C 116 -25.73 -79.54 -7.45
CA VAL C 116 -26.01 -80.43 -6.34
C VAL C 116 -27.18 -81.32 -6.73
N THR C 117 -27.06 -82.61 -6.45
CA THR C 117 -28.10 -83.58 -6.76
C THR C 117 -28.39 -84.42 -5.52
N VAL C 118 -29.67 -84.73 -5.30
CA VAL C 118 -30.07 -85.65 -4.25
C VAL C 118 -30.89 -86.77 -4.89
N SER C 119 -30.49 -88.01 -4.62
CA SER C 119 -31.15 -89.19 -5.16
C SER C 119 -30.72 -90.40 -4.32
N SER C 120 -31.08 -91.59 -4.79
CA SER C 120 -30.75 -92.81 -4.05
C SER C 120 -30.03 -93.87 -4.89
N ASP D 1 -43.20 -50.54 -30.87
CA ASP D 1 -43.39 -49.10 -31.03
C ASP D 1 -44.26 -48.53 -29.92
N ILE D 2 -44.24 -47.21 -29.76
CA ILE D 2 -45.11 -46.59 -28.78
C ILE D 2 -46.52 -46.49 -29.35
N VAL D 3 -47.45 -47.16 -28.67
CA VAL D 3 -48.86 -47.16 -29.07
C VAL D 3 -49.61 -46.21 -28.16
N LEU D 4 -50.52 -45.44 -28.73
CA LEU D 4 -51.23 -44.41 -28.00
C LEU D 4 -52.72 -44.73 -28.04
N THR D 5 -53.35 -44.74 -26.88
CA THR D 5 -54.78 -44.99 -26.78
C THR D 5 -55.45 -43.85 -26.02
N GLN D 6 -56.66 -43.53 -26.45
CA GLN D 6 -57.44 -42.45 -25.85
C GLN D 6 -58.77 -43.04 -25.40
N SER D 7 -59.06 -42.96 -24.11
CA SER D 7 -60.26 -43.61 -23.58
C SER D 7 -61.54 -43.15 -24.27
N PRO D 8 -61.78 -41.86 -24.56
CA PRO D 8 -62.91 -41.53 -25.42
C PRO D 8 -62.53 -41.62 -26.90
N THR D 9 -63.02 -42.64 -27.60
CA THR D 9 -62.91 -42.62 -29.05
C THR D 9 -63.78 -41.52 -29.64
N SER D 10 -64.93 -41.25 -29.03
CA SER D 10 -65.70 -40.04 -29.28
C SER D 10 -66.31 -39.63 -27.94
N LEU D 11 -66.59 -38.34 -27.81
CA LEU D 11 -67.09 -37.82 -26.54
C LEU D 11 -67.95 -36.59 -26.82
N ALA D 12 -69.27 -36.77 -26.82
CA ALA D 12 -70.17 -35.63 -26.93
C ALA D 12 -70.23 -34.88 -25.60
N VAL D 13 -70.09 -33.56 -25.68
CA VAL D 13 -70.03 -32.71 -24.50
C VAL D 13 -70.85 -31.45 -24.76
N SER D 14 -71.56 -30.98 -23.74
CA SER D 14 -72.30 -29.74 -23.83
C SER D 14 -71.38 -28.55 -23.57
N LEU D 15 -71.86 -27.37 -23.91
CA LEU D 15 -71.02 -26.18 -23.78
C LEU D 15 -70.90 -25.75 -22.32
N GLY D 16 -69.71 -25.27 -21.96
CA GLY D 16 -69.52 -24.56 -20.71
C GLY D 16 -68.94 -25.35 -19.56
N GLN D 17 -69.01 -26.67 -19.59
CA GLN D 17 -68.51 -27.44 -18.47
C GLN D 17 -67.16 -28.08 -18.78
N ARG D 18 -66.69 -28.88 -17.84
CA ARG D 18 -65.44 -29.60 -17.99
C ARG D 18 -65.48 -30.54 -19.19
N ALA D 19 -64.36 -30.63 -19.89
CA ALA D 19 -64.16 -31.60 -20.95
C ALA D 19 -62.84 -32.30 -20.70
N THR D 20 -62.86 -33.62 -20.67
CA THR D 20 -61.69 -34.40 -20.27
C THR D 20 -61.55 -35.62 -21.18
N ILE D 21 -60.31 -35.84 -21.64
CA ILE D 21 -59.95 -37.05 -22.35
C ILE D 21 -58.66 -37.57 -21.75
N SER D 22 -58.26 -38.78 -22.13
CA SER D 22 -57.06 -39.39 -21.59
C SER D 22 -56.24 -39.98 -22.72
N CYS D 23 -54.94 -40.13 -22.48
CA CYS D 23 -54.02 -40.69 -23.45
C CYS D 23 -53.04 -41.63 -22.74
N ARG D 24 -52.94 -42.85 -23.28
CA ARG D 24 -52.07 -43.86 -22.70
C ARG D 24 -50.94 -44.17 -23.67
N ALA D 25 -49.73 -44.30 -23.14
CA ALA D 25 -48.54 -44.40 -23.98
C ALA D 25 -47.94 -45.80 -23.87
N SER D 26 -48.54 -46.63 -23.03
CA SER D 26 -48.16 -48.03 -22.88
C SER D 26 -46.76 -48.20 -22.31
N GLU D 27 -46.03 -47.09 -22.10
CA GLU D 27 -44.74 -47.09 -21.42
C GLU D 27 -44.27 -45.65 -21.26
N SER D 28 -43.11 -45.50 -20.63
CA SER D 28 -42.55 -44.18 -20.36
C SER D 28 -42.26 -43.43 -21.66
N VAL D 29 -42.56 -42.13 -21.67
CA VAL D 29 -42.27 -41.27 -22.81
C VAL D 29 -41.56 -40.03 -22.27
N ASP D 30 -41.13 -40.12 -21.01
CA ASP D 30 -40.51 -39.01 -20.31
C ASP D 30 -39.01 -39.09 -20.49
N ASN D 31 -38.41 -38.00 -20.98
CA ASN D 31 -36.96 -37.89 -21.06
C ASN D 31 -36.54 -36.53 -20.54
N PHE D 32 -35.36 -36.50 -19.91
CA PHE D 32 -34.81 -35.28 -19.33
C PHE D 32 -35.79 -34.61 -18.37
N GLY D 33 -36.61 -35.43 -17.70
CA GLY D 33 -37.68 -34.90 -16.89
C GLY D 33 -38.80 -34.25 -17.66
N ILE D 34 -38.82 -34.39 -18.98
CA ILE D 34 -39.83 -33.79 -19.84
C ILE D 34 -40.63 -34.90 -20.48
N SER D 35 -41.96 -34.79 -20.40
CA SER D 35 -42.85 -35.77 -21.02
C SER D 35 -43.09 -35.33 -22.45
N PHE D 36 -42.42 -35.98 -23.40
CA PHE D 36 -42.53 -35.57 -24.79
C PHE D 36 -43.86 -36.01 -25.36
N MET D 37 -44.94 -35.49 -24.80
CA MET D 37 -46.30 -35.74 -25.25
C MET D 37 -46.85 -34.46 -25.85
N ASN D 38 -47.46 -34.58 -27.02
CA ASN D 38 -47.97 -33.41 -27.70
C ASN D 38 -49.41 -33.66 -28.10
N TRP D 39 -50.24 -32.62 -28.01
CA TRP D 39 -51.67 -32.72 -28.26
C TRP D 39 -52.03 -31.88 -29.47
N PHE D 40 -52.76 -32.48 -30.41
CA PHE D 40 -53.18 -31.81 -31.62
C PHE D 40 -54.70 -31.76 -31.70
N GLN D 41 -55.21 -30.65 -32.21
CA GLN D 41 -56.61 -30.52 -32.60
C GLN D 41 -56.67 -30.26 -34.10
N GLN D 42 -57.52 -31.01 -34.79
CA GLN D 42 -57.66 -30.88 -36.24
C GLN D 42 -59.13 -30.65 -36.57
N LYS D 43 -59.50 -29.40 -36.78
CA LYS D 43 -60.77 -29.10 -37.40
C LYS D 43 -60.82 -29.79 -38.76
N PRO D 44 -61.94 -30.43 -39.11
CA PRO D 44 -61.98 -31.19 -40.37
C PRO D 44 -61.69 -30.29 -41.56
N GLY D 45 -60.89 -30.81 -42.48
CA GLY D 45 -60.57 -30.13 -43.71
C GLY D 45 -59.40 -29.18 -43.68
N GLN D 46 -58.83 -28.90 -42.50
CA GLN D 46 -57.67 -28.03 -42.42
C GLN D 46 -56.64 -28.66 -41.51
N PRO D 47 -55.36 -28.32 -41.69
CA PRO D 47 -54.28 -29.06 -41.03
C PRO D 47 -54.36 -28.96 -39.51
N PRO D 48 -53.86 -29.97 -38.80
CA PRO D 48 -53.88 -29.93 -37.33
C PRO D 48 -53.03 -28.81 -36.79
N LYS D 49 -53.36 -28.40 -35.57
CA LYS D 49 -52.66 -27.32 -34.89
C LYS D 49 -52.14 -27.85 -33.56
N LEU D 50 -50.97 -27.35 -33.15
CA LEU D 50 -50.44 -27.68 -31.84
C LEU D 50 -51.29 -27.05 -30.75
N LEU D 51 -51.58 -27.82 -29.71
CA LEU D 51 -52.28 -27.32 -28.54
C LEU D 51 -51.39 -27.32 -27.30
N ILE D 52 -50.82 -28.47 -26.96
CA ILE D 52 -49.96 -28.61 -25.80
C ILE D 52 -48.73 -29.42 -26.19
N TYR D 53 -47.56 -28.88 -25.88
CA TYR D 53 -46.32 -29.59 -26.08
C TYR D 53 -45.67 -29.84 -24.73
N ALA D 54 -44.87 -30.90 -24.65
CA ALA D 54 -44.24 -31.36 -23.42
C ALA D 54 -45.28 -31.73 -22.37
N ALA D 55 -46.50 -32.01 -22.79
CA ALA D 55 -47.64 -32.51 -22.01
C ALA D 55 -48.16 -31.48 -21.00
N SER D 56 -47.52 -30.33 -20.85
CA SER D 56 -48.02 -29.32 -19.93
C SER D 56 -47.95 -27.89 -20.46
N ASN D 57 -47.22 -27.62 -21.52
CA ASN D 57 -47.00 -26.26 -21.99
C ASN D 57 -48.02 -25.91 -23.06
N LEU D 58 -48.71 -24.78 -22.86
CA LEU D 58 -49.75 -24.36 -23.79
C LEU D 58 -49.11 -23.93 -25.10
N GLY D 59 -49.63 -24.45 -26.21
CA GLY D 59 -49.16 -24.00 -27.51
C GLY D 59 -49.49 -22.53 -27.74
N SER D 60 -48.63 -21.87 -28.50
CA SER D 60 -48.81 -20.45 -28.75
C SER D 60 -50.06 -20.20 -29.58
N GLY D 61 -50.69 -19.06 -29.35
CA GLY D 61 -51.94 -18.75 -30.04
C GLY D 61 -53.07 -19.69 -29.67
N VAL D 62 -53.15 -20.08 -28.39
CA VAL D 62 -54.18 -20.99 -27.92
C VAL D 62 -54.78 -20.44 -26.64
N PRO D 63 -56.10 -20.42 -26.49
CA PRO D 63 -56.70 -19.94 -25.24
C PRO D 63 -56.35 -20.85 -24.08
N ALA D 64 -56.30 -20.26 -22.88
CA ALA D 64 -55.91 -21.00 -21.69
C ALA D 64 -56.96 -22.02 -21.26
N ARG D 65 -58.15 -22.01 -21.87
CA ARG D 65 -59.15 -23.02 -21.56
C ARG D 65 -58.62 -24.43 -21.82
N PHE D 66 -57.76 -24.59 -22.81
CA PHE D 66 -57.03 -25.84 -22.96
C PHE D 66 -56.04 -26.02 -21.82
N SER D 67 -55.95 -27.24 -21.33
CA SER D 67 -55.05 -27.57 -20.23
C SER D 67 -54.70 -29.04 -20.31
N GLY D 68 -53.41 -29.36 -20.14
CA GLY D 68 -52.97 -30.73 -20.26
C GLY D 68 -52.27 -31.24 -19.02
N SER D 69 -52.30 -32.55 -18.82
CA SER D 69 -51.69 -33.16 -17.65
C SER D 69 -51.33 -34.59 -17.98
N GLY D 70 -50.40 -35.13 -17.18
CA GLY D 70 -50.00 -36.51 -17.34
C GLY D 70 -48.50 -36.70 -17.32
N SER D 71 -48.06 -37.92 -17.01
CA SER D 71 -46.65 -38.27 -17.00
C SER D 71 -46.54 -39.79 -16.97
N GLY D 72 -45.41 -40.30 -17.44
CA GLY D 72 -45.22 -41.73 -17.51
C GLY D 72 -45.85 -42.31 -18.76
N THR D 73 -47.01 -42.97 -18.60
CA THR D 73 -47.78 -43.45 -19.73
C THR D 73 -49.16 -42.84 -19.84
N ASP D 74 -49.72 -42.32 -18.75
CA ASP D 74 -51.05 -41.74 -18.74
C ASP D 74 -50.95 -40.24 -18.94
N PHE D 75 -51.72 -39.72 -19.90
CA PHE D 75 -51.77 -38.29 -20.15
C PHE D 75 -53.21 -37.89 -20.42
N SER D 76 -53.56 -36.68 -19.99
CA SER D 76 -54.94 -36.24 -20.07
C SER D 76 -55.01 -34.83 -20.62
N LEU D 77 -56.12 -34.52 -21.28
CA LEU D 77 -56.39 -33.19 -21.82
C LEU D 77 -57.64 -32.65 -21.14
N ASN D 78 -57.52 -31.47 -20.56
CA ASN D 78 -58.62 -30.84 -19.84
C ASN D 78 -59.00 -29.53 -20.50
N ILE D 79 -60.31 -29.33 -20.70
CA ILE D 79 -60.84 -28.13 -21.33
C ILE D 79 -61.95 -27.57 -20.45
N HIS D 80 -61.89 -26.27 -20.17
CA HIS D 80 -62.97 -25.59 -19.46
C HIS D 80 -62.88 -24.08 -19.65
N PRO D 81 -63.96 -23.43 -20.06
CA PRO D 81 -65.17 -24.14 -20.51
C PRO D 81 -64.99 -24.61 -21.95
N MET D 82 -65.80 -25.56 -22.39
CA MET D 82 -65.73 -26.03 -23.77
C MET D 82 -66.71 -25.24 -24.63
N GLU D 83 -66.23 -24.77 -25.77
CA GLU D 83 -67.04 -23.94 -26.65
C GLU D 83 -67.17 -24.61 -28.01
N ASP D 84 -67.90 -23.96 -28.90
CA ASP D 84 -68.12 -24.51 -30.24
C ASP D 84 -66.79 -24.66 -30.96
N ASP D 85 -65.79 -23.85 -30.60
CA ASP D 85 -64.48 -23.94 -31.24
C ASP D 85 -63.79 -25.27 -30.95
N ASP D 86 -64.26 -26.02 -29.96
CA ASP D 86 -63.65 -27.30 -29.62
C ASP D 86 -64.31 -28.48 -30.30
N THR D 87 -65.37 -28.25 -31.09
CA THR D 87 -66.05 -29.33 -31.79
C THR D 87 -65.18 -29.76 -32.97
N ALA D 88 -64.13 -30.54 -32.64
CA ALA D 88 -63.10 -30.88 -33.60
C ALA D 88 -62.62 -32.29 -33.35
N MET D 89 -61.51 -32.65 -33.99
CA MET D 89 -60.88 -33.94 -33.86
C MET D 89 -59.53 -33.77 -33.19
N TYR D 90 -59.24 -34.60 -32.19
CA TYR D 90 -58.09 -34.38 -31.32
C TYR D 90 -57.16 -35.57 -31.31
N PHE D 91 -55.86 -35.29 -31.34
CA PHE D 91 -54.81 -36.31 -31.37
C PHE D 91 -53.78 -36.03 -30.29
N CYS D 92 -53.50 -37.03 -29.48
CA CYS D 92 -52.36 -37.03 -28.58
C CYS D 92 -51.24 -37.86 -29.21
N GLN D 93 -50.02 -37.32 -29.22
CA GLN D 93 -48.94 -38.05 -29.85
C GLN D 93 -47.63 -37.74 -29.13
N GLN D 94 -46.67 -38.64 -29.30
CA GLN D 94 -45.41 -38.59 -28.59
C GLN D 94 -44.27 -38.34 -29.57
N SER D 95 -43.17 -37.80 -29.03
CA SER D 95 -41.99 -37.51 -29.82
C SER D 95 -40.75 -37.99 -29.10
N LYS D 96 -40.79 -39.21 -28.57
CA LYS D 96 -39.66 -39.76 -27.84
C LYS D 96 -38.68 -40.53 -28.73
N GLU D 97 -39.17 -41.53 -29.46
CA GLU D 97 -38.30 -42.36 -30.29
C GLU D 97 -38.60 -42.10 -31.75
N VAL D 98 -37.72 -42.60 -32.62
CA VAL D 98 -37.74 -42.18 -34.03
C VAL D 98 -39.05 -42.47 -34.74
N PRO D 99 -39.68 -43.65 -34.63
CA PRO D 99 -40.95 -43.82 -35.34
C PRO D 99 -42.10 -43.23 -34.54
N LEU D 100 -42.03 -41.92 -34.26
CA LEU D 100 -43.02 -41.28 -33.42
C LEU D 100 -44.42 -41.45 -34.02
N THR D 101 -45.38 -41.78 -33.16
CA THR D 101 -46.69 -42.19 -33.59
C THR D 101 -47.73 -41.20 -33.10
N PHE D 102 -48.99 -41.53 -33.32
CA PHE D 102 -50.10 -40.66 -32.98
C PHE D 102 -51.19 -41.46 -32.28
N GLY D 103 -52.02 -40.74 -31.52
CA GLY D 103 -53.13 -41.39 -30.87
C GLY D 103 -54.21 -41.82 -31.84
N ALA D 104 -55.06 -42.74 -31.38
CA ALA D 104 -56.18 -43.17 -32.20
C ALA D 104 -57.10 -42.01 -32.53
N GLY D 105 -57.34 -41.12 -31.56
CA GLY D 105 -58.13 -39.94 -31.81
C GLY D 105 -59.38 -39.83 -30.98
N THR D 106 -59.71 -38.61 -30.58
CA THR D 106 -60.91 -38.32 -29.81
C THR D 106 -61.76 -37.31 -30.57
N LYS D 107 -63.07 -37.54 -30.58
CA LYS D 107 -64.02 -36.65 -31.23
C LYS D 107 -64.87 -35.99 -30.15
N LEU D 108 -64.93 -34.65 -30.19
CA LEU D 108 -65.74 -33.87 -29.27
C LEU D 108 -66.86 -33.19 -30.04
N GLU D 109 -68.10 -33.43 -29.60
CA GLU D 109 -69.27 -32.84 -30.23
C GLU D 109 -70.27 -32.47 -29.15
N LEU D 110 -71.45 -32.03 -29.57
CA LEU D 110 -72.50 -31.61 -28.66
C LEU D 110 -73.45 -32.76 -28.37
N LYS D 111 -73.99 -32.78 -27.15
CA LYS D 111 -75.00 -33.76 -26.76
C LYS D 111 -76.37 -33.24 -27.19
N ASP E 1 -61.55 -37.60 -12.14
CA ASP E 1 -60.98 -37.41 -10.81
C ASP E 1 -59.97 -38.51 -10.50
N ILE E 2 -59.14 -38.27 -9.49
CA ILE E 2 -58.20 -39.30 -9.07
C ILE E 2 -58.94 -40.33 -8.22
N VAL E 3 -58.96 -41.57 -8.72
CA VAL E 3 -59.59 -42.67 -8.02
C VAL E 3 -58.51 -43.51 -7.35
N LEU E 4 -58.78 -43.94 -6.13
CA LEU E 4 -57.80 -44.66 -5.33
C LEU E 4 -58.34 -46.05 -5.02
N THR E 5 -57.54 -47.06 -5.29
CA THR E 5 -57.91 -48.44 -5.02
C THR E 5 -56.85 -49.09 -4.16
N GLN E 6 -57.30 -49.95 -3.25
CA GLN E 6 -56.41 -50.66 -2.33
C GLN E 6 -56.66 -52.15 -2.51
N SER E 7 -55.62 -52.89 -2.89
CA SER E 7 -55.81 -54.30 -3.20
C SER E 7 -56.42 -55.10 -2.06
N PRO E 8 -56.03 -54.94 -0.78
CA PRO E 8 -56.83 -55.55 0.27
C PRO E 8 -57.99 -54.67 0.69
N THR E 9 -59.21 -55.06 0.34
CA THR E 9 -60.37 -54.40 0.93
C THR E 9 -60.47 -54.72 2.42
N SER E 10 -60.08 -55.94 2.80
CA SER E 10 -59.83 -56.29 4.18
C SER E 10 -58.65 -57.26 4.19
N LEU E 11 -57.92 -57.29 5.30
CA LEU E 11 -56.73 -58.12 5.37
C LEU E 11 -56.50 -58.53 6.82
N ALA E 12 -56.90 -59.75 7.16
CA ALA E 12 -56.60 -60.29 8.49
C ALA E 12 -55.12 -60.70 8.56
N VAL E 13 -54.46 -60.26 9.63
CA VAL E 13 -53.04 -60.48 9.81
C VAL E 13 -52.78 -60.86 11.26
N SER E 14 -51.85 -61.79 11.48
CA SER E 14 -51.44 -62.17 12.82
C SER E 14 -50.39 -61.19 13.33
N LEU E 15 -50.15 -61.25 14.64
CA LEU E 15 -49.23 -60.30 15.26
C LEU E 15 -47.78 -60.66 14.94
N GLY E 16 -46.96 -59.62 14.73
CA GLY E 16 -45.53 -59.77 14.73
C GLY E 16 -44.86 -59.86 13.36
N GLN E 17 -45.60 -60.18 12.31
CA GLN E 17 -44.97 -60.32 11.01
C GLN E 17 -45.25 -59.12 10.12
N ARG E 18 -44.81 -59.23 8.87
CA ARG E 18 -45.02 -58.19 7.88
C ARG E 18 -46.51 -57.97 7.64
N ALA E 19 -46.87 -56.71 7.45
CA ALA E 19 -48.22 -56.32 7.03
C ALA E 19 -48.08 -55.38 5.85
N THR E 20 -48.75 -55.69 4.75
CA THR E 20 -48.57 -54.95 3.51
C THR E 20 -49.92 -54.73 2.84
N ILE E 21 -50.13 -53.49 2.39
CA ILE E 21 -51.28 -53.14 1.57
C ILE E 21 -50.76 -52.31 0.39
N SER E 22 -51.62 -52.05 -0.58
CA SER E 22 -51.23 -51.30 -1.77
C SER E 22 -52.29 -50.26 -2.08
N CYS E 23 -51.86 -49.22 -2.78
CA CYS E 23 -52.74 -48.12 -3.18
C CYS E 23 -52.44 -47.72 -4.60
N ARG E 24 -53.49 -47.67 -5.42
CA ARG E 24 -53.36 -47.32 -6.83
C ARG E 24 -54.06 -46.00 -7.08
N ALA E 25 -53.43 -45.14 -7.87
CA ALA E 25 -53.89 -43.76 -8.04
C ALA E 25 -54.41 -43.55 -9.46
N SER E 26 -54.29 -44.60 -10.28
CA SER E 26 -54.81 -44.60 -11.65
C SER E 26 -54.11 -43.59 -12.55
N GLU E 27 -53.20 -42.79 -11.99
CA GLU E 27 -52.35 -41.88 -12.76
C GLU E 27 -51.36 -41.23 -11.81
N SER E 28 -50.50 -40.39 -12.40
CA SER E 28 -49.46 -39.71 -11.62
C SER E 28 -50.06 -38.80 -10.56
N VAL E 29 -49.46 -38.80 -9.38
CA VAL E 29 -49.87 -37.93 -8.29
C VAL E 29 -48.61 -37.23 -7.77
N ASP E 30 -47.54 -37.33 -8.53
CA ASP E 30 -46.23 -36.81 -8.14
C ASP E 30 -46.08 -35.41 -8.70
N ASN E 31 -45.78 -34.46 -7.81
CA ASN E 31 -45.46 -33.10 -8.23
C ASN E 31 -44.22 -32.64 -7.48
N PHE E 32 -43.42 -31.81 -8.15
CA PHE E 32 -42.17 -31.28 -7.60
C PHE E 32 -41.27 -32.40 -7.10
N GLY E 33 -41.33 -33.56 -7.75
CA GLY E 33 -40.63 -34.72 -7.27
C GLY E 33 -41.17 -35.30 -5.98
N ILE E 34 -42.33 -34.84 -5.53
CA ILE E 34 -42.94 -35.30 -4.29
C ILE E 34 -44.24 -36.01 -4.64
N SER E 35 -44.41 -37.20 -4.09
CA SER E 35 -45.63 -37.97 -4.30
C SER E 35 -46.63 -37.55 -3.23
N PHE E 36 -47.60 -36.72 -3.62
CA PHE E 36 -48.56 -36.21 -2.65
C PHE E 36 -49.56 -37.28 -2.27
N MET E 37 -49.06 -38.36 -1.68
CA MET E 37 -49.86 -39.46 -1.19
C MET E 37 -49.81 -39.46 0.33
N ASN E 38 -50.97 -39.59 0.95
CA ASN E 38 -51.03 -39.54 2.40
C ASN E 38 -51.82 -40.75 2.90
N TRP E 39 -51.38 -41.31 4.02
CA TRP E 39 -51.96 -42.52 4.58
C TRP E 39 -52.59 -42.22 5.92
N PHE E 40 -53.84 -42.63 6.10
CA PHE E 40 -54.58 -42.40 7.33
C PHE E 40 -54.97 -43.73 7.97
N GLN E 41 -54.92 -43.77 9.29
CA GLN E 41 -55.49 -44.85 10.08
C GLN E 41 -56.58 -44.28 10.95
N GLN E 42 -57.74 -44.94 10.95
CA GLN E 42 -58.89 -44.49 11.72
C GLN E 42 -59.38 -45.63 12.60
N LYS E 43 -58.97 -45.62 13.86
CA LYS E 43 -59.62 -46.47 14.84
C LYS E 43 -61.10 -46.14 14.88
N PRO E 44 -61.98 -47.14 14.91
CA PRO E 44 -63.41 -46.85 14.84
C PRO E 44 -63.86 -45.96 15.98
N GLY E 45 -64.71 -44.98 15.64
CA GLY E 45 -65.28 -44.09 16.62
C GLY E 45 -64.48 -42.85 16.94
N GLN E 46 -63.26 -42.73 16.47
CA GLN E 46 -62.45 -41.54 16.72
C GLN E 46 -61.82 -41.08 15.43
N PRO E 47 -61.49 -39.80 15.30
CA PRO E 47 -61.10 -39.23 14.02
C PRO E 47 -59.82 -39.86 13.48
N PRO E 48 -59.65 -39.88 12.16
CA PRO E 48 -58.44 -40.46 11.57
C PRO E 48 -57.20 -39.67 11.96
N LYS E 49 -56.06 -40.34 11.88
CA LYS E 49 -54.79 -39.75 12.23
C LYS E 49 -53.85 -39.90 11.04
N LEU E 50 -52.99 -38.90 10.84
CA LEU E 50 -51.97 -39.00 9.81
C LEU E 50 -50.94 -40.05 10.18
N LEU E 51 -50.56 -40.87 9.20
CA LEU E 51 -49.49 -41.84 9.37
C LEU E 51 -48.27 -41.51 8.52
N ILE E 52 -48.47 -41.37 7.21
CA ILE E 52 -47.39 -41.06 6.28
C ILE E 52 -47.87 -39.98 5.32
N TYR E 53 -47.07 -38.93 5.21
CA TYR E 53 -47.32 -37.88 4.24
C TYR E 53 -46.19 -37.86 3.22
N ALA E 54 -46.52 -37.39 2.02
CA ALA E 54 -45.60 -37.40 0.87
C ALA E 54 -45.16 -38.81 0.50
N ALA E 55 -45.94 -39.81 0.91
CA ALA E 55 -45.82 -41.23 0.59
C ALA E 55 -44.58 -41.87 1.20
N SER E 56 -43.69 -41.11 1.85
CA SER E 56 -42.53 -41.71 2.48
C SER E 56 -42.18 -41.15 3.85
N ASN E 57 -42.75 -40.02 4.25
CA ASN E 57 -42.37 -39.36 5.49
C ASN E 57 -43.29 -39.80 6.62
N LEU E 58 -42.69 -40.27 7.72
CA LEU E 58 -43.47 -40.76 8.85
C LEU E 58 -44.17 -39.59 9.53
N GLY E 59 -45.48 -39.74 9.77
CA GLY E 59 -46.19 -38.74 10.52
C GLY E 59 -45.68 -38.63 11.94
N SER E 60 -45.76 -37.43 12.50
CA SER E 60 -45.26 -37.21 13.84
C SER E 60 -46.11 -37.97 14.87
N GLY E 61 -45.45 -38.39 15.95
CA GLY E 61 -46.13 -39.19 16.96
C GLY E 61 -46.57 -40.53 16.44
N VAL E 62 -45.77 -41.17 15.60
CA VAL E 62 -46.08 -42.48 15.04
C VAL E 62 -44.87 -43.39 15.16
N PRO E 63 -45.05 -44.63 15.62
CA PRO E 63 -43.91 -45.54 15.70
C PRO E 63 -43.35 -45.86 14.31
N ALA E 64 -42.05 -46.15 14.28
CA ALA E 64 -41.37 -46.42 13.01
C ALA E 64 -41.79 -47.73 12.38
N ARG E 65 -42.56 -48.56 13.09
CA ARG E 65 -43.06 -49.80 12.50
C ARG E 65 -43.89 -49.52 11.25
N PHE E 66 -44.59 -48.39 11.22
CA PHE E 66 -45.22 -47.94 9.99
C PHE E 66 -44.15 -47.52 8.98
N SER E 67 -44.37 -47.89 7.72
CA SER E 67 -43.43 -47.55 6.66
C SER E 67 -44.19 -47.53 5.34
N GLY E 68 -43.93 -46.49 4.54
CA GLY E 68 -44.65 -46.33 3.29
C GLY E 68 -43.74 -46.28 2.08
N SER E 69 -44.28 -46.66 0.92
CA SER E 69 -43.50 -46.69 -0.30
C SER E 69 -44.44 -46.52 -1.48
N GLY E 70 -43.87 -46.11 -2.60
CA GLY E 70 -44.63 -45.98 -3.83
C GLY E 70 -44.37 -44.67 -4.54
N SER E 71 -44.67 -44.66 -5.85
CA SER E 71 -44.52 -43.46 -6.66
C SER E 71 -45.27 -43.69 -7.97
N GLY E 72 -45.68 -42.59 -8.61
CA GLY E 72 -46.44 -42.70 -9.83
C GLY E 72 -47.91 -42.91 -9.54
N THR E 73 -48.38 -44.14 -9.72
CA THR E 73 -49.75 -44.50 -9.36
C THR E 73 -49.82 -45.58 -8.29
N ASP E 74 -48.78 -46.39 -8.12
CA ASP E 74 -48.77 -47.48 -7.15
C ASP E 74 -48.12 -47.00 -5.86
N PHE E 75 -48.81 -47.21 -4.74
CA PHE E 75 -48.27 -46.86 -3.44
C PHE E 75 -48.61 -47.98 -2.46
N SER E 76 -47.71 -48.20 -1.51
CA SER E 76 -47.85 -49.33 -0.60
C SER E 76 -47.57 -48.88 0.82
N LEU E 77 -48.20 -49.56 1.77
CA LEU E 77 -48.01 -49.33 3.20
C LEU E 77 -47.44 -50.59 3.82
N ASN E 78 -46.32 -50.47 4.50
CA ASN E 78 -45.65 -51.62 5.12
C ASN E 78 -45.59 -51.42 6.63
N ILE E 79 -45.93 -52.49 7.35
CA ILE E 79 -45.94 -52.47 8.81
C ILE E 79 -45.18 -53.70 9.31
N HIS E 80 -44.24 -53.47 10.23
CA HIS E 80 -43.56 -54.57 10.90
C HIS E 80 -42.89 -54.10 12.18
N PRO E 81 -43.14 -54.79 13.31
CA PRO E 81 -44.16 -55.84 13.36
C PRO E 81 -45.54 -55.24 13.52
N MET E 82 -46.59 -56.00 13.23
CA MET E 82 -47.94 -55.50 13.40
C MET E 82 -48.45 -55.90 14.78
N GLU E 83 -49.04 -54.93 15.48
CA GLU E 83 -49.50 -55.14 16.84
C GLU E 83 -51.00 -54.88 16.92
N ASP E 84 -51.56 -55.07 18.11
CA ASP E 84 -52.99 -54.86 18.31
C ASP E 84 -53.36 -53.43 17.99
N ASP E 85 -52.41 -52.49 18.13
CA ASP E 85 -52.69 -51.09 17.85
C ASP E 85 -52.99 -50.86 16.38
N ASP E 86 -52.68 -51.82 15.51
CA ASP E 86 -52.94 -51.66 14.08
C ASP E 86 -54.28 -52.25 13.65
N THR E 87 -55.04 -52.84 14.56
CA THR E 87 -56.34 -53.42 14.23
C THR E 87 -57.32 -52.27 14.04
N ALA E 88 -57.22 -51.62 12.88
CA ALA E 88 -57.95 -50.39 12.62
C ALA E 88 -58.39 -50.34 11.16
N MET E 89 -58.84 -49.18 10.74
CA MET E 89 -59.29 -48.93 9.38
C MET E 89 -58.34 -47.93 8.74
N TYR E 90 -57.89 -48.22 7.52
CA TYR E 90 -56.80 -47.48 6.91
C TYR E 90 -57.22 -46.89 5.57
N PHE E 91 -56.80 -45.65 5.33
CA PHE E 91 -57.13 -44.91 4.11
C PHE E 91 -55.85 -44.33 3.51
N CYS E 92 -55.65 -44.60 2.22
CA CYS E 92 -54.64 -43.91 1.42
C CYS E 92 -55.34 -42.85 0.59
N GLN E 93 -54.79 -41.63 0.59
CA GLN E 93 -55.45 -40.56 -0.16
C GLN E 93 -54.40 -39.59 -0.68
N GLN E 94 -54.80 -38.85 -1.71
CA GLN E 94 -53.91 -37.97 -2.45
C GLN E 94 -54.32 -36.53 -2.25
N SER E 95 -53.35 -35.63 -2.44
CA SER E 95 -53.57 -34.20 -2.30
C SER E 95 -52.96 -33.47 -3.47
N LYS E 96 -53.17 -33.96 -4.68
CA LYS E 96 -52.62 -33.32 -5.87
C LYS E 96 -53.53 -32.27 -6.48
N GLU E 97 -54.75 -32.63 -6.82
CA GLU E 97 -55.68 -31.72 -7.48
C GLU E 97 -56.81 -31.37 -6.52
N VAL E 98 -57.59 -30.35 -6.89
CA VAL E 98 -58.51 -29.73 -5.93
C VAL E 98 -59.56 -30.70 -5.38
N PRO E 99 -60.22 -31.57 -6.17
CA PRO E 99 -61.17 -32.48 -5.54
C PRO E 99 -60.48 -33.69 -4.96
N LEU E 100 -59.55 -33.46 -4.03
CA LEU E 100 -58.74 -34.55 -3.49
C LEU E 100 -59.64 -35.60 -2.86
N THR E 101 -59.32 -36.86 -3.13
CA THR E 101 -60.19 -37.98 -2.81
C THR E 101 -59.50 -38.88 -1.81
N PHE E 102 -60.14 -40.01 -1.52
CA PHE E 102 -59.66 -40.95 -0.53
C PHE E 102 -59.74 -42.37 -1.09
N GLY E 103 -58.94 -43.25 -0.52
CA GLY E 103 -58.99 -44.65 -0.92
C GLY E 103 -60.26 -45.33 -0.46
N ALA E 104 -60.55 -46.47 -1.09
CA ALA E 104 -61.71 -47.24 -0.68
C ALA E 104 -61.57 -47.71 0.76
N GLY E 105 -60.38 -48.11 1.16
CA GLY E 105 -60.14 -48.48 2.55
C GLY E 105 -59.68 -49.90 2.74
N THR E 106 -58.79 -50.10 3.71
CA THR E 106 -58.28 -51.41 4.06
C THR E 106 -58.55 -51.68 5.53
N LYS E 107 -58.98 -52.90 5.83
CA LYS E 107 -59.26 -53.33 7.19
C LYS E 107 -58.22 -54.36 7.60
N LEU E 108 -57.57 -54.12 8.73
CA LEU E 108 -56.59 -55.04 9.29
C LEU E 108 -57.11 -55.62 10.59
N GLU E 109 -57.15 -56.95 10.67
CA GLU E 109 -57.63 -57.64 11.86
C GLU E 109 -56.77 -58.88 12.08
N LEU E 110 -57.16 -59.69 13.05
CA LEU E 110 -56.42 -60.89 13.41
C LEU E 110 -57.00 -62.10 12.68
N LYS E 111 -56.14 -63.06 12.36
CA LYS E 111 -56.56 -64.32 11.76
C LYS E 111 -56.96 -65.27 12.87
N ASP F 1 -43.38 -58.81 -2.89
CA ASP F 1 -42.06 -58.75 -3.52
C ASP F 1 -42.17 -58.19 -4.93
N ILE F 2 -41.04 -57.77 -5.48
CA ILE F 2 -41.03 -57.30 -6.87
C ILE F 2 -41.05 -58.51 -7.81
N VAL F 3 -42.10 -58.59 -8.60
CA VAL F 3 -42.27 -59.67 -9.56
C VAL F 3 -41.93 -59.12 -10.94
N LEU F 4 -41.21 -59.92 -11.73
CA LEU F 4 -40.72 -59.48 -13.03
C LEU F 4 -41.32 -60.39 -14.10
N THR F 5 -41.91 -59.77 -15.12
CA THR F 5 -42.50 -60.51 -16.22
C THR F 5 -41.90 -60.02 -17.53
N GLN F 6 -41.70 -60.94 -18.46
CA GLN F 6 -41.15 -60.63 -19.77
C GLN F 6 -42.14 -61.11 -20.82
N SER F 7 -42.62 -60.19 -21.65
CA SER F 7 -43.66 -60.54 -22.61
C SER F 7 -43.28 -61.69 -23.54
N PRO F 8 -42.07 -61.78 -24.10
CA PRO F 8 -41.69 -63.03 -24.76
C PRO F 8 -41.13 -64.05 -23.78
N THR F 9 -41.90 -65.10 -23.49
CA THR F 9 -41.31 -66.23 -22.78
C THR F 9 -40.29 -66.94 -23.65
N SER F 10 -40.53 -66.99 -24.96
CA SER F 10 -39.53 -67.36 -25.94
C SER F 10 -39.78 -66.51 -27.17
N LEU F 11 -38.73 -66.27 -27.95
CA LEU F 11 -38.85 -65.40 -29.10
C LEU F 11 -37.84 -65.83 -30.15
N ALA F 12 -38.29 -66.57 -31.16
CA ALA F 12 -37.43 -66.91 -32.28
C ALA F 12 -37.25 -65.70 -33.19
N VAL F 13 -36.01 -65.41 -33.55
CA VAL F 13 -35.67 -64.25 -34.34
C VAL F 13 -34.63 -64.63 -35.38
N SER F 14 -34.74 -64.08 -36.58
CA SER F 14 -33.76 -64.29 -37.61
C SER F 14 -32.59 -63.33 -37.44
N LEU F 15 -31.49 -63.61 -38.13
CA LEU F 15 -30.29 -62.82 -37.97
C LEU F 15 -30.42 -61.47 -38.67
N GLY F 16 -29.87 -60.43 -38.04
CA GLY F 16 -29.64 -59.17 -38.69
C GLY F 16 -30.65 -58.07 -38.42
N GLN F 17 -31.85 -58.41 -37.96
CA GLN F 17 -32.85 -57.39 -37.74
C GLN F 17 -33.00 -57.05 -36.26
N ARG F 18 -33.98 -56.20 -35.98
CA ARG F 18 -34.30 -55.80 -34.62
C ARG F 18 -34.70 -57.00 -33.77
N ALA F 19 -34.27 -56.99 -32.52
CA ALA F 19 -34.70 -57.96 -31.53
C ALA F 19 -35.14 -57.19 -30.29
N THR F 20 -36.35 -57.46 -29.82
CA THR F 20 -36.93 -56.67 -28.75
C THR F 20 -37.65 -57.58 -27.77
N ILE F 21 -37.41 -57.34 -26.48
CA ILE F 21 -38.15 -57.99 -25.40
C ILE F 21 -38.56 -56.91 -24.41
N SER F 22 -39.41 -57.27 -23.46
CA SER F 22 -39.90 -56.31 -22.48
C SER F 22 -39.82 -56.92 -21.10
N CYS F 23 -39.76 -56.06 -20.09
CA CYS F 23 -39.69 -56.47 -18.69
C CYS F 23 -40.58 -55.58 -17.85
N ARG F 24 -41.45 -56.21 -17.07
CA ARG F 24 -42.40 -55.48 -16.22
C ARG F 24 -42.05 -55.74 -14.77
N ALA F 25 -42.11 -54.69 -13.95
CA ALA F 25 -41.62 -54.75 -12.58
C ALA F 25 -42.78 -54.64 -11.60
N SER F 26 -43.99 -54.44 -12.15
CA SER F 26 -45.22 -54.40 -11.37
C SER F 26 -45.27 -53.23 -10.41
N GLU F 27 -44.20 -52.44 -10.34
CA GLU F 27 -44.16 -51.19 -9.57
C GLU F 27 -42.82 -50.52 -9.82
N SER F 28 -42.66 -49.34 -9.20
CA SER F 28 -41.45 -48.55 -9.37
C SER F 28 -40.22 -49.29 -8.85
N VAL F 29 -39.13 -49.20 -9.58
CA VAL F 29 -37.86 -49.79 -9.19
C VAL F 29 -36.79 -48.71 -9.31
N ASP F 30 -37.24 -47.47 -9.48
CA ASP F 30 -36.37 -46.33 -9.70
C ASP F 30 -36.03 -45.69 -8.37
N ASN F 31 -34.74 -45.55 -8.08
CA ASN F 31 -34.29 -44.81 -6.91
C ASN F 31 -33.17 -43.87 -7.31
N PHE F 32 -33.11 -42.73 -6.64
CA PHE F 32 -32.11 -41.70 -6.91
C PHE F 32 -32.09 -41.30 -8.38
N GLY F 33 -33.25 -41.37 -9.02
CA GLY F 33 -33.32 -41.16 -10.45
C GLY F 33 -32.69 -42.25 -11.28
N ILE F 34 -32.32 -43.37 -10.67
CA ILE F 34 -31.69 -44.49 -11.34
C ILE F 34 -32.63 -45.67 -11.30
N SER F 35 -32.86 -46.30 -12.45
CA SER F 35 -33.70 -47.49 -12.54
C SER F 35 -32.81 -48.69 -12.27
N PHE F 36 -32.90 -49.25 -11.07
CA PHE F 36 -32.04 -50.36 -10.71
C PHE F 36 -32.52 -51.64 -11.38
N MET F 37 -32.50 -51.63 -12.70
CA MET F 37 -32.85 -52.78 -13.52
C MET F 37 -31.59 -53.31 -14.19
N ASN F 38 -31.41 -54.61 -14.13
CA ASN F 38 -30.21 -55.20 -14.70
C ASN F 38 -30.61 -56.36 -15.61
N TRP F 39 -29.89 -56.50 -16.72
CA TRP F 39 -30.21 -57.49 -17.74
C TRP F 39 -29.07 -58.50 -17.83
N PHE F 40 -29.43 -59.78 -17.79
CA PHE F 40 -28.45 -60.86 -17.86
C PHE F 40 -28.72 -61.73 -19.08
N GLN F 41 -27.64 -62.19 -19.70
CA GLN F 41 -27.69 -63.24 -20.72
C GLN F 41 -26.91 -64.44 -20.21
N GLN F 42 -27.52 -65.61 -20.32
CA GLN F 42 -26.89 -66.84 -19.85
C GLN F 42 -26.88 -67.86 -20.99
N LYS F 43 -25.75 -67.96 -21.68
CA LYS F 43 -25.53 -69.09 -22.56
C LYS F 43 -25.65 -70.38 -21.75
N PRO F 44 -26.35 -71.39 -22.26
CA PRO F 44 -26.57 -72.59 -21.46
C PRO F 44 -25.26 -73.24 -21.05
N GLY F 45 -25.20 -73.66 -19.78
CA GLY F 45 -24.06 -74.37 -19.26
C GLY F 45 -22.95 -73.51 -18.68
N GLN F 46 -23.01 -72.20 -18.83
CA GLN F 46 -22.00 -71.31 -18.27
C GLN F 46 -22.69 -70.16 -17.57
N PRO F 47 -22.03 -69.54 -16.58
CA PRO F 47 -22.71 -68.58 -15.71
C PRO F 47 -23.19 -67.36 -16.47
N PRO F 48 -24.26 -66.72 -15.98
CA PRO F 48 -24.78 -65.52 -16.65
C PRO F 48 -23.78 -64.39 -16.63
N LYS F 49 -23.95 -63.48 -17.58
CA LYS F 49 -23.07 -62.32 -17.72
C LYS F 49 -23.93 -61.06 -17.68
N LEU F 50 -23.37 -60.00 -17.09
CA LEU F 50 -24.05 -58.72 -17.11
C LEU F 50 -24.08 -58.15 -18.52
N LEU F 51 -25.23 -57.61 -18.91
CA LEU F 51 -25.37 -56.91 -20.18
C LEU F 51 -25.63 -55.43 -19.99
N ILE F 52 -26.68 -55.09 -19.24
CA ILE F 52 -27.04 -53.70 -18.98
C ILE F 52 -27.35 -53.54 -17.51
N TYR F 53 -26.73 -52.54 -16.90
CA TYR F 53 -27.01 -52.19 -15.51
C TYR F 53 -27.59 -50.79 -15.48
N ALA F 54 -28.40 -50.52 -14.46
CA ALA F 54 -29.14 -49.27 -14.31
C ALA F 54 -30.10 -49.03 -15.47
N ALA F 55 -30.46 -50.10 -16.18
CA ALA F 55 -31.45 -50.17 -17.25
C ALA F 55 -31.02 -49.41 -18.50
N SER F 56 -29.90 -48.70 -18.49
CA SER F 56 -29.45 -48.02 -19.69
C SER F 56 -27.96 -48.11 -19.95
N ASN F 57 -27.15 -48.53 -18.98
CA ASN F 57 -25.69 -48.52 -19.12
C ASN F 57 -25.21 -49.87 -19.63
N LEU F 58 -24.42 -49.83 -20.71
CA LEU F 58 -23.93 -51.06 -21.31
C LEU F 58 -22.90 -51.71 -20.39
N GLY F 59 -23.07 -53.00 -20.12
CA GLY F 59 -22.08 -53.72 -19.35
C GLY F 59 -20.75 -53.77 -20.08
N SER F 60 -19.66 -53.80 -19.30
CA SER F 60 -18.33 -53.80 -19.88
C SER F 60 -18.08 -55.10 -20.64
N GLY F 61 -17.28 -55.01 -21.69
CA GLY F 61 -17.02 -56.17 -22.53
C GLY F 61 -18.25 -56.67 -23.25
N VAL F 62 -19.10 -55.75 -23.71
CA VAL F 62 -20.33 -56.12 -24.41
C VAL F 62 -20.45 -55.26 -25.67
N PRO F 63 -20.78 -55.85 -26.82
CA PRO F 63 -20.95 -55.05 -28.04
C PRO F 63 -22.12 -54.10 -27.91
N ALA F 64 -22.03 -52.97 -28.61
CA ALA F 64 -23.06 -51.94 -28.54
C ALA F 64 -24.37 -52.36 -29.18
N ARG F 65 -24.39 -53.49 -29.89
CA ARG F 65 -25.63 -53.99 -30.46
C ARG F 65 -26.69 -54.20 -29.38
N PHE F 66 -26.27 -54.58 -28.18
CA PHE F 66 -27.17 -54.59 -27.04
C PHE F 66 -27.55 -53.17 -26.66
N SER F 67 -28.83 -52.97 -26.34
CA SER F 67 -29.32 -51.65 -25.95
C SER F 67 -30.54 -51.84 -25.08
N GLY F 68 -30.60 -51.08 -23.98
CA GLY F 68 -31.69 -51.22 -23.04
C GLY F 68 -32.46 -49.94 -22.82
N SER F 69 -33.73 -50.08 -22.42
CA SER F 69 -34.57 -48.91 -22.21
C SER F 69 -35.65 -49.28 -21.22
N GLY F 70 -36.24 -48.25 -20.60
CA GLY F 70 -37.33 -48.46 -19.68
C GLY F 70 -37.18 -47.68 -18.39
N SER F 71 -38.30 -47.44 -17.71
CA SER F 71 -38.30 -46.75 -16.43
C SER F 71 -39.65 -46.97 -15.77
N GLY F 72 -39.68 -46.87 -14.45
CA GLY F 72 -40.91 -47.13 -13.72
C GLY F 72 -41.11 -48.61 -13.47
N THR F 73 -42.00 -49.23 -14.22
CA THR F 73 -42.19 -50.67 -14.17
C THR F 73 -41.91 -51.37 -15.49
N ASP F 74 -41.98 -50.67 -16.62
CA ASP F 74 -41.75 -51.26 -17.94
C ASP F 74 -40.30 -51.05 -18.33
N PHE F 75 -39.64 -52.14 -18.74
CA PHE F 75 -38.27 -52.07 -19.22
C PHE F 75 -38.13 -52.98 -20.43
N SER F 76 -37.27 -52.57 -21.36
CA SER F 76 -37.16 -53.28 -22.62
C SER F 76 -35.70 -53.47 -22.98
N LEU F 77 -35.42 -54.54 -23.71
CA LEU F 77 -34.08 -54.85 -24.20
C LEU F 77 -34.13 -54.85 -25.73
N ASN F 78 -33.26 -54.05 -26.34
CA ASN F 78 -33.21 -53.93 -27.79
C ASN F 78 -31.86 -54.40 -28.32
N ILE F 79 -31.90 -55.22 -29.37
CA ILE F 79 -30.70 -55.76 -29.98
C ILE F 79 -30.77 -55.52 -31.49
N HIS F 80 -29.70 -54.99 -32.06
CA HIS F 80 -29.59 -54.85 -33.50
C HIS F 80 -28.14 -54.63 -33.92
N PRO F 81 -27.63 -55.43 -34.88
CA PRO F 81 -28.37 -56.59 -35.39
C PRO F 81 -28.22 -57.77 -34.45
N MET F 82 -29.10 -58.76 -34.55
CA MET F 82 -28.98 -59.94 -33.71
C MET F 82 -28.17 -61.01 -34.44
N GLU F 83 -27.21 -61.59 -33.73
CA GLU F 83 -26.32 -62.57 -34.32
C GLU F 83 -26.43 -63.89 -33.57
N ASP F 84 -25.67 -64.88 -34.04
CA ASP F 84 -25.71 -66.20 -33.42
C ASP F 84 -25.29 -66.11 -31.96
N ASP F 85 -24.48 -65.11 -31.61
CA ASP F 85 -24.02 -64.95 -30.24
C ASP F 85 -25.17 -64.63 -29.29
N ASP F 86 -26.33 -64.23 -29.82
CA ASP F 86 -27.46 -63.89 -28.98
C ASP F 86 -28.42 -65.05 -28.78
N THR F 87 -28.15 -66.21 -29.38
CA THR F 87 -29.01 -67.38 -29.22
C THR F 87 -28.77 -67.95 -27.83
N ALA F 88 -29.36 -67.29 -26.83
CA ALA F 88 -29.08 -67.59 -25.44
C ALA F 88 -30.34 -67.43 -24.61
N MET F 89 -30.16 -67.42 -23.29
CA MET F 89 -31.25 -67.26 -22.34
C MET F 89 -31.04 -65.95 -21.59
N TYR F 90 -32.10 -65.15 -21.48
CA TYR F 90 -31.97 -63.78 -21.01
C TYR F 90 -32.84 -63.53 -19.79
N PHE F 91 -32.29 -62.80 -18.82
CA PHE F 91 -32.96 -62.49 -17.58
C PHE F 91 -32.89 -60.99 -17.31
N CYS F 92 -34.04 -60.37 -17.05
CA CYS F 92 -34.10 -59.03 -16.51
C CYS F 92 -34.37 -59.12 -15.02
N GLN F 93 -33.61 -58.36 -14.23
CA GLN F 93 -33.80 -58.44 -12.78
C GLN F 93 -33.49 -57.09 -12.15
N GLN F 94 -34.02 -56.91 -10.94
CA GLN F 94 -33.97 -55.64 -10.25
C GLN F 94 -33.13 -55.78 -8.99
N SER F 95 -32.60 -54.64 -8.54
CA SER F 95 -31.77 -54.59 -7.34
C SER F 95 -32.21 -53.44 -6.46
N LYS F 96 -33.52 -53.28 -6.26
CA LYS F 96 -34.03 -52.19 -5.43
C LYS F 96 -34.17 -52.57 -3.96
N GLU F 97 -34.90 -53.63 -3.66
CA GLU F 97 -35.16 -54.02 -2.27
C GLU F 97 -34.43 -55.32 -1.98
N VAL F 98 -34.37 -55.67 -0.70
CA VAL F 98 -33.46 -56.74 -0.25
C VAL F 98 -33.74 -58.09 -0.90
N PRO F 99 -34.99 -58.58 -1.01
CA PRO F 99 -35.16 -59.87 -1.68
C PRO F 99 -35.18 -59.71 -3.19
N LEU F 100 -34.10 -59.17 -3.74
CA LEU F 100 -34.05 -58.88 -5.18
C LEU F 100 -34.29 -60.15 -5.98
N THR F 101 -35.12 -60.02 -7.02
CA THR F 101 -35.63 -61.18 -7.74
C THR F 101 -35.14 -61.11 -9.18
N PHE F 102 -35.64 -62.05 -9.98
CA PHE F 102 -35.23 -62.18 -11.37
C PHE F 102 -36.45 -62.35 -12.26
N GLY F 103 -36.28 -62.03 -13.53
CA GLY F 103 -37.36 -62.22 -14.49
C GLY F 103 -37.61 -63.69 -14.77
N ALA F 104 -38.80 -63.95 -15.32
CA ALA F 104 -39.13 -65.31 -15.71
C ALA F 104 -38.17 -65.82 -16.76
N GLY F 105 -37.79 -64.98 -17.71
CA GLY F 105 -36.79 -65.37 -18.70
C GLY F 105 -37.29 -65.33 -20.12
N THR F 106 -36.41 -64.93 -21.03
CA THR F 106 -36.71 -64.88 -22.46
C THR F 106 -35.70 -65.73 -23.21
N LYS F 107 -36.20 -66.50 -24.18
CA LYS F 107 -35.37 -67.35 -25.02
C LYS F 107 -35.36 -66.79 -26.42
N LEU F 108 -34.16 -66.58 -26.96
CA LEU F 108 -33.98 -66.09 -28.33
C LEU F 108 -33.32 -67.18 -29.17
N GLU F 109 -33.98 -67.53 -30.27
CA GLU F 109 -33.47 -68.56 -31.18
C GLU F 109 -33.77 -68.13 -32.61
N LEU F 110 -33.48 -69.01 -33.55
CA LEU F 110 -33.67 -68.74 -34.97
C LEU F 110 -35.03 -69.25 -35.43
N LYS F 111 -35.62 -68.54 -36.39
CA LYS F 111 -36.87 -68.97 -37.02
C LYS F 111 -36.54 -69.95 -38.14
N ALA G 9 -5.36 -21.42 -26.95
CA ALA G 9 -5.50 -21.95 -28.30
C ALA G 9 -5.05 -23.40 -28.37
N ASN G 10 -5.22 -24.13 -27.26
CA ASN G 10 -4.84 -25.53 -27.20
C ASN G 10 -5.91 -26.31 -26.48
N PHE G 11 -6.31 -27.42 -27.09
CA PHE G 11 -7.36 -28.26 -26.51
C PHE G 11 -6.75 -29.22 -25.48
N TYR G 12 -7.62 -29.90 -24.75
CA TYR G 12 -7.20 -30.86 -23.74
C TYR G 12 -8.18 -32.00 -23.69
N VAL G 13 -7.64 -33.20 -23.47
CA VAL G 13 -8.44 -34.40 -23.23
C VAL G 13 -8.21 -34.84 -21.80
N CYS G 14 -9.29 -34.93 -21.04
CA CYS G 14 -9.22 -35.17 -19.59
C CYS G 14 -9.74 -36.55 -19.25
N PRO G 15 -8.88 -37.51 -18.99
CA PRO G 15 -9.33 -38.82 -18.51
C PRO G 15 -9.95 -38.69 -17.14
N PRO G 16 -10.93 -39.53 -16.81
CA PRO G 16 -11.52 -39.50 -15.47
C PRO G 16 -10.46 -39.77 -14.42
N PRO G 17 -10.48 -39.05 -13.30
CA PRO G 17 -9.45 -39.24 -12.28
C PRO G 17 -9.68 -40.51 -11.48
N THR G 18 -8.60 -40.95 -10.84
CA THR G 18 -8.62 -42.09 -9.94
C THR G 18 -8.08 -41.66 -8.58
N GLY G 19 -8.34 -42.47 -7.57
CA GLY G 19 -7.90 -42.15 -6.22
C GLY G 19 -6.40 -42.14 -6.02
N ALA G 20 -5.64 -42.34 -7.10
CA ALA G 20 -4.19 -42.35 -6.99
C ALA G 20 -3.64 -41.01 -6.52
N THR G 21 -4.10 -39.93 -7.13
CA THR G 21 -3.66 -38.58 -6.79
C THR G 21 -4.79 -37.86 -6.08
N VAL G 22 -4.49 -37.29 -4.93
CA VAL G 22 -5.48 -36.62 -4.08
C VAL G 22 -4.91 -35.30 -3.59
N VAL G 23 -5.71 -34.25 -3.67
CA VAL G 23 -5.31 -32.92 -3.21
C VAL G 23 -6.38 -32.36 -2.29
N GLN G 24 -5.98 -31.37 -1.49
CA GLN G 24 -6.88 -30.71 -0.57
C GLN G 24 -6.59 -29.22 -0.56
N PHE G 25 -7.57 -28.44 -0.13
CA PHE G 25 -7.39 -26.99 -0.03
C PHE G 25 -6.71 -26.63 1.28
N GLU G 26 -5.73 -25.73 1.21
CA GLU G 26 -5.03 -25.32 2.41
C GLU G 26 -5.99 -24.62 3.38
N GLN G 27 -5.89 -24.99 4.65
CA GLN G 27 -6.78 -24.42 5.66
C GLN G 27 -6.46 -22.95 5.88
N PRO G 28 -7.44 -22.19 6.40
CA PRO G 28 -7.23 -20.75 6.58
C PRO G 28 -6.02 -20.46 7.46
N ARG G 29 -5.28 -19.43 7.08
CA ARG G 29 -4.07 -19.08 7.79
C ARG G 29 -4.37 -18.15 8.96
N ARG G 30 -3.57 -18.25 10.00
CA ARG G 30 -3.57 -17.30 11.09
C ARG G 30 -2.34 -16.40 10.96
N CYS G 31 -2.47 -15.34 10.18
CA CYS G 31 -1.33 -14.46 9.95
C CYS G 31 -1.43 -13.29 10.91
N PRO G 32 -0.42 -12.37 10.99
CA PRO G 32 -0.29 -11.56 12.20
C PRO G 32 -1.49 -10.67 12.51
N THR G 33 -1.62 -10.33 13.78
CA THR G 33 -2.51 -9.29 14.25
C THR G 33 -1.76 -7.96 14.19
N ARG G 34 -2.49 -6.87 14.40
CA ARG G 34 -1.84 -5.56 14.40
C ARG G 34 -0.82 -5.50 15.53
N PRO G 35 0.31 -4.82 15.34
CA PRO G 35 1.24 -4.60 16.45
C PRO G 35 0.56 -3.80 17.56
N GLU G 36 1.10 -3.95 18.77
CA GLU G 36 0.50 -3.31 19.93
C GLU G 36 0.38 -1.81 19.76
N GLY G 37 1.28 -1.20 18.98
CA GLY G 37 1.30 0.24 18.86
C GLY G 37 2.18 0.81 19.95
N GLN G 38 3.21 1.55 19.55
CA GLN G 38 4.18 2.03 20.53
C GLN G 38 3.51 2.95 21.54
N ASN G 39 3.77 2.68 22.82
CA ASN G 39 3.15 3.45 23.89
C ASN G 39 3.87 4.79 24.04
N TYR G 40 3.11 5.87 24.01
CA TYR G 40 3.66 7.21 24.08
C TYR G 40 3.33 7.84 25.43
N THR G 41 4.31 8.55 25.97
CA THR G 41 4.17 9.29 27.22
C THR G 41 4.23 10.78 26.88
N GLU G 42 3.07 11.41 26.75
CA GLU G 42 3.03 12.83 26.45
C GLU G 42 3.78 13.60 27.53
N GLY G 43 4.51 14.62 27.12
CA GLY G 43 5.31 15.36 28.07
C GLY G 43 5.72 16.72 27.57
N ILE G 44 6.14 17.56 28.50
CA ILE G 44 6.65 18.89 28.21
C ILE G 44 8.16 18.81 28.18
N ALA G 45 8.75 19.14 27.03
CA ALA G 45 10.18 18.99 26.85
C ALA G 45 10.81 20.31 26.43
N VAL G 46 12.01 20.55 26.94
CA VAL G 46 12.82 21.68 26.55
C VAL G 46 14.20 21.15 26.22
N VAL G 47 14.51 21.06 24.92
CA VAL G 47 15.76 20.52 24.45
C VAL G 47 16.81 21.61 24.51
N PHE G 48 18.03 21.24 24.86
CA PHE G 48 19.12 22.20 25.04
C PHE G 48 20.23 21.91 24.05
N LYS G 49 20.82 22.97 23.52
CA LYS G 49 21.98 22.88 22.64
C LYS G 49 23.21 23.38 23.37
N GLU G 50 24.38 23.02 22.86
CA GLU G 50 25.61 23.52 23.47
C GLU G 50 25.69 25.03 23.35
N ASN G 51 25.93 25.69 24.48
CA ASN G 51 26.01 27.14 24.48
C ASN G 51 27.32 27.58 23.84
N ILE G 52 27.21 28.22 22.68
CA ILE G 52 28.39 28.78 22.03
C ILE G 52 28.26 30.28 22.05
N ALA G 53 27.14 30.77 22.52
CA ALA G 53 27.01 32.20 22.73
C ALA G 53 27.93 32.60 23.88
N PRO G 54 28.89 33.48 23.63
CA PRO G 54 29.83 33.86 24.69
C PRO G 54 29.12 34.60 25.82
N TYR G 55 29.74 34.59 26.99
CA TYR G 55 29.23 35.39 28.09
C TYR G 55 29.31 36.86 27.73
N LYS G 56 28.23 37.59 27.97
CA LYS G 56 28.16 39.01 27.65
C LYS G 56 27.70 39.77 28.87
N PHE G 57 28.27 40.96 29.06
CA PHE G 57 28.00 41.79 30.22
C PHE G 57 28.63 43.16 29.97
N LYS G 58 28.02 44.18 30.56
CA LYS G 58 28.55 45.52 30.43
C LYS G 58 29.94 45.60 31.07
N ALA G 59 30.72 46.57 30.61
CA ALA G 59 32.06 46.77 31.15
C ALA G 59 32.49 48.19 30.83
N THR G 60 33.06 48.86 31.83
CA THR G 60 33.43 50.27 31.70
C THR G 60 34.94 50.37 31.62
N MET G 61 35.43 50.96 30.54
CA MET G 61 36.84 51.05 30.25
C MET G 61 37.32 52.46 30.55
N TYR G 62 38.26 52.59 31.48
CA TYR G 62 38.81 53.88 31.86
C TYR G 62 40.27 53.94 31.46
N TYR G 63 40.64 54.94 30.66
CA TYR G 63 42.06 55.12 30.34
C TYR G 63 42.28 56.55 29.88
N LYS G 64 43.52 57.00 30.03
CA LYS G 64 43.95 58.29 29.51
C LYS G 64 44.86 58.05 28.32
N ASP G 65 44.45 58.54 27.15
CA ASP G 65 45.24 58.40 25.93
C ASP G 65 46.41 59.37 25.98
N VAL G 66 47.49 58.94 26.61
CA VAL G 66 48.72 59.73 26.52
C VAL G 66 49.21 59.67 25.09
N THR G 67 48.97 60.75 24.35
CA THR G 67 49.35 60.80 22.95
C THR G 67 50.32 61.95 22.79
N VAL G 68 51.59 61.68 23.04
CA VAL G 68 52.64 62.69 23.00
C VAL G 68 53.09 62.87 21.55
N SER G 69 53.20 64.12 21.15
CA SER G 69 53.60 64.46 19.80
C SER G 69 54.89 65.26 19.82
N GLN G 70 55.71 65.08 18.79
CA GLN G 70 56.96 65.81 18.64
C GLN G 70 56.88 66.58 17.33
N VAL G 71 57.12 67.88 17.41
CA VAL G 71 56.95 68.78 16.28
C VAL G 71 58.25 69.52 16.06
N TRP G 72 58.55 69.77 14.79
CA TRP G 72 59.58 70.74 14.43
C TRP G 72 58.92 71.98 13.89
N PHE G 73 59.41 73.14 14.32
CA PHE G 73 59.12 74.40 13.66
C PHE G 73 60.31 74.76 12.79
N GLY G 74 60.08 74.94 11.50
CA GLY G 74 61.13 75.19 10.55
C GLY G 74 61.25 76.66 10.18
N HIS G 75 62.18 76.94 9.27
CA HIS G 75 62.43 78.31 8.83
C HIS G 75 61.17 78.92 8.21
N ARG G 76 60.47 78.14 7.39
CA ARG G 76 59.26 78.59 6.73
C ARG G 76 58.01 77.79 7.11
N TYR G 77 58.15 76.61 7.70
CA TYR G 77 56.92 75.91 8.02
C TYR G 77 57.27 74.83 9.04
N SER G 78 56.25 74.32 9.73
CA SER G 78 56.43 73.43 10.88
C SER G 78 55.92 72.03 10.56
N GLN G 79 56.72 71.02 10.86
CA GLN G 79 56.39 69.63 10.60
C GLN G 79 56.77 68.75 11.80
N PHE G 80 56.05 67.64 11.95
CA PHE G 80 56.31 66.70 13.03
C PHE G 80 57.68 66.05 12.90
N MET G 81 58.14 65.49 14.01
CA MET G 81 59.25 64.55 14.01
C MET G 81 58.82 63.19 14.55
N GLY G 82 57.63 63.11 15.12
CA GLY G 82 57.11 61.86 15.65
C GLY G 82 55.94 62.12 16.58
N ILE G 83 55.00 61.16 16.55
CA ILE G 83 53.85 61.20 17.44
C ILE G 83 53.71 59.85 18.10
N PHE G 84 53.91 59.81 19.41
CA PHE G 84 53.63 58.61 20.19
C PHE G 84 52.30 58.69 20.90
N GLU G 85 51.51 57.64 20.77
CA GLU G 85 50.27 57.49 21.49
C GLU G 85 50.40 56.30 22.44
N ASP G 86 49.90 56.50 23.65
CA ASP G 86 49.91 55.46 24.68
C ASP G 86 48.58 55.49 25.41
N ARG G 87 48.12 54.30 25.78
CA ARG G 87 46.91 54.16 26.59
C ARG G 87 47.35 53.89 28.01
N ALA G 88 46.98 54.80 28.93
CA ALA G 88 47.50 54.82 30.28
C ALA G 88 46.43 54.43 31.28
N PRO G 89 46.72 53.51 32.18
CA PRO G 89 45.73 53.15 33.20
C PRO G 89 45.52 54.25 34.21
N VAL G 90 44.33 54.27 34.80
CA VAL G 90 43.99 55.19 35.87
C VAL G 90 43.91 54.39 37.18
N PRO G 91 44.61 54.80 38.24
CA PRO G 91 44.58 54.01 39.47
C PRO G 91 43.18 53.89 40.04
N PHE G 92 42.93 52.76 40.68
CA PHE G 92 41.70 52.47 41.40
C PHE G 92 41.15 53.68 42.14
N GLU G 93 42.00 54.30 42.95
CA GLU G 93 41.58 55.45 43.74
C GLU G 93 41.02 56.56 42.85
N GLU G 94 41.58 56.73 41.65
CA GLU G 94 41.05 57.74 40.73
C GLU G 94 39.62 57.41 40.31
N VAL G 95 39.38 56.18 39.87
CA VAL G 95 38.04 55.78 39.43
C VAL G 95 37.04 55.95 40.56
N ILE G 96 37.45 55.58 41.78
CA ILE G 96 36.53 55.68 42.90
C ILE G 96 36.26 57.14 43.26
N ASP G 97 37.31 57.89 43.54
CA ASP G 97 37.15 59.18 44.19
C ASP G 97 36.72 60.26 43.22
N LYS G 98 37.16 60.23 41.97
CA LYS G 98 36.87 61.34 41.08
C LYS G 98 36.11 60.94 39.83
N ILE G 99 36.19 59.69 39.39
CA ILE G 99 35.31 59.24 38.31
C ILE G 99 33.93 58.89 38.86
N ASN G 100 33.89 58.11 39.94
CA ASN G 100 32.60 57.69 40.50
C ASN G 100 31.95 58.80 41.33
N ALA G 101 32.72 59.63 42.02
CA ALA G 101 32.13 60.58 42.95
C ALA G 101 31.87 61.95 42.33
N LYS G 102 32.89 62.56 41.73
CA LYS G 102 32.74 63.91 41.21
C LYS G 102 32.78 64.01 39.70
N GLY G 103 32.98 62.90 38.99
CA GLY G 103 32.98 62.95 37.54
C GLY G 103 34.07 63.81 36.95
N VAL G 104 35.25 63.83 37.60
CA VAL G 104 36.39 64.59 37.13
C VAL G 104 37.57 63.65 37.00
N CYS G 105 38.61 64.12 36.32
CA CYS G 105 39.79 63.31 36.12
C CYS G 105 41.00 64.22 36.00
N ARG G 106 42.13 63.74 36.51
CA ARG G 106 43.32 64.58 36.58
C ARG G 106 43.95 64.78 35.21
N SER G 107 44.68 65.89 35.07
CA SER G 107 45.48 66.20 33.89
C SER G 107 46.77 65.47 33.87
N THR G 108 47.03 64.67 34.89
CA THR G 108 48.20 63.83 34.95
C THR G 108 47.77 62.37 34.88
N ALA G 109 48.58 61.54 34.25
CA ALA G 109 48.32 60.12 34.12
C ALA G 109 49.50 59.37 34.72
N LYS G 110 49.47 59.13 36.02
CA LYS G 110 50.57 58.48 36.71
C LYS G 110 50.45 56.98 36.55
N TYR G 111 51.37 56.38 35.82
CA TYR G 111 51.26 54.94 35.58
C TYR G 111 52.66 54.42 35.26
N VAL G 112 52.88 53.15 35.58
CA VAL G 112 54.17 52.54 35.30
C VAL G 112 54.10 51.96 33.90
N ARG G 113 54.76 52.62 32.95
CA ARG G 113 54.74 52.15 31.58
C ARG G 113 55.99 51.35 31.26
N ASN G 114 55.78 50.09 30.87
CA ASN G 114 56.84 49.21 30.39
C ASN G 114 58.06 49.27 31.34
N ASN G 115 57.77 48.96 32.60
CA ASN G 115 58.77 48.88 33.66
C ASN G 115 59.39 50.24 33.96
N LEU G 116 58.57 51.30 33.94
CA LEU G 116 59.01 52.61 34.37
C LEU G 116 57.78 53.45 34.67
N GLU G 117 57.83 54.17 35.79
CA GLU G 117 56.72 54.99 36.22
C GLU G 117 56.75 56.34 35.50
N THR G 118 55.63 56.69 34.88
CA THR G 118 55.53 57.91 34.10
C THR G 118 54.16 58.54 34.29
N THR G 119 54.13 59.87 34.40
CA THR G 119 52.89 60.61 34.41
C THR G 119 52.99 61.72 33.37
N ALA G 120 51.84 62.09 32.81
CA ALA G 120 51.82 63.03 31.70
C ALA G 120 50.91 64.19 32.06
N PHE G 121 51.50 65.37 32.23
CA PHE G 121 50.74 66.59 32.48
C PHE G 121 50.17 67.06 31.16
N HIS G 122 48.85 66.86 31.00
CA HIS G 122 48.16 67.44 29.85
C HIS G 122 48.30 68.95 29.90
N ARG G 123 48.21 69.59 28.71
CA ARG G 123 48.37 71.02 28.54
C ARG G 123 49.82 71.42 28.77
N ASP G 124 50.68 70.47 29.17
CA ASP G 124 52.04 70.72 29.64
C ASP G 124 52.08 71.68 30.82
N ASP G 125 50.98 71.77 31.56
CA ASP G 125 50.89 72.61 32.75
C ASP G 125 50.72 71.75 33.99
N HIS G 126 50.51 72.42 35.12
CA HIS G 126 50.37 71.72 36.39
C HIS G 126 49.08 70.92 36.43
N GLU G 127 48.99 70.04 37.42
CA GLU G 127 47.86 69.13 37.56
C GLU G 127 46.55 69.89 37.72
N THR G 128 45.53 69.46 36.99
CA THR G 128 44.19 70.02 37.12
C THR G 128 43.17 68.94 36.80
N ASP G 129 42.05 68.95 37.52
CA ASP G 129 41.02 67.94 37.36
C ASP G 129 39.92 68.48 36.47
N MET G 130 39.81 67.94 35.26
CA MET G 130 38.81 68.37 34.30
C MET G 130 37.48 67.67 34.59
N GLU G 131 36.39 68.43 34.56
CA GLU G 131 35.06 67.84 34.62
C GLU G 131 34.82 67.01 33.37
N LEU G 132 34.51 65.74 33.58
CA LEU G 132 34.19 64.85 32.46
C LEU G 132 32.94 65.33 31.74
N LYS G 133 32.93 65.09 30.43
CA LYS G 133 31.83 65.47 29.55
C LYS G 133 31.61 64.37 28.53
N PRO G 134 30.41 64.24 27.99
CA PRO G 134 30.17 63.17 27.02
C PRO G 134 30.79 63.48 25.67
N ALA G 135 31.26 62.45 25.00
CA ALA G 135 31.84 62.60 23.68
C ALA G 135 30.75 62.92 22.66
N ASN G 136 31.18 63.36 21.48
CA ASN G 136 30.22 63.71 20.45
C ASN G 136 29.52 62.45 19.91
N ALA G 137 28.42 62.68 19.21
CA ALA G 137 27.52 61.59 18.87
C ALA G 137 28.15 60.64 17.86
N ALA G 138 27.65 59.42 17.85
CA ALA G 138 28.05 58.41 16.88
C ALA G 138 26.91 57.43 16.74
N THR G 139 27.02 56.56 15.73
CA THR G 139 25.96 55.63 15.40
C THR G 139 26.23 54.25 16.00
N ARG G 140 25.28 53.80 16.80
CA ARG G 140 25.27 52.55 17.57
C ARG G 140 26.65 52.20 18.11
N THR G 141 27.24 53.18 18.81
CA THR G 141 28.34 52.96 19.75
C THR G 141 27.83 53.27 21.14
N SER G 142 28.24 52.45 22.10
CA SER G 142 27.86 52.70 23.48
C SER G 142 28.47 54.01 23.97
N ARG G 143 27.93 54.51 25.08
CA ARG G 143 28.29 55.84 25.54
C ARG G 143 29.77 55.94 25.85
N GLY G 144 30.36 57.08 25.48
CA GLY G 144 31.74 57.37 25.82
C GLY G 144 31.86 58.76 26.41
N TRP G 145 33.00 58.99 27.06
CA TRP G 145 33.24 60.26 27.72
C TRP G 145 34.73 60.58 27.67
N HIS G 146 35.05 61.84 27.42
CA HIS G 146 36.45 62.24 27.37
C HIS G 146 36.61 63.66 27.89
N THR G 147 37.58 63.84 28.78
CA THR G 147 37.89 65.18 29.29
C THR G 147 38.38 66.09 28.16
N THR G 148 39.53 65.74 27.58
CA THR G 148 40.12 66.57 26.55
C THR G 148 39.40 66.37 25.22
N ASP G 149 39.35 67.44 24.42
CA ASP G 149 38.71 67.40 23.11
C ASP G 149 39.65 67.72 21.95
N LEU G 150 40.81 68.29 22.21
CA LEU G 150 41.83 68.55 21.20
C LEU G 150 43.12 67.89 21.65
N LYS G 151 44.24 68.19 21.00
CA LYS G 151 45.53 67.78 21.53
C LYS G 151 46.41 69.00 21.65
N TYR G 152 47.14 69.09 22.76
CA TYR G 152 48.02 70.23 22.98
C TYR G 152 49.21 70.15 22.04
N ASN G 153 49.64 71.32 21.55
CA ASN G 153 50.81 71.40 20.68
C ASN G 153 51.58 72.65 21.05
N PRO G 154 52.90 72.59 21.06
CA PRO G 154 53.69 73.78 21.40
C PRO G 154 53.47 74.88 20.39
N SER G 155 53.47 76.12 20.88
CA SER G 155 53.47 77.26 19.99
C SER G 155 54.78 77.32 19.21
N ARG G 156 54.70 77.84 17.99
CA ARG G 156 55.86 77.86 17.12
C ARG G 156 57.00 78.66 17.74
N VAL G 157 58.18 78.05 17.80
CA VAL G 157 59.43 78.73 18.08
C VAL G 157 60.39 78.30 16.97
N GLU G 158 60.92 79.27 16.24
CA GLU G 158 61.54 78.98 14.96
C GLU G 158 62.82 78.16 15.13
N ALA G 159 62.94 77.12 14.31
CA ALA G 159 64.12 76.27 14.19
C ALA G 159 64.49 75.56 15.49
N PHE G 160 63.50 75.20 16.30
CA PHE G 160 63.71 74.46 17.54
C PHE G 160 62.80 73.24 17.55
N HIS G 161 63.27 72.20 18.24
CA HIS G 161 62.53 70.96 18.44
C HIS G 161 61.63 71.16 19.66
N ARG G 162 60.32 71.09 19.46
CA ARG G 162 59.38 71.23 20.56
C ARG G 162 58.55 69.97 20.68
N TYR G 163 58.50 69.42 21.88
CA TYR G 163 57.73 68.23 22.19
C TYR G 163 56.35 68.62 22.70
N GLY G 164 55.33 67.87 22.28
CA GLY G 164 53.97 68.17 22.68
C GLY G 164 53.24 67.01 23.30
N THR G 165 52.85 67.16 24.57
CA THR G 165 52.11 66.11 25.27
C THR G 165 50.61 66.31 25.08
N THR G 166 49.86 65.27 25.43
CA THR G 166 48.40 65.32 25.38
C THR G 166 47.85 64.17 26.21
N VAL G 167 46.97 64.48 27.15
CA VAL G 167 46.29 63.48 27.96
C VAL G 167 44.79 63.68 27.77
N ASN G 168 44.12 62.64 27.32
CA ASN G 168 42.66 62.64 27.20
C ASN G 168 42.16 61.54 28.11
N CYS G 169 41.78 61.90 29.34
CA CYS G 169 41.27 60.92 30.29
C CYS G 169 39.89 60.50 29.83
N ILE G 170 39.82 59.32 29.23
CA ILE G 170 38.61 58.86 28.57
C ILE G 170 37.97 57.76 29.40
N VAL G 171 36.66 57.89 29.61
CA VAL G 171 35.85 56.87 30.24
C VAL G 171 34.86 56.39 29.19
N GLU G 172 34.84 55.10 28.94
CA GLU G 172 34.02 54.52 27.89
C GLU G 172 33.39 53.24 28.39
N GLU G 173 32.14 53.03 28.03
CA GLU G 173 31.43 51.82 28.38
C GLU G 173 31.31 50.95 27.15
N VAL G 174 31.69 49.68 27.31
CA VAL G 174 31.62 48.71 26.22
C VAL G 174 30.88 47.49 26.75
N ASP G 175 30.74 46.48 25.92
CA ASP G 175 30.29 45.19 26.39
C ASP G 175 31.42 44.18 26.21
N ALA G 176 31.65 43.38 27.25
CA ALA G 176 32.74 42.42 27.26
C ALA G 176 32.23 41.05 26.87
N ARG G 177 33.14 40.21 26.42
CA ARG G 177 32.80 38.89 25.89
C ARG G 177 33.83 37.88 26.37
N SER G 178 33.36 36.80 26.96
CA SER G 178 34.24 35.72 27.41
C SER G 178 33.63 34.38 27.01
N VAL G 179 34.49 33.39 26.83
CA VAL G 179 34.08 32.06 26.39
C VAL G 179 34.74 31.04 27.31
N TYR G 180 34.18 29.83 27.32
CA TYR G 180 34.66 28.78 28.19
C TYR G 180 36.14 28.53 27.93
N PRO G 181 36.97 28.33 28.97
CA PRO G 181 36.59 28.22 30.38
C PRO G 181 36.41 29.53 31.11
N TYR G 182 36.07 30.59 30.39
CA TYR G 182 35.94 31.91 30.98
C TYR G 182 37.24 32.26 31.70
N ASP G 183 38.35 31.88 31.08
CA ASP G 183 39.67 32.09 31.64
C ASP G 183 40.07 33.55 31.58
N GLU G 184 39.86 34.20 30.43
CA GLU G 184 40.13 35.61 30.24
C GLU G 184 39.07 36.16 29.29
N PHE G 185 38.90 37.48 29.32
CA PHE G 185 37.79 38.05 28.58
C PHE G 185 38.27 39.25 27.77
N VAL G 186 37.47 39.59 26.78
CA VAL G 186 37.81 40.54 25.74
C VAL G 186 36.86 41.71 25.85
N LEU G 187 37.30 42.86 25.36
CA LEU G 187 36.39 43.99 25.28
C LEU G 187 36.30 44.45 23.83
N ALA G 188 35.27 45.25 23.53
CA ALA G 188 34.99 45.61 22.15
C ALA G 188 36.16 46.34 21.51
N THR G 189 36.95 47.06 22.30
CA THR G 189 38.05 47.82 21.72
C THR G 189 39.18 46.94 21.20
N GLY G 190 39.04 45.62 21.27
CA GLY G 190 40.07 44.72 20.80
C GLY G 190 41.12 44.38 21.82
N ASP G 191 41.19 45.12 22.93
CA ASP G 191 42.13 44.81 23.98
C ASP G 191 41.71 43.55 24.72
N PHE G 192 42.48 43.21 25.76
CA PHE G 192 42.23 42.02 26.54
C PHE G 192 42.39 42.33 28.01
N VAL G 193 41.89 41.41 28.84
CA VAL G 193 42.04 41.46 30.29
C VAL G 193 42.28 40.04 30.76
N TYR G 194 43.50 39.75 31.20
CA TYR G 194 43.93 38.38 31.38
C TYR G 194 43.48 37.83 32.72
N MET G 195 42.19 37.55 32.84
CA MET G 195 41.60 37.23 34.12
C MET G 195 40.15 36.84 33.90
N SER G 196 39.66 35.90 34.68
CA SER G 196 38.28 35.48 34.55
C SER G 196 37.35 36.63 34.92
N PRO G 197 36.17 36.70 34.29
CA PRO G 197 35.19 37.72 34.68
C PRO G 197 34.71 37.59 36.11
N PHE G 198 34.82 36.39 36.70
CA PHE G 198 34.31 36.10 38.03
C PHE G 198 35.40 36.05 39.10
N TYR G 199 36.65 36.33 38.74
CA TYR G 199 37.69 36.37 39.76
C TYR G 199 37.40 37.48 40.75
N GLY G 200 37.73 37.21 42.02
CA GLY G 200 37.51 38.17 43.08
C GLY G 200 37.90 37.60 44.42
N TYR G 201 37.13 37.90 45.45
CA TYR G 201 37.41 37.40 46.79
C TYR G 201 36.27 36.59 47.38
N ARG G 202 35.03 37.09 47.29
CA ARG G 202 33.93 36.47 48.00
C ARG G 202 33.44 35.21 47.30
N GLU G 203 33.12 34.19 48.10
CA GLU G 203 32.49 32.96 47.64
C GLU G 203 33.36 32.26 46.60
N GLY G 204 34.57 31.90 47.01
CA GLY G 204 35.47 31.16 46.17
C GLY G 204 35.87 31.83 44.88
N SER G 205 35.70 33.16 44.79
CA SER G 205 36.08 33.86 43.57
C SER G 205 37.58 33.81 43.36
N HIS G 206 38.34 33.73 44.44
CA HIS G 206 39.80 33.65 44.32
C HIS G 206 40.22 32.37 43.60
N THR G 207 39.35 31.37 43.57
CA THR G 207 39.65 30.15 42.81
C THR G 207 39.77 30.44 41.33
N GLU G 208 38.89 31.28 40.79
CA GLU G 208 38.88 31.55 39.36
C GLU G 208 40.17 32.22 38.93
N HIS G 209 40.55 32.00 37.68
CA HIS G 209 41.89 32.33 37.23
C HIS G 209 42.06 33.83 37.05
N THR G 210 43.19 34.34 37.52
CA THR G 210 43.70 35.64 37.13
C THR G 210 45.09 35.44 36.56
N THR G 211 45.66 36.49 36.01
CA THR G 211 47.04 36.43 35.54
C THR G 211 47.75 37.74 35.93
N TYR G 212 47.41 38.26 37.10
CA TYR G 212 47.95 39.52 37.56
C TYR G 212 48.25 39.42 39.04
N ALA G 213 49.23 40.22 39.49
CA ALA G 213 49.48 40.34 40.92
C ALA G 213 48.29 41.02 41.59
N ALA G 214 48.07 40.69 42.85
CA ALA G 214 46.87 41.14 43.55
C ALA G 214 46.76 42.65 43.58
N ASP G 215 47.88 43.37 43.46
CA ASP G 215 47.85 44.83 43.50
C ASP G 215 47.02 45.40 42.36
N ARG G 216 47.11 44.79 41.18
CA ARG G 216 46.38 45.29 40.02
C ARG G 216 44.88 45.10 40.14
N PHE G 217 44.44 44.12 40.93
CA PHE G 217 43.03 43.73 40.98
C PHE G 217 42.44 44.08 42.35
N LYS G 218 41.63 45.12 42.39
CA LYS G 218 40.93 45.52 43.59
C LYS G 218 39.43 45.44 43.35
N GLN G 219 38.67 45.31 44.43
CA GLN G 219 37.22 45.17 44.37
C GLN G 219 36.58 46.11 45.37
N VAL G 220 35.42 46.66 45.01
CA VAL G 220 34.66 47.55 45.89
C VAL G 220 33.39 46.81 46.30
N ASP G 221 33.17 46.72 47.61
CA ASP G 221 31.87 46.32 48.11
C ASP G 221 31.06 47.56 48.44
N GLY G 222 29.74 47.45 48.26
CA GLY G 222 28.89 48.62 48.44
C GLY G 222 29.17 49.73 47.47
N PHE G 223 29.57 49.39 46.24
CA PHE G 223 29.90 50.40 45.23
C PHE G 223 28.65 51.11 44.76
N TYR G 224 28.67 52.44 44.80
CA TYR G 224 27.56 53.26 44.34
C TYR G 224 27.88 53.72 42.93
N ALA G 225 27.14 53.19 41.95
CA ALA G 225 27.36 53.56 40.56
C ALA G 225 27.05 55.04 40.35
N ARG G 226 27.95 55.73 39.65
CA ARG G 226 27.80 57.16 39.45
C ARG G 226 26.64 57.46 38.51
N ASP G 227 25.88 58.49 38.87
CA ASP G 227 24.87 59.09 38.00
C ASP G 227 25.62 59.93 36.97
N LEU G 228 26.18 59.25 35.96
CA LEU G 228 26.95 59.92 34.93
C LEU G 228 26.27 59.86 33.56
N ALA G 236 21.43 52.14 43.77
CA ALA G 236 21.56 50.89 44.49
C ALA G 236 23.02 50.48 44.66
N PRO G 237 23.40 50.13 45.88
CA PRO G 237 24.78 49.69 46.12
C PRO G 237 25.09 48.43 45.32
N THR G 238 26.34 48.34 44.87
CA THR G 238 26.77 47.25 44.00
C THR G 238 28.09 46.68 44.51
N THR G 239 28.64 45.75 43.74
CA THR G 239 29.95 45.17 43.99
C THR G 239 30.78 45.29 42.72
N ARG G 240 31.41 46.46 42.55
CA ARG G 240 32.18 46.75 41.36
C ARG G 240 33.52 46.01 41.41
N ASN G 241 34.16 45.91 40.25
CA ASN G 241 35.27 44.99 40.06
C ASN G 241 36.22 45.57 39.03
N LEU G 242 37.41 46.00 39.47
CA LEU G 242 38.32 46.77 38.64
C LEU G 242 39.67 46.07 38.54
N LEU G 243 40.27 46.14 37.35
CA LEU G 243 41.61 45.62 37.09
C LEU G 243 42.42 46.66 36.33
N THR G 244 43.66 46.89 36.76
CA THR G 244 44.52 47.88 36.13
C THR G 244 45.48 47.15 35.20
N THR G 245 45.02 46.87 33.98
CA THR G 245 45.89 46.31 32.97
C THR G 245 46.93 47.34 32.54
N PRO G 246 48.02 46.92 31.89
CA PRO G 246 49.11 47.86 31.61
C PRO G 246 48.73 49.00 30.68
N LYS G 247 47.46 49.08 30.29
CA LYS G 247 47.01 50.15 29.43
C LYS G 247 45.79 50.90 29.93
N PHE G 248 44.94 50.29 30.75
CA PHE G 248 43.62 50.86 31.03
C PHE G 248 43.13 50.26 32.35
N THR G 249 41.84 50.44 32.62
CA THR G 249 41.15 49.80 33.72
C THR G 249 39.78 49.35 33.23
N VAL G 250 39.37 48.16 33.63
CA VAL G 250 38.08 47.61 33.25
C VAL G 250 37.26 47.40 34.51
N ALA G 251 36.04 47.91 34.51
CA ALA G 251 35.12 47.74 35.63
C ALA G 251 33.84 47.09 35.14
N TRP G 252 33.53 45.92 35.69
CA TRP G 252 32.26 45.26 35.42
C TRP G 252 31.69 44.76 36.75
N ASP G 253 30.38 44.82 36.86
CA ASP G 253 29.70 44.45 38.10
C ASP G 253 29.93 42.97 38.35
N TRP G 254 30.76 42.68 39.35
CA TRP G 254 31.10 41.30 39.67
C TRP G 254 29.85 40.52 40.03
N VAL G 255 29.76 39.30 39.49
CA VAL G 255 28.64 38.40 39.80
C VAL G 255 29.19 37.01 40.03
N PRO G 256 28.48 36.21 40.83
CA PRO G 256 28.91 34.83 41.06
C PRO G 256 28.81 34.02 39.77
N LYS G 257 29.86 33.22 39.53
CA LYS G 257 30.02 32.54 38.25
C LYS G 257 28.89 31.56 37.96
N ARG G 258 28.78 30.52 38.79
CA ARG G 258 27.88 29.41 38.50
C ARG G 258 26.45 29.84 38.20
N PRO G 259 25.83 30.78 38.91
CA PRO G 259 24.47 31.19 38.53
C PRO G 259 24.42 32.03 37.27
N SER G 260 25.45 32.83 36.98
CA SER G 260 25.39 33.82 35.93
C SER G 260 25.95 33.32 34.60
N VAL G 261 26.36 32.06 34.49
CA VAL G 261 26.92 31.53 33.26
C VAL G 261 26.40 30.11 33.09
N CYS G 262 26.45 29.62 31.85
CA CYS G 262 25.99 28.27 31.56
C CYS G 262 26.66 27.78 30.29
N THR G 263 26.89 26.47 30.22
CA THR G 263 27.42 25.85 29.02
C THR G 263 26.34 25.18 28.19
N MET G 264 25.07 25.44 28.49
CA MET G 264 23.96 24.89 27.72
C MET G 264 22.92 25.99 27.51
N THR G 265 22.39 26.06 26.29
CA THR G 265 21.46 27.10 25.91
C THR G 265 20.09 26.48 25.70
N LYS G 266 19.06 27.10 26.28
CA LYS G 266 17.70 26.72 25.95
C LYS G 266 17.49 26.90 24.46
N TRP G 267 17.28 25.82 23.72
CA TRP G 267 17.12 25.94 22.28
C TRP G 267 15.66 25.97 21.84
N GLN G 268 14.85 25.02 22.31
CA GLN G 268 13.45 24.98 21.93
C GLN G 268 12.61 24.64 23.15
N GLU G 269 11.33 24.97 23.06
CA GLU G 269 10.34 24.67 24.10
C GLU G 269 9.21 23.91 23.44
N VAL G 270 9.33 22.59 23.37
CA VAL G 270 8.33 21.77 22.70
C VAL G 270 7.12 21.62 23.62
N ASP G 271 5.97 22.10 23.16
CA ASP G 271 4.77 22.01 23.98
C ASP G 271 4.27 20.59 24.13
N GLU G 272 4.46 19.76 23.10
CA GLU G 272 4.05 18.35 23.14
C GLU G 272 5.17 17.52 22.54
N MET G 273 5.85 16.76 23.38
CA MET G 273 6.98 15.92 22.98
C MET G 273 6.69 14.49 23.42
N LEU G 274 6.15 13.70 22.50
CA LEU G 274 5.86 12.30 22.81
C LEU G 274 7.17 11.56 23.07
N ARG G 275 7.17 10.71 24.09
CA ARG G 275 8.33 9.90 24.43
C ARG G 275 7.91 8.44 24.34
N SER G 276 8.80 7.61 23.81
CA SER G 276 8.51 6.19 23.61
C SER G 276 9.81 5.41 23.64
N GLU G 277 10.03 4.66 24.70
CA GLU G 277 11.21 3.80 24.78
C GLU G 277 11.15 2.74 23.70
N TYR G 278 12.28 2.52 23.04
CA TYR G 278 12.32 1.56 21.94
C TYR G 278 13.72 1.04 21.68
N GLY G 279 13.87 -0.29 21.72
CA GLY G 279 15.18 -0.88 21.45
C GLY G 279 16.25 -0.43 22.42
N GLY G 280 15.88 -0.22 23.68
CA GLY G 280 16.84 0.25 24.66
C GLY G 280 17.28 1.68 24.44
N SER G 281 16.47 2.48 23.77
CA SER G 281 16.77 3.88 23.54
C SER G 281 15.48 4.66 23.45
N PHE G 282 15.41 5.79 24.16
CA PHE G 282 14.21 6.61 24.14
C PHE G 282 14.11 7.35 22.82
N ARG G 283 12.88 7.48 22.32
CA ARG G 283 12.59 8.30 21.15
C ARG G 283 11.80 9.53 21.60
N PHE G 284 12.34 10.71 21.34
CA PHE G 284 11.68 11.96 21.67
C PHE G 284 11.22 12.59 20.36
N SER G 285 9.95 12.39 20.03
CA SER G 285 9.39 12.90 18.79
C SER G 285 8.57 14.14 19.09
N SER G 286 8.82 15.21 18.34
CA SER G 286 8.12 16.48 18.51
C SER G 286 7.40 16.81 17.21
N ASP G 287 6.10 16.57 17.17
CA ASP G 287 5.33 16.90 15.97
C ASP G 287 5.36 18.39 15.69
N ALA G 288 5.44 19.21 16.75
CA ALA G 288 5.39 20.66 16.58
C ALA G 288 6.62 21.16 15.82
N ILE G 289 7.81 20.80 16.27
CA ILE G 289 9.04 21.26 15.63
C ILE G 289 9.57 20.26 14.61
N SER G 290 8.87 19.13 14.42
CA SER G 290 9.22 18.15 13.41
C SER G 290 10.65 17.61 13.62
N THR G 291 10.80 16.92 14.75
CA THR G 291 12.10 16.40 15.12
C THR G 291 11.92 15.18 16.02
N THR G 292 12.84 14.22 15.90
CA THR G 292 12.81 13.00 16.70
C THR G 292 14.21 12.73 17.23
N PHE G 293 14.42 13.00 18.51
CA PHE G 293 15.70 12.71 19.13
C PHE G 293 15.74 11.29 19.67
N THR G 294 16.94 10.81 19.96
CA THR G 294 17.15 9.49 20.54
C THR G 294 18.19 9.57 21.63
N THR G 295 17.90 8.98 22.78
CA THR G 295 18.78 9.00 23.93
C THR G 295 18.89 7.61 24.53
N ASN G 296 19.88 7.42 25.39
CA ASN G 296 19.97 6.19 26.17
C ASN G 296 18.90 6.20 27.27
N LEU G 297 18.52 5.00 27.71
CA LEU G 297 17.44 4.89 28.69
C LEU G 297 17.82 5.52 30.02
N THR G 298 19.09 5.46 30.40
CA THR G 298 19.52 6.08 31.64
C THR G 298 19.40 7.60 31.52
N GLU G 299 18.90 8.23 32.58
CA GLU G 299 18.83 9.68 32.59
C GLU G 299 20.22 10.28 32.58
N TYR G 300 20.27 11.59 32.45
CA TYR G 300 21.54 12.30 32.42
C TYR G 300 21.71 13.08 33.71
N PRO G 301 22.69 12.74 34.54
CA PRO G 301 22.89 13.48 35.78
C PRO G 301 23.42 14.88 35.51
N LEU G 302 22.76 15.90 36.07
CA LEU G 302 23.16 17.27 35.82
C LEU G 302 24.53 17.57 36.39
N SER G 303 24.93 16.86 37.44
CA SER G 303 26.25 17.06 38.02
C SER G 303 27.36 16.77 37.01
N ARG G 304 27.06 15.94 36.00
CA ARG G 304 28.06 15.67 34.98
C ARG G 304 28.20 16.83 34.00
N VAL G 305 27.14 17.62 33.81
CA VAL G 305 27.20 18.76 32.91
C VAL G 305 27.96 19.88 33.62
N ASP G 306 29.01 20.38 33.00
CA ASP G 306 29.79 21.46 33.60
C ASP G 306 29.04 22.78 33.46
N LEU G 307 28.95 23.51 34.56
CA LEU G 307 28.29 24.82 34.59
C LEU G 307 26.86 24.73 34.06
N GLY G 308 26.20 23.64 34.40
CA GLY G 308 24.86 23.39 33.90
C GLY G 308 23.76 23.85 34.83
N ASP G 309 24.07 24.83 35.68
CA ASP G 309 23.09 25.30 36.64
C ASP G 309 21.87 25.93 35.97
N CYS G 310 22.09 26.62 34.85
CA CYS G 310 20.98 27.30 34.17
C CYS G 310 19.92 26.29 33.73
N ILE G 311 20.33 25.05 33.48
CA ILE G 311 19.43 24.08 32.88
C ILE G 311 18.22 23.84 33.78
N GLY G 312 18.47 23.62 35.07
CA GLY G 312 17.38 23.32 35.96
C GLY G 312 16.37 24.45 36.06
N LYS G 313 16.86 25.68 36.28
CA LYS G 313 15.96 26.81 36.43
C LYS G 313 15.20 27.10 35.15
N ASP G 314 15.91 27.15 34.02
CA ASP G 314 15.26 27.44 32.75
C ASP G 314 14.25 26.38 32.38
N ALA G 315 14.63 25.11 32.53
CA ALA G 315 13.71 24.01 32.32
C ALA G 315 12.46 24.19 33.17
N ARG G 316 12.64 24.25 34.49
CA ARG G 316 11.54 24.37 35.42
C ARG G 316 10.59 25.49 35.02
N ASP G 317 11.12 26.67 34.72
CA ASP G 317 10.28 27.79 34.32
C ASP G 317 9.51 27.46 33.04
N ALA G 318 10.18 26.86 32.07
CA ALA G 318 9.53 26.57 30.80
C ALA G 318 8.40 25.55 30.96
N MET G 319 8.66 24.45 31.66
CA MET G 319 7.59 23.46 31.85
C MET G 319 6.46 24.02 32.68
N ASP G 320 6.77 24.85 33.68
CA ASP G 320 5.71 25.43 34.48
C ASP G 320 4.84 26.38 33.66
N ARG G 321 5.47 27.22 32.85
CA ARG G 321 4.71 28.14 32.00
C ARG G 321 3.85 27.39 31.01
N ILE G 322 4.43 26.37 30.36
CA ILE G 322 3.67 25.60 29.38
C ILE G 322 2.52 24.86 30.05
N PHE G 323 2.78 24.28 31.22
CA PHE G 323 1.75 23.55 31.94
C PHE G 323 0.60 24.47 32.33
N ALA G 324 0.92 25.67 32.81
CA ALA G 324 -0.12 26.63 33.16
C ALA G 324 -0.91 27.05 31.92
N ARG G 325 -0.22 27.28 30.81
CA ARG G 325 -0.89 27.82 29.63
C ARG G 325 -1.77 26.78 28.94
N ARG G 326 -1.36 25.51 28.93
CA ARG G 326 -2.04 24.51 28.11
C ARG G 326 -2.46 23.25 28.87
N TYR G 327 -1.74 22.86 29.91
CA TYR G 327 -2.02 21.58 30.58
C TYR G 327 -2.41 21.75 32.04
N ASN G 328 -2.88 22.92 32.44
CA ASN G 328 -3.24 23.13 33.85
C ASN G 328 -4.44 22.29 34.24
N ALA G 329 -5.40 22.13 33.33
CA ALA G 329 -6.67 21.47 33.64
C ALA G 329 -6.93 20.28 32.74
N THR G 330 -5.88 19.68 32.19
CA THR G 330 -6.09 18.54 31.31
C THR G 330 -5.18 17.38 31.69
N HIS G 331 -4.04 17.69 32.29
CA HIS G 331 -3.08 16.66 32.66
C HIS G 331 -2.49 17.00 34.01
N ILE G 332 -1.69 16.06 34.53
CA ILE G 332 -0.97 16.23 35.79
C ILE G 332 0.45 15.73 35.60
N LYS G 333 1.41 16.48 36.12
CA LYS G 333 2.80 16.07 36.01
C LYS G 333 3.03 14.75 36.73
N VAL G 334 3.86 13.90 36.13
CA VAL G 334 4.25 12.63 36.73
C VAL G 334 5.76 12.70 36.97
N GLY G 335 6.15 12.74 38.23
CA GLY G 335 7.56 12.80 38.57
C GLY G 335 8.20 14.14 38.27
N GLN G 336 9.27 14.44 38.97
CA GLN G 336 10.03 15.67 38.75
C GLN G 336 10.72 15.60 37.39
N PRO G 337 11.04 16.76 36.80
CA PRO G 337 11.53 16.75 35.41
C PRO G 337 12.78 15.91 35.24
N GLN G 338 12.84 15.20 34.11
CA GLN G 338 13.94 14.29 33.80
C GLN G 338 14.83 14.91 32.74
N TYR G 339 16.04 14.36 32.61
CA TYR G 339 17.05 14.91 31.72
C TYR G 339 17.76 13.80 30.99
N TYR G 340 17.69 13.84 29.66
CA TYR G 340 18.32 12.84 28.80
C TYR G 340 19.25 13.52 27.80
N GLN G 341 20.26 12.77 27.37
CA GLN G 341 21.27 13.25 26.45
C GLN G 341 21.07 12.58 25.09
N ALA G 342 20.83 13.39 24.06
CA ALA G 342 20.44 12.90 22.76
C ALA G 342 21.62 12.88 21.80
N ASN G 343 21.47 12.11 20.73
CA ASN G 343 22.49 12.08 19.69
C ASN G 343 22.67 13.46 19.08
N GLY G 344 23.90 13.78 18.72
CA GLY G 344 24.18 15.13 18.28
C GLY G 344 24.34 16.11 19.41
N GLY G 345 24.43 15.64 20.65
CA GLY G 345 24.65 16.50 21.79
C GLY G 345 23.51 17.45 22.08
N PHE G 346 22.35 16.90 22.45
CA PHE G 346 21.20 17.72 22.81
C PHE G 346 20.65 17.23 24.14
N LEU G 347 21.04 17.89 25.23
CA LEU G 347 20.43 17.59 26.52
C LEU G 347 18.95 17.94 26.47
N ILE G 348 18.14 17.00 26.91
CA ILE G 348 16.69 17.15 26.82
C ILE G 348 16.12 17.15 28.24
N ALA G 349 15.36 18.18 28.57
CA ALA G 349 14.66 18.27 29.84
C ALA G 349 13.23 17.84 29.58
N TYR G 350 12.85 16.69 30.13
CA TYR G 350 11.56 16.08 29.82
C TYR G 350 10.71 16.03 31.08
N GLN G 351 9.48 16.52 30.97
CA GLN G 351 8.53 16.47 32.07
C GLN G 351 7.36 15.60 31.66
N PRO G 352 7.32 14.33 32.07
CA PRO G 352 6.22 13.46 31.66
C PRO G 352 4.88 13.98 32.17
N LEU G 353 3.84 13.72 31.39
CA LEU G 353 2.49 14.09 31.75
C LEU G 353 1.61 12.85 31.71
N LEU G 354 0.36 13.03 32.15
CA LEU G 354 -0.63 11.97 32.15
C LEU G 354 -2.00 12.61 32.20
N SER G 355 -2.90 12.16 31.33
CA SER G 355 -4.23 12.74 31.27
C SER G 355 -4.96 12.53 32.60
N ASN G 356 -5.92 13.40 32.87
CA ASN G 356 -6.71 13.27 34.09
C ASN G 356 -7.45 11.94 34.14
N THR G 357 -7.68 11.33 32.98
CA THR G 357 -8.28 10.01 32.92
C THR G 357 -7.37 8.96 33.54
N VAL G 390 32.10 15.24 35.73
CA VAL G 390 32.03 16.55 35.12
C VAL G 390 32.66 16.52 33.73
N GLU G 391 31.92 17.04 32.75
CA GLU G 391 32.38 17.05 31.36
C GLU G 391 31.68 18.20 30.65
N ARG G 392 31.95 18.33 29.36
CA ARG G 392 31.26 19.26 28.49
C ARG G 392 30.72 18.50 27.28
N ILE G 393 29.45 18.71 26.98
CA ILE G 393 28.81 18.07 25.84
C ILE G 393 29.13 18.86 24.58
N LYS G 394 29.14 18.17 23.44
CA LYS G 394 29.35 18.81 22.16
C LYS G 394 28.14 18.59 21.27
N THR G 395 27.63 19.66 20.68
CA THR G 395 26.40 19.62 19.90
C THR G 395 26.71 19.74 18.41
N THR G 396 26.04 18.91 17.62
CA THR G 396 26.17 18.99 16.17
C THR G 396 25.64 20.33 15.67
N SER G 397 25.92 20.61 14.40
CA SER G 397 25.46 21.84 13.76
C SER G 397 24.36 21.58 12.74
N SER G 398 23.76 20.40 12.75
CA SER G 398 22.75 20.04 11.76
C SER G 398 21.64 19.27 12.46
N ILE G 399 20.48 19.91 12.60
CA ILE G 399 19.29 19.21 13.04
C ILE G 399 18.79 18.25 11.98
N GLU G 400 19.25 18.43 10.74
CA GLU G 400 18.68 17.72 9.62
C GLU G 400 18.78 16.21 9.80
N PHE G 401 19.76 15.73 10.56
CA PHE G 401 19.77 14.32 10.90
C PHE G 401 18.52 13.95 11.69
N ALA G 402 18.14 14.78 12.66
CA ALA G 402 16.99 14.48 13.50
C ALA G 402 15.69 14.74 12.75
N ARG G 403 15.67 15.76 11.89
CA ARG G 403 14.47 15.99 11.09
C ARG G 403 14.25 14.89 10.07
N LEU G 404 15.32 14.38 9.46
CA LEU G 404 15.19 13.17 8.66
C LEU G 404 14.73 12.00 9.50
N GLN G 405 15.25 11.87 10.70
CA GLN G 405 14.80 10.78 11.56
C GLN G 405 13.31 10.88 11.81
N PHE G 406 12.81 12.09 12.07
CA PHE G 406 11.39 12.27 12.34
C PHE G 406 10.55 12.03 11.09
N THR G 407 10.98 12.57 9.95
CA THR G 407 10.22 12.38 8.71
C THR G 407 10.18 10.91 8.34
N TYR G 408 11.33 10.25 8.38
CA TYR G 408 11.41 8.84 8.04
C TYR G 408 10.58 8.00 9.00
N ASN G 409 10.66 8.31 10.30
CA ASN G 409 9.88 7.54 11.27
C ASN G 409 8.39 7.77 11.10
N HIS G 410 7.98 9.01 10.83
CA HIS G 410 6.57 9.30 10.60
C HIS G 410 6.06 8.53 9.38
N ILE G 411 6.78 8.64 8.26
CA ILE G 411 6.37 7.97 7.04
C ILE G 411 6.40 6.46 7.24
N GLN G 412 7.39 5.97 7.98
CA GLN G 412 7.51 4.53 8.21
C GLN G 412 6.38 4.02 9.08
N ARG G 413 6.06 4.72 10.17
CA ARG G 413 4.90 4.35 10.97
C ARG G 413 3.67 4.29 10.09
N HIS G 414 3.44 5.31 9.27
CA HIS G 414 2.26 5.31 8.43
C HIS G 414 2.24 4.12 7.48
N VAL G 415 3.32 3.94 6.72
CA VAL G 415 3.31 2.93 5.67
C VAL G 415 3.31 1.53 6.28
N ASN G 416 4.05 1.32 7.36
CA ASN G 416 4.03 0.03 8.03
C ASN G 416 2.66 -0.28 8.57
N ASP G 417 2.01 0.69 9.22
CA ASP G 417 0.66 0.47 9.71
C ASP G 417 -0.30 0.15 8.58
N MET G 418 -0.21 0.89 7.48
CA MET G 418 -1.19 0.73 6.41
C MET G 418 -0.96 -0.56 5.64
N LEU G 419 0.29 -0.89 5.36
CA LEU G 419 0.59 -2.15 4.69
C LEU G 419 0.31 -3.34 5.62
N GLY G 420 0.46 -3.16 6.93
CA GLY G 420 0.04 -4.21 7.84
C GLY G 420 -1.45 -4.42 7.82
N ARG G 421 -2.22 -3.33 7.79
CA ARG G 421 -3.65 -3.45 7.65
C ARG G 421 -4.01 -4.10 6.33
N VAL G 422 -3.30 -3.75 5.26
CA VAL G 422 -3.56 -4.34 3.95
C VAL G 422 -3.28 -5.84 3.98
N ALA G 423 -2.16 -6.24 4.59
CA ALA G 423 -1.82 -7.66 4.65
C ALA G 423 -2.81 -8.43 5.52
N ILE G 424 -3.22 -7.83 6.65
CA ILE G 424 -4.20 -8.48 7.51
C ILE G 424 -5.52 -8.65 6.78
N ALA G 425 -5.99 -7.59 6.12
CA ALA G 425 -7.23 -7.67 5.36
C ALA G 425 -7.09 -8.64 4.19
N TRP G 426 -5.88 -8.77 3.66
CA TRP G 426 -5.67 -9.71 2.56
C TRP G 426 -5.76 -11.15 3.04
N CYS G 427 -5.17 -11.43 4.20
CA CYS G 427 -5.33 -12.76 4.79
C CYS G 427 -6.80 -13.04 5.06
N GLU G 428 -7.49 -12.07 5.65
CA GLU G 428 -8.90 -12.27 5.95
C GLU G 428 -9.68 -12.49 4.67
N LEU G 429 -9.32 -11.79 3.60
CA LEU G 429 -9.95 -11.99 2.31
C LEU G 429 -9.70 -13.39 1.79
N GLN G 430 -8.48 -13.90 1.92
CA GLN G 430 -8.18 -15.24 1.43
C GLN G 430 -8.94 -16.30 2.21
N ASN G 431 -8.88 -16.24 3.54
CA ASN G 431 -9.62 -17.17 4.37
C ASN G 431 -11.12 -17.05 4.11
N HIS G 432 -11.56 -15.85 3.76
CA HIS G 432 -12.97 -15.59 3.57
C HIS G 432 -13.44 -16.13 2.22
N GLU G 433 -12.58 -16.01 1.20
CA GLU G 433 -12.85 -16.52 -0.13
C GLU G 433 -12.73 -18.04 -0.19
N LEU G 434 -12.05 -18.65 0.79
CA LEU G 434 -11.96 -20.11 0.79
C LEU G 434 -13.33 -20.76 0.78
N THR G 435 -14.32 -20.15 1.42
CA THR G 435 -15.67 -20.72 1.40
C THR G 435 -16.24 -20.73 -0.02
N LEU G 436 -16.10 -19.62 -0.74
CA LEU G 436 -16.53 -19.58 -2.12
C LEU G 436 -15.78 -20.62 -2.95
N TRP G 437 -14.50 -20.80 -2.65
CA TRP G 437 -13.73 -21.78 -3.39
C TRP G 437 -14.21 -23.20 -3.13
N ASN G 438 -14.59 -23.49 -1.89
CA ASN G 438 -15.17 -24.79 -1.58
C ASN G 438 -16.45 -25.01 -2.38
N GLU G 439 -17.32 -24.01 -2.38
CA GLU G 439 -18.58 -24.15 -3.12
C GLU G 439 -18.34 -24.34 -4.60
N ALA G 440 -17.40 -23.59 -5.17
CA ALA G 440 -17.10 -23.72 -6.59
C ALA G 440 -16.52 -25.09 -6.90
N ARG G 441 -15.59 -25.56 -6.08
CA ARG G 441 -15.00 -26.88 -6.34
C ARG G 441 -16.06 -27.96 -6.25
N LYS G 442 -17.10 -27.73 -5.44
CA LYS G 442 -18.24 -28.64 -5.50
C LYS G 442 -19.01 -28.47 -6.80
N LEU G 443 -19.03 -27.26 -7.35
CA LEU G 443 -19.80 -27.01 -8.57
C LEU G 443 -19.10 -27.56 -9.80
N ASN G 444 -17.93 -27.03 -10.14
CA ASN G 444 -17.22 -27.37 -11.37
C ASN G 444 -15.80 -27.75 -11.03
N PRO G 445 -15.60 -28.93 -10.44
CA PRO G 445 -14.27 -29.26 -9.90
C PRO G 445 -13.15 -29.19 -10.91
N ASN G 446 -13.45 -29.40 -12.19
CA ASN G 446 -12.41 -29.36 -13.21
C ASN G 446 -11.74 -27.99 -13.24
N ALA G 447 -12.53 -26.92 -13.34
CA ALA G 447 -11.96 -25.59 -13.50
C ALA G 447 -11.20 -25.16 -12.25
N ILE G 448 -11.81 -25.37 -11.08
CA ILE G 448 -11.14 -25.00 -9.83
C ILE G 448 -9.86 -25.77 -9.63
N ALA G 449 -9.87 -27.09 -9.89
CA ALA G 449 -8.64 -27.85 -9.76
C ALA G 449 -7.59 -27.36 -10.75
N SER G 450 -8.00 -27.06 -11.98
CA SER G 450 -7.04 -26.58 -12.97
C SER G 450 -6.41 -25.27 -12.55
N VAL G 451 -7.21 -24.36 -11.98
CA VAL G 451 -6.68 -23.08 -11.54
C VAL G 451 -5.76 -23.27 -10.34
N THR G 452 -6.20 -24.06 -9.36
CA THR G 452 -5.48 -24.15 -8.10
C THR G 452 -4.17 -24.94 -8.26
N VAL G 453 -4.23 -26.09 -8.93
CA VAL G 453 -3.02 -26.90 -9.10
C VAL G 453 -2.04 -26.17 -10.00
N GLY G 454 -2.53 -25.49 -11.02
CA GLY G 454 -1.68 -24.78 -11.94
C GLY G 454 -1.56 -25.37 -13.32
N ARG G 455 -2.40 -26.34 -13.67
CA ARG G 455 -2.36 -26.96 -14.99
C ARG G 455 -3.69 -27.62 -15.25
N ARG G 456 -4.06 -27.73 -16.53
CA ARG G 456 -5.32 -28.34 -16.90
C ARG G 456 -5.35 -29.79 -16.42
N VAL G 457 -6.22 -30.06 -15.44
CA VAL G 457 -6.32 -31.39 -14.83
C VAL G 457 -7.78 -31.73 -14.65
N SER G 458 -8.14 -32.98 -14.93
CA SER G 458 -9.48 -33.46 -14.62
C SER G 458 -9.59 -33.75 -13.14
N ALA G 459 -10.72 -33.40 -12.55
CA ALA G 459 -10.90 -33.58 -11.11
C ALA G 459 -12.32 -34.00 -10.79
N ARG G 460 -12.46 -34.60 -9.61
CA ARG G 460 -13.75 -34.95 -9.06
C ARG G 460 -13.58 -35.07 -7.55
N MET G 461 -14.64 -34.71 -6.82
CA MET G 461 -14.56 -34.77 -5.38
C MET G 461 -14.67 -36.21 -4.89
N LEU G 462 -13.89 -36.53 -3.86
CA LEU G 462 -13.92 -37.81 -3.19
C LEU G 462 -14.41 -37.63 -1.77
N GLY G 463 -15.49 -36.88 -1.61
CA GLY G 463 -15.95 -36.51 -0.29
C GLY G 463 -15.52 -35.10 0.05
N ASP G 464 -14.45 -34.98 0.82
CA ASP G 464 -13.91 -33.68 1.19
C ASP G 464 -12.53 -33.44 0.61
N VAL G 465 -12.12 -34.24 -0.38
CA VAL G 465 -10.86 -34.05 -1.08
C VAL G 465 -11.13 -34.20 -2.57
N MET G 466 -10.20 -33.68 -3.37
CA MET G 466 -10.29 -33.73 -4.82
C MET G 466 -9.28 -34.74 -5.35
N ALA G 467 -9.70 -35.51 -6.34
CA ALA G 467 -8.80 -36.40 -7.06
C ALA G 467 -8.49 -35.80 -8.42
N VAL G 468 -7.22 -35.56 -8.69
CA VAL G 468 -6.81 -34.90 -9.93
C VAL G 468 -6.10 -35.88 -10.82
N SER G 469 -6.05 -35.54 -12.10
CA SER G 469 -5.36 -36.35 -13.10
C SER G 469 -5.09 -35.47 -14.30
N THR G 470 -3.83 -35.34 -14.69
CA THR G 470 -3.45 -34.38 -15.71
C THR G 470 -4.09 -34.75 -17.05
N CYS G 471 -4.51 -33.73 -17.80
CA CYS G 471 -5.14 -33.90 -19.09
C CYS G 471 -4.11 -33.78 -20.20
N VAL G 472 -4.23 -34.63 -21.21
CA VAL G 472 -3.31 -34.66 -22.34
C VAL G 472 -3.63 -33.51 -23.29
N PRO G 473 -2.69 -32.62 -23.56
CA PRO G 473 -2.94 -31.56 -24.54
C PRO G 473 -3.11 -32.14 -25.94
N VAL G 474 -3.90 -31.44 -26.74
CA VAL G 474 -4.16 -31.83 -28.13
C VAL G 474 -3.94 -30.61 -29.01
N ALA G 475 -3.23 -30.80 -30.12
CA ALA G 475 -2.96 -29.70 -31.03
C ALA G 475 -4.26 -29.13 -31.58
N ALA G 476 -4.28 -27.81 -31.79
CA ALA G 476 -5.49 -27.16 -32.27
C ALA G 476 -5.88 -27.66 -33.65
N ASP G 477 -4.89 -27.82 -34.54
CA ASP G 477 -5.17 -28.24 -35.90
C ASP G 477 -5.71 -29.66 -35.99
N ASN G 478 -5.60 -30.44 -34.91
CA ASN G 478 -6.06 -31.82 -34.90
C ASN G 478 -7.48 -31.97 -34.35
N VAL G 479 -8.31 -30.94 -34.48
CA VAL G 479 -9.67 -30.97 -33.96
C VAL G 479 -10.63 -30.53 -35.06
N ILE G 480 -11.67 -31.33 -35.28
CA ILE G 480 -12.66 -31.07 -36.32
C ILE G 480 -14.04 -31.07 -35.69
N VAL G 481 -14.85 -30.09 -36.04
CA VAL G 481 -16.20 -29.94 -35.50
C VAL G 481 -17.19 -30.47 -36.52
N GLN G 482 -18.04 -31.40 -36.10
CA GLN G 482 -19.14 -31.82 -36.94
C GLN G 482 -20.16 -30.68 -37.06
N ASN G 483 -20.66 -30.48 -38.28
CA ASN G 483 -21.48 -29.30 -38.56
C ASN G 483 -22.77 -29.32 -37.75
N SER G 484 -23.38 -30.48 -37.59
CA SER G 484 -24.67 -30.57 -36.94
C SER G 484 -24.55 -31.20 -35.56
N MET G 485 -25.20 -30.57 -34.57
CA MET G 485 -25.36 -31.18 -33.26
C MET G 485 -26.64 -31.99 -33.15
N ARG G 486 -27.40 -32.11 -34.23
CA ARG G 486 -28.59 -32.96 -34.20
C ARG G 486 -28.20 -34.41 -33.97
N ILE G 487 -29.21 -35.20 -33.62
CA ILE G 487 -29.09 -36.65 -33.54
C ILE G 487 -30.18 -37.19 -34.45
N SER G 488 -29.84 -37.46 -35.71
CA SER G 488 -30.86 -37.84 -36.67
C SER G 488 -31.57 -39.12 -36.27
N SER G 489 -30.90 -39.98 -35.50
CA SER G 489 -31.51 -41.25 -35.13
C SER G 489 -32.68 -41.11 -34.18
N ARG G 490 -32.90 -39.92 -33.62
CA ARG G 490 -34.00 -39.77 -32.66
C ARG G 490 -34.53 -38.34 -32.66
N PRO G 491 -35.85 -38.17 -32.59
CA PRO G 491 -36.42 -36.82 -32.66
C PRO G 491 -36.25 -36.08 -31.36
N GLY G 492 -36.19 -34.74 -31.48
CA GLY G 492 -36.20 -33.87 -30.33
C GLY G 492 -34.97 -33.91 -29.46
N ALA G 493 -34.08 -34.87 -29.67
CA ALA G 493 -32.87 -35.01 -28.87
C ALA G 493 -31.70 -34.37 -29.61
N CYS G 494 -31.06 -33.39 -28.98
CA CYS G 494 -29.94 -32.68 -29.55
C CYS G 494 -28.73 -32.75 -28.64
N TYR G 495 -27.55 -32.82 -29.26
CA TYR G 495 -26.32 -32.68 -28.50
C TYR G 495 -26.22 -31.27 -27.97
N SER G 496 -26.14 -31.12 -26.65
CA SER G 496 -26.11 -29.79 -26.06
C SER G 496 -24.78 -29.10 -26.26
N ARG G 497 -23.78 -29.81 -26.77
CA ARG G 497 -22.44 -29.28 -26.90
C ARG G 497 -21.79 -29.92 -28.12
N PRO G 498 -21.13 -29.12 -28.97
CA PRO G 498 -20.76 -29.62 -30.30
C PRO G 498 -19.90 -30.86 -30.27
N LEU G 499 -20.15 -31.74 -31.23
CA LEU G 499 -19.36 -32.95 -31.43
C LEU G 499 -18.04 -32.58 -32.08
N VAL G 500 -16.98 -33.26 -31.67
CA VAL G 500 -15.65 -33.02 -32.22
C VAL G 500 -14.99 -34.37 -32.52
N SER G 501 -14.33 -34.45 -33.66
CA SER G 501 -13.44 -35.56 -33.99
C SER G 501 -12.01 -35.04 -33.91
N PHE G 502 -11.15 -35.80 -33.25
CA PHE G 502 -9.80 -35.33 -32.97
C PHE G 502 -8.82 -36.51 -33.01
N ARG G 503 -7.55 -36.17 -33.15
CA ARG G 503 -6.46 -37.14 -33.13
C ARG G 503 -5.36 -36.61 -32.22
N TYR G 504 -4.81 -37.49 -31.38
CA TYR G 504 -3.78 -37.06 -30.44
C TYR G 504 -2.54 -36.57 -31.17
N GLU G 505 -2.11 -37.29 -32.20
CA GLU G 505 -0.94 -36.91 -32.99
C GLU G 505 -1.37 -36.57 -34.41
N ASP G 506 -0.42 -35.98 -35.15
CA ASP G 506 -0.72 -35.53 -36.50
C ASP G 506 -1.10 -36.67 -37.44
N GLN G 507 -0.80 -37.91 -37.08
CA GLN G 507 -1.16 -39.07 -37.87
C GLN G 507 -1.98 -40.10 -37.10
N GLY G 508 -2.36 -39.81 -35.87
CA GLY G 508 -3.12 -40.73 -35.06
C GLY G 508 -4.50 -41.00 -35.63
N PRO G 509 -5.09 -42.12 -35.23
CA PRO G 509 -6.45 -42.43 -35.71
C PRO G 509 -7.45 -41.36 -35.26
N LEU G 510 -8.42 -41.10 -36.11
CA LEU G 510 -9.45 -40.13 -35.79
C LEU G 510 -10.33 -40.65 -34.66
N VAL G 511 -10.41 -39.89 -33.58
CA VAL G 511 -11.14 -40.30 -32.38
C VAL G 511 -12.32 -39.37 -32.19
N GLU G 512 -13.51 -39.95 -32.05
CA GLU G 512 -14.71 -39.17 -31.82
C GLU G 512 -14.72 -38.63 -30.39
N GLY G 513 -15.47 -37.57 -30.19
CA GLY G 513 -15.58 -36.96 -28.88
C GLY G 513 -16.56 -35.81 -28.91
N GLN G 514 -16.69 -35.15 -27.77
CA GLN G 514 -17.57 -34.01 -27.65
C GLN G 514 -16.82 -32.86 -26.99
N LEU G 515 -17.08 -31.65 -27.46
CA LEU G 515 -16.43 -30.47 -26.92
C LEU G 515 -16.86 -30.27 -25.48
N GLY G 516 -16.06 -29.51 -24.73
CA GLY G 516 -16.41 -29.21 -23.36
C GLY G 516 -16.34 -27.73 -23.06
N GLU G 517 -15.65 -27.37 -21.97
CA GLU G 517 -15.48 -25.98 -21.59
C GLU G 517 -13.99 -25.70 -21.47
N ASN G 518 -13.60 -24.49 -21.87
CA ASN G 518 -12.19 -24.13 -22.00
C ASN G 518 -11.45 -25.12 -22.88
N ASN G 519 -12.04 -25.42 -24.03
CA ASN G 519 -11.41 -26.23 -25.08
C ASN G 519 -11.18 -27.67 -24.64
N GLU G 520 -11.80 -28.11 -23.56
CA GLU G 520 -11.66 -29.50 -23.13
C GLU G 520 -12.45 -30.43 -24.03
N LEU G 521 -11.82 -31.51 -24.47
CA LEU G 521 -12.45 -32.51 -25.31
C LEU G 521 -12.88 -33.69 -24.45
N ARG G 522 -14.16 -34.01 -24.47
CA ARG G 522 -14.70 -35.11 -23.69
C ARG G 522 -14.81 -36.34 -24.57
N LEU G 523 -14.31 -37.48 -24.07
CA LEU G 523 -14.26 -38.69 -24.86
C LEU G 523 -15.62 -39.33 -25.07
N THR G 524 -16.65 -38.92 -24.33
CA THR G 524 -17.97 -39.52 -24.42
C THR G 524 -18.97 -38.49 -24.90
N ARG G 525 -19.71 -38.84 -25.96
CA ARG G 525 -20.75 -37.98 -26.51
C ARG G 525 -22.04 -38.27 -25.76
N ASP G 526 -22.23 -37.61 -24.62
CA ASP G 526 -23.37 -37.87 -23.76
C ASP G 526 -24.16 -36.64 -23.38
N ALA G 527 -23.64 -35.44 -23.58
CA ALA G 527 -24.36 -34.23 -23.19
C ALA G 527 -25.52 -33.97 -24.14
N ILE G 528 -26.64 -34.63 -23.91
CA ILE G 528 -27.81 -34.53 -24.77
C ILE G 528 -28.90 -33.73 -24.07
N GLU G 529 -29.51 -32.81 -24.82
CA GLU G 529 -30.59 -31.99 -24.31
C GLU G 529 -31.72 -32.01 -25.32
N PRO G 530 -32.95 -31.76 -24.89
CA PRO G 530 -34.05 -31.63 -25.86
C PRO G 530 -33.79 -30.47 -26.82
N CYS G 531 -34.16 -30.67 -28.09
CA CYS G 531 -33.93 -29.64 -29.08
C CYS G 531 -34.84 -28.45 -28.83
N THR G 532 -34.32 -27.25 -29.06
CA THR G 532 -35.02 -26.02 -28.73
C THR G 532 -35.13 -25.14 -29.96
N VAL G 533 -36.28 -24.49 -30.13
CA VAL G 533 -36.42 -23.52 -31.20
C VAL G 533 -35.59 -22.28 -30.87
N GLY G 534 -35.18 -21.57 -31.91
CA GLY G 534 -34.36 -20.39 -31.71
C GLY G 534 -33.05 -20.70 -31.00
N HIS G 535 -32.44 -21.82 -31.34
CA HIS G 535 -31.27 -22.32 -30.63
C HIS G 535 -30.03 -21.59 -31.13
N ARG G 536 -29.65 -20.52 -30.44
CA ARG G 536 -28.41 -19.82 -30.72
C ARG G 536 -27.42 -20.12 -29.61
N ARG G 537 -26.21 -20.50 -29.98
CA ARG G 537 -25.18 -20.84 -29.00
C ARG G 537 -23.82 -20.41 -29.52
N TYR G 538 -22.99 -19.94 -28.60
CA TYR G 538 -21.58 -19.67 -28.87
C TYR G 538 -20.78 -20.60 -27.97
N PHE G 539 -19.88 -21.38 -28.55
CA PHE G 539 -19.07 -22.31 -27.78
C PHE G 539 -17.60 -21.94 -27.93
N THR G 540 -16.87 -21.92 -26.82
CA THR G 540 -15.45 -21.67 -26.90
C THR G 540 -14.78 -22.78 -27.70
N PHE G 541 -13.92 -22.38 -28.63
CA PHE G 541 -13.27 -23.33 -29.53
C PHE G 541 -11.94 -22.72 -29.96
N GLY G 542 -10.85 -23.29 -29.47
CA GLY G 542 -9.55 -22.69 -29.74
C GLY G 542 -9.49 -21.29 -29.18
N GLY G 543 -9.01 -20.35 -30.00
CA GLY G 543 -8.88 -18.97 -29.56
C GLY G 543 -10.14 -18.14 -29.65
N GLY G 544 -11.20 -18.68 -30.25
CA GLY G 544 -12.44 -17.94 -30.41
C GLY G 544 -13.63 -18.84 -30.12
N TYR G 545 -14.76 -18.49 -30.73
CA TYR G 545 -15.99 -19.24 -30.54
C TYR G 545 -16.44 -19.86 -31.86
N VAL G 546 -17.37 -20.78 -31.75
CA VAL G 546 -17.96 -21.46 -32.91
C VAL G 546 -19.47 -21.27 -32.81
N TYR G 547 -19.97 -20.23 -33.46
CA TYR G 547 -21.38 -19.88 -33.36
C TYR G 547 -22.24 -20.96 -34.00
N PHE G 548 -23.29 -21.36 -33.30
CA PHE G 548 -24.21 -22.39 -33.77
C PHE G 548 -25.63 -21.84 -33.81
N GLU G 549 -26.37 -22.23 -34.84
CA GLU G 549 -27.78 -21.85 -34.96
C GLU G 549 -28.59 -23.08 -35.34
N GLU G 550 -29.70 -23.29 -34.62
CA GLU G 550 -30.60 -24.41 -34.90
C GLU G 550 -29.85 -25.73 -34.94
N TYR G 551 -28.91 -25.89 -34.01
CA TYR G 551 -28.08 -27.09 -33.93
C TYR G 551 -27.36 -27.36 -35.24
N ALA G 552 -26.80 -26.32 -35.83
CA ALA G 552 -26.01 -26.42 -37.05
C ALA G 552 -24.89 -25.40 -37.02
N TYR G 553 -23.71 -25.82 -37.46
CA TYR G 553 -22.57 -24.93 -37.50
C TYR G 553 -22.86 -23.72 -38.37
N SER G 554 -22.55 -22.54 -37.87
CA SER G 554 -22.71 -21.31 -38.64
C SER G 554 -21.37 -20.75 -39.11
N HIS G 555 -20.46 -20.46 -38.18
CA HIS G 555 -19.13 -19.97 -38.50
C HIS G 555 -18.35 -19.79 -37.20
N GLN G 556 -17.04 -19.76 -37.33
CA GLN G 556 -16.19 -19.42 -36.19
C GLN G 556 -16.16 -17.91 -36.01
N LEU G 557 -15.91 -17.49 -34.78
CA LEU G 557 -15.82 -16.07 -34.44
C LEU G 557 -14.48 -15.79 -33.79
N SER G 558 -13.88 -14.66 -34.13
CA SER G 558 -12.71 -14.20 -33.41
C SER G 558 -13.10 -13.85 -31.99
N ARG G 559 -12.13 -13.90 -31.09
CA ARG G 559 -12.41 -13.65 -29.68
C ARG G 559 -12.93 -12.23 -29.46
N ALA G 560 -12.38 -11.28 -30.21
CA ALA G 560 -12.77 -9.88 -30.03
C ALA G 560 -14.04 -9.50 -30.79
N ASP G 561 -14.62 -10.42 -31.56
CA ASP G 561 -15.85 -10.10 -32.27
C ASP G 561 -17.04 -9.93 -31.35
N ILE G 562 -16.91 -10.32 -30.09
CA ILE G 562 -17.99 -10.23 -29.11
C ILE G 562 -17.62 -9.20 -28.06
N THR G 563 -18.58 -8.35 -27.71
CA THR G 563 -18.35 -7.32 -26.71
C THR G 563 -17.89 -7.96 -25.40
N THR G 564 -16.97 -7.28 -24.73
CA THR G 564 -16.31 -7.81 -23.55
C THR G 564 -16.69 -6.99 -22.32
N VAL G 565 -17.14 -7.67 -21.27
CA VAL G 565 -17.42 -7.05 -19.98
C VAL G 565 -16.41 -7.60 -18.98
N SER G 566 -15.91 -6.72 -18.12
CA SER G 566 -14.80 -7.05 -17.24
C SER G 566 -15.30 -7.32 -15.83
N THR G 567 -15.03 -8.53 -15.34
CA THR G 567 -15.23 -8.82 -13.92
C THR G 567 -14.05 -8.35 -13.08
N PHE G 568 -12.94 -7.98 -13.70
CA PHE G 568 -11.80 -7.46 -12.98
C PHE G 568 -12.11 -6.06 -12.46
N ILE G 569 -11.36 -5.65 -11.45
CA ILE G 569 -11.48 -4.32 -10.89
C ILE G 569 -10.11 -3.65 -11.04
N ASP G 570 -10.08 -2.59 -11.85
CA ASP G 570 -8.81 -1.94 -12.15
C ASP G 570 -8.21 -1.33 -10.89
N LEU G 571 -6.94 -1.60 -10.68
CA LEU G 571 -6.15 -1.00 -9.60
C LEU G 571 -4.95 -0.38 -10.28
N ASN G 572 -5.12 0.84 -10.78
CA ASN G 572 -4.08 1.49 -11.56
C ASN G 572 -2.97 1.99 -10.65
N ILE G 573 -2.12 1.08 -10.18
CA ILE G 573 -1.02 1.41 -9.29
C ILE G 573 0.18 1.71 -10.18
N THR G 574 0.47 2.98 -10.39
CA THR G 574 1.72 3.34 -11.04
C THR G 574 2.77 3.50 -9.95
N MET G 575 4.01 3.77 -10.34
CA MET G 575 5.13 3.65 -9.41
C MET G 575 5.72 5.02 -9.14
N LEU G 576 6.12 5.23 -7.88
CA LEU G 576 6.80 6.46 -7.52
C LEU G 576 8.06 6.60 -8.35
N GLU G 577 8.10 7.59 -9.23
CA GLU G 577 9.20 7.73 -10.14
C GLU G 577 10.48 8.14 -9.40
N ASP G 578 11.62 7.79 -9.97
CA ASP G 578 12.88 8.23 -9.43
C ASP G 578 12.96 9.75 -9.47
N HIS G 579 13.45 10.33 -8.37
CA HIS G 579 13.64 11.77 -8.29
C HIS G 579 15.05 12.04 -7.80
N GLU G 580 15.71 12.99 -8.44
CA GLU G 580 17.11 13.29 -8.16
C GLU G 580 17.20 14.62 -7.41
N PHE G 581 17.94 14.61 -6.31
CA PHE G 581 18.07 15.76 -5.45
C PHE G 581 19.40 16.45 -5.74
N VAL G 582 19.33 17.66 -6.28
CA VAL G 582 20.53 18.42 -6.58
C VAL G 582 21.04 19.04 -5.28
N PRO G 583 22.34 19.22 -5.13
CA PRO G 583 22.85 19.95 -3.96
C PRO G 583 22.31 21.36 -3.94
N LEU G 584 21.93 21.82 -2.75
CA LEU G 584 21.25 23.10 -2.61
C LEU G 584 21.73 23.80 -1.35
N GLU G 585 22.09 25.07 -1.51
CA GLU G 585 22.53 25.89 -0.40
C GLU G 585 21.91 27.27 -0.56
N VAL G 586 21.22 27.74 0.49
CA VAL G 586 20.80 29.13 0.49
C VAL G 586 22.02 30.03 0.48
N TYR G 587 23.09 29.60 1.15
CA TYR G 587 24.32 30.38 1.23
C TYR G 587 25.49 29.42 1.25
N THR G 588 26.25 29.38 0.17
CA THR G 588 27.48 28.58 0.17
C THR G 588 28.45 29.16 1.19
N ARG G 589 29.36 28.31 1.67
CA ARG G 589 30.29 28.78 2.69
C ARG G 589 31.18 29.89 2.16
N HIS G 590 31.34 30.00 0.84
CA HIS G 590 32.12 31.10 0.28
C HIS G 590 31.43 32.43 0.48
N GLU G 591 30.14 32.52 0.14
CA GLU G 591 29.44 33.77 0.36
C GLU G 591 29.18 34.03 1.83
N ILE G 592 29.12 32.98 2.65
CA ILE G 592 29.01 33.18 4.10
C ILE G 592 30.30 33.78 4.64
N LYS G 593 31.45 33.33 4.13
CA LYS G 593 32.72 33.94 4.51
C LYS G 593 32.81 35.36 3.98
N ASP G 594 32.32 35.59 2.77
CA ASP G 594 32.38 36.90 2.15
C ASP G 594 31.42 37.89 2.79
N SER G 595 30.42 37.40 3.53
CA SER G 595 29.44 38.30 4.15
C SER G 595 30.11 39.29 5.09
N GLY G 596 31.20 38.88 5.74
CA GLY G 596 31.93 39.80 6.57
C GLY G 596 32.58 40.91 5.77
N LEU G 597 32.58 42.11 6.35
CA LEU G 597 33.17 43.26 5.66
C LEU G 597 34.67 43.10 5.47
N LEU G 598 35.37 42.57 6.47
CA LEU G 598 36.81 42.41 6.40
C LEU G 598 37.18 41.02 6.90
N ASP G 599 38.48 40.72 6.87
CA ASP G 599 39.00 39.46 7.37
C ASP G 599 40.52 39.55 7.45
N TYR G 600 41.09 39.03 8.54
CA TYR G 600 42.54 39.01 8.71
C TYR G 600 43.32 38.64 7.47
N THR G 601 42.93 37.55 6.83
CA THR G 601 43.69 37.03 5.70
C THR G 601 43.87 38.14 4.68
N GLU G 602 42.77 38.54 4.05
CA GLU G 602 42.84 39.56 3.02
C GLU G 602 43.45 40.85 3.58
N VAL G 603 42.92 41.31 4.71
CA VAL G 603 43.21 42.65 5.21
C VAL G 603 44.68 42.80 5.53
N GLN G 604 45.18 42.07 6.52
CA GLN G 604 46.57 42.40 6.80
C GLN G 604 47.54 41.62 5.95
N ARG G 605 47.07 40.65 5.15
CA ARG G 605 47.93 40.15 4.09
C ARG G 605 48.30 41.30 3.18
N ARG G 606 47.30 42.06 2.74
CA ARG G 606 47.56 43.25 1.94
C ARG G 606 48.37 44.28 2.74
N ASN G 607 48.02 44.46 4.00
CA ASN G 607 48.67 45.48 4.82
C ASN G 607 50.15 45.17 5.05
N GLN G 608 50.54 43.90 4.95
CA GLN G 608 51.96 43.62 5.11
C GLN G 608 52.67 43.40 3.77
N LEU G 609 51.94 43.13 2.69
CA LEU G 609 52.50 43.39 1.37
C LEU G 609 52.90 44.83 1.23
N HIS G 610 52.12 45.74 1.82
CA HIS G 610 52.34 47.17 1.61
C HIS G 610 53.82 47.56 1.54
N ASP G 611 54.61 47.07 2.50
CA ASP G 611 56.05 47.37 2.52
C ASP G 611 56.75 46.78 1.29
N LEU G 612 56.51 45.49 1.02
CA LEU G 612 57.12 44.82 -0.11
C LEU G 612 56.76 45.48 -1.44
N ARG G 613 55.47 45.71 -1.65
CA ARG G 613 54.98 46.29 -2.89
C ARG G 613 55.47 47.71 -3.08
N PHE G 614 55.42 48.53 -2.04
CA PHE G 614 55.59 49.96 -2.20
C PHE G 614 56.94 50.42 -1.67
N ALA G 615 57.88 49.49 -1.51
CA ALA G 615 59.22 49.81 -1.06
C ALA G 615 60.11 48.60 -1.32
N ASP G 616 61.42 48.83 -1.25
CA ASP G 616 62.40 47.75 -1.38
C ASP G 616 62.81 47.28 0.00
N ILE G 617 62.82 45.96 0.19
CA ILE G 617 63.23 45.37 1.46
C ILE G 617 64.59 44.71 1.37
N ASP G 618 65.34 44.99 0.32
CA ASP G 618 66.63 44.33 0.14
C ASP G 618 67.73 45.34 -0.06
N THR G 619 67.43 46.44 -0.76
CA THR G 619 68.43 47.44 -1.04
C THR G 619 68.96 48.07 0.24
N VAL G 620 70.28 48.20 0.32
CA VAL G 620 70.93 48.74 1.52
C VAL G 620 71.72 49.97 1.12
N ILE G 621 71.55 51.04 1.87
CA ILE G 621 72.19 52.31 1.55
C ILE G 621 73.10 52.71 2.70
N HIS G 622 74.35 53.02 2.36
CA HIS G 622 75.32 53.50 3.33
C HIS G 622 76.03 54.71 2.76
N ALA G 623 76.30 55.70 3.60
CA ALA G 623 76.95 56.93 3.17
C ALA G 623 77.64 57.63 4.33
N ALA H 9 -34.35 1.02 -3.98
CA ALA H 9 -35.76 1.29 -3.77
C ALA H 9 -36.48 1.43 -5.11
N ASN H 10 -36.02 0.71 -6.11
CA ASN H 10 -36.62 0.76 -7.44
C ASN H 10 -36.69 -0.66 -8.00
N PHE H 11 -37.86 -1.02 -8.51
CA PHE H 11 -38.06 -2.35 -9.07
C PHE H 11 -37.60 -2.37 -10.52
N TYR H 12 -37.55 -3.58 -11.08
CA TYR H 12 -37.14 -3.77 -12.46
C TYR H 12 -37.93 -4.91 -13.07
N VAL H 13 -38.27 -4.75 -14.35
CA VAL H 13 -38.89 -5.80 -15.15
C VAL H 13 -37.90 -6.22 -16.21
N CYS H 14 -37.56 -7.50 -16.24
CA CYS H 14 -36.49 -8.02 -17.08
C CYS H 14 -37.06 -8.91 -18.17
N PRO H 15 -37.16 -8.42 -19.40
CA PRO H 15 -37.57 -9.28 -20.52
C PRO H 15 -36.51 -10.34 -20.78
N PRO H 16 -36.90 -11.51 -21.25
CA PRO H 16 -35.93 -12.54 -21.59
C PRO H 16 -34.98 -12.03 -22.67
N PRO H 17 -33.69 -12.33 -22.54
CA PRO H 17 -32.72 -11.82 -23.52
C PRO H 17 -32.80 -12.59 -24.84
N THR H 18 -32.27 -11.94 -25.87
CA THR H 18 -32.13 -12.53 -27.20
C THR H 18 -30.68 -12.46 -27.63
N GLY H 19 -30.34 -13.24 -28.64
CA GLY H 19 -28.97 -13.29 -29.12
C GLY H 19 -28.47 -12.01 -29.76
N ALA H 20 -29.29 -10.95 -29.73
CA ALA H 20 -28.89 -9.69 -30.32
C ALA H 20 -27.67 -9.10 -29.61
N THR H 21 -27.70 -9.06 -28.29
CA THR H 21 -26.61 -8.52 -27.50
C THR H 21 -25.89 -9.65 -26.80
N VAL H 22 -24.57 -9.70 -26.94
CA VAL H 22 -23.75 -10.78 -26.39
C VAL H 22 -22.52 -10.18 -25.74
N VAL H 23 -22.20 -10.66 -24.54
CA VAL H 23 -21.04 -10.20 -23.79
C VAL H 23 -20.22 -11.40 -23.34
N GLN H 24 -18.96 -11.14 -23.02
CA GLN H 24 -18.04 -12.16 -22.55
C GLN H 24 -17.18 -11.60 -21.44
N PHE H 25 -16.63 -12.49 -20.62
CA PHE H 25 -15.75 -12.07 -19.54
C PHE H 25 -14.34 -11.88 -20.06
N GLU H 26 -13.69 -10.79 -19.65
CA GLU H 26 -12.34 -10.51 -20.09
C GLU H 26 -11.40 -11.60 -19.60
N GLN H 27 -10.52 -12.06 -20.48
CA GLN H 27 -9.59 -13.13 -20.13
C GLN H 27 -8.55 -12.64 -19.13
N PRO H 28 -7.94 -13.56 -18.37
CA PRO H 28 -6.99 -13.14 -17.34
C PRO H 28 -5.85 -12.32 -17.93
N ARG H 29 -5.45 -11.30 -17.20
CA ARG H 29 -4.40 -10.40 -17.66
C ARG H 29 -3.02 -10.93 -17.29
N ARG H 30 -2.04 -10.61 -18.13
CA ARG H 30 -0.64 -10.83 -17.81
C ARG H 30 -0.01 -9.50 -17.46
N CYS H 31 -0.12 -9.10 -16.20
CA CYS H 31 0.41 -7.80 -15.79
C CYS H 31 1.81 -8.02 -15.21
N PRO H 32 2.58 -6.94 -14.86
CA PRO H 32 4.04 -7.12 -14.77
C PRO H 32 4.49 -8.14 -13.74
N THR H 33 5.68 -8.67 -13.96
CA THR H 33 6.43 -9.43 -12.98
C THR H 33 7.25 -8.47 -12.14
N ARG H 34 7.84 -8.97 -11.07
CA ARG H 34 8.68 -8.13 -10.23
C ARG H 34 9.85 -7.62 -11.06
N PRO H 35 10.31 -6.40 -10.82
CA PRO H 35 11.54 -5.93 -11.46
C PRO H 35 12.71 -6.79 -11.04
N GLU H 36 13.75 -6.79 -11.88
CA GLU H 36 14.91 -7.65 -11.64
C GLU H 36 15.54 -7.37 -10.28
N GLY H 37 15.42 -6.15 -9.78
CA GLY H 37 16.09 -5.79 -8.56
C GLY H 37 17.47 -5.29 -8.87
N GLN H 38 17.78 -4.05 -8.47
CA GLN H 38 19.05 -3.45 -8.85
C GLN H 38 20.21 -4.25 -8.30
N ASN H 39 21.17 -4.54 -9.17
CA ASN H 39 22.33 -5.35 -8.78
C ASN H 39 23.31 -4.49 -8.01
N TYR H 40 23.69 -4.96 -6.82
CA TYR H 40 24.59 -4.21 -5.95
C TYR H 40 25.95 -4.87 -5.89
N THR H 41 26.99 -4.05 -5.92
CA THR H 41 28.38 -4.50 -5.80
C THR H 41 28.90 -4.02 -4.45
N GLU H 42 28.87 -4.89 -3.44
CA GLU H 42 29.39 -4.52 -2.13
C GLU H 42 30.84 -4.09 -2.24
N GLY H 43 31.20 -3.06 -1.49
CA GLY H 43 32.55 -2.54 -1.59
C GLY H 43 32.95 -1.72 -0.40
N ILE H 44 34.25 -1.52 -0.27
CA ILE H 44 34.83 -0.68 0.77
C ILE H 44 35.10 0.68 0.16
N ALA H 45 34.46 1.72 0.71
CA ALA H 45 34.54 3.05 0.14
C ALA H 45 35.05 4.03 1.18
N VAL H 46 35.85 4.98 0.71
CA VAL H 46 36.32 6.09 1.52
C VAL H 46 36.07 7.36 0.73
N VAL H 47 35.03 8.10 1.10
CA VAL H 47 34.63 9.31 0.40
C VAL H 47 35.49 10.45 0.90
N PHE H 48 35.86 11.35 -0.01
CA PHE H 48 36.75 12.46 0.31
C PHE H 48 36.04 13.77 0.08
N LYS H 49 36.29 14.72 0.97
CA LYS H 49 35.78 16.08 0.86
C LYS H 49 36.92 17.02 0.50
N GLU H 50 36.58 18.20 0.00
CA GLU H 50 37.60 19.19 -0.31
C GLU H 50 38.33 19.61 0.96
N ASN H 51 39.66 19.53 0.92
CA ASN H 51 40.44 19.90 2.08
C ASN H 51 40.43 21.41 2.26
N ILE H 52 39.80 21.89 3.33
CA ILE H 52 39.83 23.31 3.63
C ILE H 52 40.61 23.50 4.91
N ALA H 53 41.02 22.39 5.52
CA ALA H 53 41.92 22.49 6.65
C ALA H 53 43.27 22.97 6.14
N PRO H 54 43.76 24.12 6.62
CA PRO H 54 45.03 24.63 6.12
C PRO H 54 46.18 23.73 6.50
N TYR H 55 47.28 23.84 5.76
CA TYR H 55 48.49 23.13 6.12
C TYR H 55 49.00 23.64 7.46
N LYS H 56 49.33 22.71 8.36
CA LYS H 56 49.82 23.06 9.68
C LYS H 56 51.13 22.34 9.94
N PHE H 57 52.02 23.04 10.63
CA PHE H 57 53.36 22.52 10.91
C PHE H 57 54.02 23.46 11.91
N LYS H 58 54.91 22.90 12.72
CA LYS H 58 55.64 23.70 13.68
C LYS H 58 56.51 24.72 12.97
N ALA H 59 56.82 25.80 13.67
CA ALA H 59 57.66 26.85 13.11
C ALA H 59 58.25 27.65 14.27
N THR H 60 59.55 27.93 14.16
CA THR H 60 60.27 28.59 15.24
C THR H 60 60.58 30.01 14.81
N MET H 61 60.12 30.98 15.60
CA MET H 61 60.25 32.39 15.27
C MET H 61 61.35 32.99 16.12
N TYR H 62 62.39 33.52 15.49
CA TYR H 62 63.51 34.14 16.20
C TYR H 62 63.54 35.61 15.87
N TYR H 63 63.50 36.46 16.90
CA TYR H 63 63.63 37.88 16.68
C TYR H 63 64.09 38.55 17.97
N LYS H 64 64.71 39.71 17.82
CA LYS H 64 65.07 40.55 18.95
C LYS H 64 64.17 41.78 18.95
N ASP H 65 63.38 41.95 20.01
CA ASP H 65 62.49 43.10 20.13
C ASP H 65 63.30 44.33 20.49
N VAL H 66 63.82 44.99 19.45
CA VAL H 66 64.44 46.28 19.68
C VAL H 66 63.35 47.26 20.09
N THR H 67 63.26 47.54 21.39
CA THR H 67 62.22 48.41 21.91
C THR H 67 62.93 49.59 22.56
N VAL H 68 63.26 50.59 21.75
CA VAL H 68 63.99 51.76 22.22
C VAL H 68 63.02 52.74 22.84
N SER H 69 63.36 53.25 24.02
CA SER H 69 62.52 54.19 24.73
C SER H 69 63.26 55.51 24.90
N GLN H 70 62.49 56.59 24.90
CA GLN H 70 63.04 57.93 25.11
C GLN H 70 62.37 58.51 26.34
N VAL H 71 63.18 58.96 27.29
CA VAL H 71 62.68 59.41 28.58
C VAL H 71 63.19 60.82 28.82
N TRP H 72 62.35 61.62 29.46
CA TRP H 72 62.80 62.89 30.04
C TRP H 72 62.86 62.75 31.55
N PHE H 73 63.93 63.27 32.13
CA PHE H 73 64.01 63.50 33.56
C PHE H 73 63.76 64.98 33.78
N GLY H 74 62.74 65.30 34.59
CA GLY H 74 62.33 66.66 34.83
C GLY H 74 62.84 67.19 36.16
N HIS H 75 62.44 68.44 36.43
CA HIS H 75 62.87 69.10 37.67
C HIS H 75 62.40 68.32 38.89
N ARG H 76 61.16 67.84 38.86
CA ARG H 76 60.60 67.08 39.97
C ARG H 76 60.21 65.66 39.61
N TYR H 77 60.09 65.32 38.33
CA TYR H 77 59.71 63.95 38.05
C TYR H 77 60.05 63.66 36.59
N SER H 78 60.12 62.37 36.26
CA SER H 78 60.62 61.92 34.96
C SER H 78 59.51 61.30 34.13
N GLN H 79 59.40 61.71 32.87
CA GLN H 79 58.37 61.23 31.95
C GLN H 79 58.96 60.94 30.57
N PHE H 80 58.33 60.00 29.86
CA PHE H 80 58.79 59.64 28.53
C PHE H 80 58.64 60.79 27.55
N MET H 81 59.35 60.68 26.43
CA MET H 81 59.08 61.49 25.26
C MET H 81 58.72 60.62 24.06
N GLY H 82 58.88 59.31 24.18
CA GLY H 82 58.53 58.39 23.12
C GLY H 82 59.16 57.03 23.34
N ILE H 83 58.44 56.01 22.92
CA ILE H 83 58.92 54.64 22.98
C ILE H 83 58.71 53.98 21.63
N PHE H 84 59.80 53.66 20.95
CA PHE H 84 59.75 52.89 19.73
C PHE H 84 60.08 51.43 19.98
N GLU H 85 59.23 50.56 19.46
CA GLU H 85 59.47 49.12 19.46
C GLU H 85 59.66 48.65 18.04
N ASP H 86 60.63 47.77 17.85
CA ASP H 86 60.92 47.19 16.55
C ASP H 86 61.24 45.72 16.73
N ARG H 87 60.82 44.92 15.77
CA ARG H 87 61.12 43.49 15.75
C ARG H 87 62.26 43.30 14.74
N ALA H 88 63.40 42.81 15.23
CA ALA H 88 64.64 42.78 14.47
C ALA H 88 65.01 41.35 14.10
N PRO H 89 65.33 41.09 12.84
CA PRO H 89 65.74 39.73 12.46
C PRO H 89 67.11 39.39 13.02
N VAL H 90 67.34 38.10 13.20
CA VAL H 90 68.64 37.57 13.61
C VAL H 90 69.26 36.85 12.42
N PRO H 91 70.48 37.16 12.04
CA PRO H 91 71.07 36.51 10.87
C PRO H 91 71.17 35.01 11.03
N PHE H 92 71.03 34.31 9.91
CA PHE H 92 71.19 32.87 9.81
C PHE H 92 72.32 32.33 10.68
N GLU H 93 73.51 32.94 10.54
CA GLU H 93 74.66 32.48 11.29
C GLU H 93 74.41 32.55 12.79
N GLU H 94 73.64 33.54 13.25
CA GLU H 94 73.32 33.60 14.67
C GLU H 94 72.48 32.41 15.11
N VAL H 95 71.41 32.11 14.37
CA VAL H 95 70.54 30.98 14.72
C VAL H 95 71.33 29.68 14.73
N ILE H 96 72.22 29.51 13.76
CA ILE H 96 73.00 28.28 13.69
C ILE H 96 74.00 28.20 14.83
N ASP H 97 74.86 29.20 14.94
CA ASP H 97 76.04 29.08 15.77
C ASP H 97 75.73 29.26 17.26
N LYS H 98 74.79 30.13 17.60
CA LYS H 98 74.58 30.42 19.02
C LYS H 98 73.18 30.13 19.52
N ILE H 99 72.17 30.11 18.63
CA ILE H 99 70.86 29.63 19.06
C ILE H 99 70.82 28.10 19.04
N ASN H 100 71.28 27.50 17.94
CA ASN H 100 71.23 26.05 17.83
C ASN H 100 72.35 25.36 18.60
N ALA H 101 73.52 25.97 18.72
CA ALA H 101 74.66 25.28 19.31
C ALA H 101 74.82 25.56 20.79
N LYS H 102 74.88 26.82 21.19
CA LYS H 102 75.15 27.16 22.58
C LYS H 102 73.97 27.79 23.31
N GLY H 103 72.85 28.02 22.64
CA GLY H 103 71.68 28.57 23.31
C GLY H 103 71.91 29.95 23.86
N VAL H 104 72.70 30.77 23.17
CA VAL H 104 72.98 32.13 23.58
C VAL H 104 72.63 33.06 22.43
N CYS H 105 72.55 34.35 22.74
CA CYS H 105 72.22 35.34 21.73
C CYS H 105 72.88 36.65 22.08
N ARG H 106 73.28 37.39 21.06
CA ARG H 106 74.05 38.60 21.28
C ARG H 106 73.17 39.74 21.82
N SER H 107 73.82 40.67 22.52
CA SER H 107 73.18 41.89 23.00
C SER H 107 73.07 42.92 21.93
N THR H 108 73.54 42.62 20.73
CA THR H 108 73.40 43.48 19.58
C THR H 108 72.48 42.81 18.58
N ALA H 109 71.69 43.63 17.87
CA ALA H 109 70.77 43.14 16.85
C ALA H 109 71.11 43.84 15.54
N LYS H 110 72.04 43.27 14.78
CA LYS H 110 72.52 43.88 13.55
C LYS H 110 71.56 43.51 12.42
N TYR H 111 70.84 44.51 11.91
CA TYR H 111 69.87 44.21 10.88
C TYR H 111 69.64 45.48 10.08
N VAL H 112 69.27 45.30 8.81
CA VAL H 112 69.01 46.45 7.96
C VAL H 112 67.53 46.81 8.13
N ARG H 113 67.26 47.89 8.83
CA ARG H 113 65.87 48.29 9.06
C ARG H 113 65.46 49.37 8.07
N ASN H 114 64.43 49.08 7.28
CA ASN H 114 63.81 50.04 6.38
C ASN H 114 64.88 50.78 5.57
N ASN H 115 65.69 50.00 4.88
CA ASN H 115 66.74 50.50 3.98
C ASN H 115 67.84 51.21 4.75
N LEU H 116 68.19 50.69 5.92
CA LEU H 116 69.34 51.19 6.65
C LEU H 116 69.77 50.14 7.66
N GLU H 117 71.07 49.91 7.74
CA GLU H 117 71.62 48.91 8.65
C GLU H 117 71.75 49.48 10.06
N THR H 118 71.19 48.77 11.03
CA THR H 118 71.18 49.22 12.41
C THR H 118 71.36 48.04 13.35
N THR H 119 72.15 48.25 14.40
CA THR H 119 72.28 47.27 15.47
C THR H 119 72.04 47.97 16.79
N ALA H 120 71.53 47.22 17.75
CA ALA H 120 71.12 47.81 19.01
C ALA H 120 71.82 47.09 20.15
N PHE H 121 72.71 47.79 20.83
CA PHE H 121 73.41 47.27 22.00
C PHE H 121 72.44 47.34 23.17
N HIS H 122 71.92 46.18 23.56
CA HIS H 122 71.14 46.09 24.79
C HIS H 122 72.00 46.52 25.97
N ARG H 123 71.35 47.00 27.02
CA ARG H 123 72.00 47.51 28.23
C ARG H 123 72.74 48.81 27.93
N ASP H 124 72.75 49.24 26.67
CA ASP H 124 73.56 50.34 26.15
C ASP H 124 75.04 50.13 26.42
N ASP H 125 75.46 48.88 26.57
CA ASP H 125 76.86 48.52 26.78
C ASP H 125 77.37 47.73 25.59
N HIS H 126 78.61 47.26 25.73
CA HIS H 126 79.24 46.51 24.64
C HIS H 126 78.56 45.16 24.45
N GLU H 127 78.89 44.52 23.32
CA GLU H 127 78.27 43.27 22.93
C GLU H 127 78.53 42.18 23.97
N THR H 128 77.47 41.44 24.30
CA THR H 128 77.57 40.30 25.20
C THR H 128 76.51 39.28 24.82
N ASP H 129 76.86 37.99 24.93
CA ASP H 129 75.96 36.91 24.53
C ASP H 129 75.28 36.36 25.78
N MET H 130 73.97 36.61 25.90
CA MET H 130 73.21 36.14 27.04
C MET H 130 72.78 34.71 26.82
N GLU H 131 72.92 33.88 27.86
CA GLU H 131 72.36 32.54 27.83
C GLU H 131 70.83 32.62 27.79
N LEU H 132 70.26 32.01 26.77
CA LEU H 132 68.81 31.96 26.63
C LEU H 132 68.20 31.20 27.81
N LYS H 133 66.99 31.63 28.19
CA LYS H 133 66.25 31.04 29.28
C LYS H 133 64.77 31.01 28.89
N PRO H 134 63.99 30.09 29.46
CA PRO H 134 62.58 30.02 29.09
C PRO H 134 61.79 31.15 29.72
N ALA H 135 60.78 31.63 28.98
CA ALA H 135 59.91 32.66 29.46
C ALA H 135 59.01 32.14 30.58
N ASN H 136 58.37 33.06 31.29
CA ASN H 136 57.50 32.66 32.38
C ASN H 136 56.25 31.97 31.83
N ALA H 137 55.54 31.28 32.73
CA ALA H 137 54.49 30.37 32.32
C ALA H 137 53.30 31.13 31.75
N ALA H 138 52.53 30.43 30.93
CA ALA H 138 51.30 30.96 30.37
C ALA H 138 50.40 29.78 30.03
N THR H 139 49.15 30.08 29.73
CA THR H 139 48.14 29.06 29.49
C THR H 139 47.95 28.80 28.00
N ARG H 140 48.17 27.54 27.63
CA ARG H 140 48.13 26.99 26.27
C ARG H 140 48.69 27.96 25.23
N THR H 141 49.90 28.43 25.52
CA THR H 141 50.80 29.03 24.53
C THR H 141 51.99 28.11 24.37
N SER H 142 52.44 27.96 23.13
CA SER H 142 53.61 27.14 22.87
C SER H 142 54.84 27.78 23.51
N ARG H 143 55.89 26.97 23.63
CA ARG H 143 57.06 27.39 24.40
C ARG H 143 57.70 28.64 23.81
N GLY H 144 58.13 29.54 24.69
CA GLY H 144 58.86 30.71 24.27
C GLY H 144 60.11 30.89 25.11
N TRP H 145 61.02 31.72 24.60
CA TRP H 145 62.28 31.95 25.28
C TRP H 145 62.74 33.37 25.01
N HIS H 146 63.28 34.02 26.04
CA HIS H 146 63.75 35.38 25.88
C HIS H 146 64.97 35.62 26.77
N THR H 147 66.01 36.20 26.17
CA THR H 147 67.20 36.55 26.93
C THR H 147 66.89 37.61 27.98
N THR H 148 66.46 38.79 27.53
CA THR H 148 66.20 39.89 28.46
C THR H 148 64.84 39.71 29.13
N ASP H 149 64.74 40.18 30.37
CA ASP H 149 63.51 40.08 31.15
C ASP H 149 62.94 41.42 31.57
N LEU H 150 63.73 42.49 31.50
CA LEU H 150 63.25 43.84 31.79
C LEU H 150 63.56 44.71 30.58
N LYS H 151 63.42 46.02 30.69
CA LYS H 151 63.92 46.92 29.66
C LYS H 151 64.88 47.91 30.28
N TYR H 152 65.98 48.17 29.60
CA TYR H 152 66.96 49.12 30.12
C TYR H 152 66.42 50.53 30.03
N ASN H 153 66.73 51.34 31.06
CA ASN H 153 66.34 52.74 31.07
C ASN H 153 67.47 53.55 31.66
N PRO H 154 67.73 54.73 31.11
CA PRO H 154 68.81 55.56 31.66
C PRO H 154 68.52 55.96 33.09
N SER H 155 69.59 56.03 33.89
CA SER H 155 69.46 56.60 35.23
C SER H 155 69.14 58.09 35.13
N ARG H 156 68.40 58.58 36.12
CA ARG H 156 67.96 59.96 36.08
C ARG H 156 69.15 60.92 36.06
N VAL H 157 69.13 61.84 35.10
CA VAL H 157 69.99 63.01 35.08
C VAL H 157 69.08 64.20 34.86
N GLU H 158 69.11 65.16 35.78
CA GLU H 158 68.03 66.13 35.87
C GLU H 158 68.02 67.05 34.66
N ALA H 159 66.82 67.26 34.11
CA ALA H 159 66.54 68.21 33.03
C ALA H 159 67.31 67.91 31.75
N PHE H 160 67.57 66.63 31.47
CA PHE H 160 68.23 66.20 30.24
C PHE H 160 67.39 65.13 29.56
N HIS H 161 67.51 65.08 28.23
CA HIS H 161 66.86 64.09 27.40
C HIS H 161 67.75 62.86 27.35
N ARG H 162 67.26 61.74 27.86
CA ARG H 162 68.03 60.50 27.86
C ARG H 162 67.27 59.45 27.07
N TYR H 163 67.95 58.84 26.11
CA TYR H 163 67.40 57.79 25.27
C TYR H 163 67.72 56.42 25.88
N GLY H 164 66.76 55.51 25.81
CA GLY H 164 66.94 54.19 26.39
C GLY H 164 66.67 53.06 25.42
N THR H 165 67.70 52.26 25.14
CA THR H 165 67.56 51.13 24.25
C THR H 165 67.17 49.88 25.04
N THR H 166 66.74 48.85 24.31
CA THR H 166 66.40 47.56 24.90
C THR H 166 66.35 46.52 23.80
N VAL H 167 67.10 45.43 23.97
CA VAL H 167 67.06 44.31 23.04
C VAL H 167 66.70 43.07 23.83
N ASN H 168 65.62 42.42 23.42
CA ASN H 168 65.21 41.15 23.99
C ASN H 168 65.25 40.13 22.87
N CYS H 169 66.36 39.40 22.79
CA CYS H 169 66.51 38.38 21.76
C CYS H 169 65.60 37.22 22.12
N ILE H 170 64.47 37.15 21.44
CA ILE H 170 63.41 36.20 21.78
C ILE H 170 63.38 35.09 20.76
N VAL H 171 63.33 33.86 21.25
CA VAL H 171 63.12 32.68 20.43
C VAL H 171 61.79 32.07 20.86
N GLU H 172 60.89 31.89 19.90
CA GLU H 172 59.55 31.43 20.20
C GLU H 172 59.13 30.41 19.15
N GLU H 173 58.45 29.37 19.60
CA GLU H 173 57.94 28.34 18.70
C GLU H 173 56.43 28.52 18.56
N VAL H 174 55.98 28.55 17.32
CA VAL H 174 54.57 28.70 17.02
C VAL H 174 54.18 27.59 16.06
N ASP H 175 52.93 27.56 15.63
CA ASP H 175 52.54 26.72 14.52
C ASP H 175 52.11 27.60 13.37
N ALA H 176 52.58 27.26 12.18
CA ALA H 176 52.32 28.04 10.99
C ALA H 176 51.15 27.45 10.22
N ARG H 177 50.54 28.27 9.38
CA ARG H 177 49.34 27.90 8.65
C ARG H 177 49.42 28.45 7.24
N SER H 178 49.22 27.58 6.25
CA SER H 178 49.21 27.98 4.85
C SER H 178 48.03 27.30 4.15
N VAL H 179 47.55 27.96 3.10
CA VAL H 179 46.41 27.48 2.34
C VAL H 179 46.75 27.52 0.87
N TYR H 180 45.99 26.77 0.08
CA TYR H 180 46.26 26.66 -1.34
C TYR H 180 46.23 28.05 -1.98
N PRO H 181 47.17 28.36 -2.90
CA PRO H 181 48.17 27.47 -3.47
C PRO H 181 49.43 27.30 -2.64
N TYR H 182 49.32 27.47 -1.33
CA TYR H 182 50.48 27.41 -0.45
C TYR H 182 51.54 28.38 -0.96
N ASP H 183 51.08 29.55 -1.39
CA ASP H 183 51.95 30.56 -1.96
C ASP H 183 52.76 31.25 -0.87
N GLU H 184 52.11 31.62 0.23
CA GLU H 184 52.77 32.22 1.37
C GLU H 184 52.05 31.74 2.62
N PHE H 185 52.73 31.83 3.77
CA PHE H 185 52.19 31.23 4.97
C PHE H 185 52.27 32.21 6.13
N VAL H 186 51.47 31.92 7.14
CA VAL H 186 51.19 32.83 8.24
C VAL H 186 51.69 32.16 9.50
N LEU H 187 52.00 32.97 10.50
CA LEU H 187 52.34 32.42 11.80
C LEU H 187 51.38 32.97 12.85
N ALA H 188 51.33 32.31 14.00
CA ALA H 188 50.33 32.65 15.01
C ALA H 188 50.45 34.10 15.46
N THR H 189 51.65 34.65 15.42
CA THR H 189 51.83 36.03 15.90
C THR H 189 51.19 37.06 14.98
N GLY H 190 50.50 36.65 13.92
CA GLY H 190 49.87 37.56 13.00
C GLY H 190 50.76 38.07 11.89
N ASP H 191 52.07 37.86 12.00
CA ASP H 191 52.98 38.26 10.94
C ASP H 191 52.83 37.34 9.73
N PHE H 192 53.66 37.58 8.72
CA PHE H 192 53.60 36.81 7.49
C PHE H 192 55.02 36.46 7.04
N VAL H 193 55.10 35.51 6.12
CA VAL H 193 56.34 35.12 5.48
C VAL H 193 56.03 34.87 4.01
N TYR H 194 56.50 35.74 3.14
CA TYR H 194 56.01 35.79 1.76
C TYR H 194 56.73 34.77 0.89
N MET H 195 56.38 33.50 1.09
CA MET H 195 57.12 32.41 0.48
C MET H 195 56.41 31.11 0.79
N SER H 196 56.46 30.18 -0.15
CA SER H 196 55.82 28.90 0.07
C SER H 196 56.52 28.16 1.20
N PRO H 197 55.79 27.34 1.95
CA PRO H 197 56.43 26.52 2.99
C PRO H 197 57.42 25.52 2.42
N PHE H 198 57.29 25.16 1.15
CA PHE H 198 58.12 24.14 0.52
C PHE H 198 59.21 24.70 -0.37
N TYR H 199 59.33 26.03 -0.47
CA TYR H 199 60.42 26.60 -1.24
C TYR H 199 61.76 26.19 -0.67
N GLY H 200 62.72 25.96 -1.55
CA GLY H 200 64.04 25.55 -1.15
C GLY H 200 64.93 25.29 -2.34
N TYR H 201 65.77 24.26 -2.26
CA TYR H 201 66.65 23.91 -3.36
C TYR H 201 66.44 22.49 -3.86
N ARG H 202 66.37 21.51 -2.97
CA ARG H 202 66.38 20.12 -3.38
C ARG H 202 65.04 19.69 -3.93
N GLU H 203 65.08 18.89 -5.00
CA GLU H 203 63.91 18.24 -5.58
C GLU H 203 62.86 19.27 -6.02
N GLY H 204 63.29 20.14 -6.94
CA GLY H 204 62.39 21.11 -7.52
C GLY H 204 61.79 22.09 -6.54
N SER H 205 62.38 22.25 -5.35
CA SER H 205 61.85 23.18 -4.39
C SER H 205 61.98 24.62 -4.88
N HIS H 206 63.00 24.89 -5.70
CA HIS H 206 63.17 26.23 -6.24
C HIS H 206 61.99 26.63 -7.13
N THR H 207 61.24 25.64 -7.63
CA THR H 207 60.06 25.95 -8.41
C THR H 207 59.01 26.68 -7.57
N GLU H 208 58.83 26.25 -6.32
CA GLU H 208 57.79 26.84 -5.48
C GLU H 208 58.09 28.31 -5.20
N HIS H 209 57.02 29.07 -4.99
CA HIS H 209 57.13 30.52 -5.01
C HIS H 209 57.81 31.04 -3.76
N THR H 210 58.72 31.99 -3.95
CA THR H 210 59.21 32.87 -2.91
C THR H 210 58.95 34.30 -3.33
N THR H 211 59.18 35.23 -2.43
CA THR H 211 59.07 36.64 -2.78
C THR H 211 60.23 37.40 -2.13
N TYR H 212 61.39 36.76 -2.11
CA TYR H 212 62.56 37.34 -1.45
C TYR H 212 63.79 37.03 -2.29
N ALA H 213 64.79 37.91 -2.19
CA ALA H 213 66.07 37.62 -2.80
C ALA H 213 66.72 36.43 -2.10
N ALA H 214 67.54 35.69 -2.85
CA ALA H 214 68.08 34.43 -2.33
C ALA H 214 68.89 34.63 -1.06
N ASP H 215 69.41 35.84 -0.83
CA ASP H 215 70.21 36.08 0.36
C ASP H 215 69.40 35.88 1.62
N ARG H 216 68.13 36.29 1.61
CA ARG H 216 67.29 36.17 2.79
C ARG H 216 66.96 34.73 3.13
N PHE H 217 66.99 33.83 2.15
CA PHE H 217 66.51 32.46 2.31
C PHE H 217 67.68 31.48 2.22
N LYS H 218 68.10 30.95 3.36
CA LYS H 218 69.14 29.93 3.42
C LYS H 218 68.55 28.66 4.01
N GLN H 219 69.21 27.54 3.71
CA GLN H 219 68.75 26.23 4.15
C GLN H 219 69.94 25.45 4.73
N VAL H 220 69.68 24.65 5.76
CA VAL H 220 70.70 23.82 6.38
C VAL H 220 70.37 22.37 6.07
N ASP H 221 71.33 21.66 5.49
CA ASP H 221 71.25 20.20 5.42
C ASP H 221 71.99 19.60 6.60
N GLY H 222 71.50 18.45 7.07
CA GLY H 222 72.08 17.86 8.26
C GLY H 222 71.94 18.71 9.50
N PHE H 223 70.84 19.46 9.62
CA PHE H 223 70.63 20.34 10.75
C PHE H 223 70.34 19.54 12.01
N TYR H 224 71.09 19.82 13.07
CA TYR H 224 70.90 19.14 14.35
C TYR H 224 70.06 20.06 15.24
N ALA H 225 68.81 19.65 15.49
CA ALA H 225 67.93 20.44 16.32
C ALA H 225 68.47 20.54 17.74
N ARG H 226 68.47 21.76 18.28
CA ARG H 226 69.03 21.98 19.60
C ARG H 226 68.16 21.36 20.69
N ASP H 227 68.84 20.74 21.65
CA ASP H 227 68.23 20.27 22.90
C ASP H 227 67.99 21.51 23.75
N LEU H 228 66.92 22.25 23.43
CA LEU H 228 66.61 23.49 24.15
C LEU H 228 65.32 23.37 24.95
N ALA H 236 68.49 13.60 15.93
CA ALA H 236 68.44 13.17 14.53
C ALA H 236 68.68 14.35 13.59
N PRO H 237 69.59 14.17 12.63
CA PRO H 237 69.84 15.24 11.66
C PRO H 237 68.60 15.56 10.86
N THR H 238 68.45 16.85 10.52
CA THR H 238 67.26 17.34 9.85
C THR H 238 67.66 18.21 8.68
N THR H 239 66.67 18.82 8.06
CA THR H 239 66.85 19.79 6.97
C THR H 239 66.05 21.05 7.33
N ARG H 240 66.68 21.91 8.12
CA ARG H 240 66.02 23.12 8.61
C ARG H 240 65.97 24.16 7.49
N ASN H 241 65.11 25.16 7.68
CA ASN H 241 64.71 26.04 6.59
C ASN H 241 64.38 27.41 7.17
N LEU H 242 65.23 28.39 6.90
CA LEU H 242 65.16 29.69 7.55
C LEU H 242 65.01 30.82 6.54
N LEU H 243 64.21 31.82 6.89
CA LEU H 243 64.02 33.02 6.09
C LEU H 243 64.12 34.25 6.98
N THR H 244 64.87 35.25 6.52
CA THR H 244 65.07 36.47 7.30
C THR H 244 64.14 37.55 6.75
N THR H 245 62.90 37.53 7.23
CA THR H 245 61.96 38.58 6.88
C THR H 245 62.39 39.88 7.54
N PRO H 246 61.86 41.03 7.07
CA PRO H 246 62.38 42.32 7.57
C PRO H 246 62.15 42.56 9.05
N LYS H 247 61.59 41.57 9.75
CA LYS H 247 61.35 41.70 11.18
C LYS H 247 61.89 40.56 12.03
N PHE H 248 62.05 39.37 11.48
CA PHE H 248 62.29 38.18 12.29
C PHE H 248 62.94 37.12 11.42
N THR H 249 62.97 35.89 11.93
CA THR H 249 63.38 34.71 11.16
C THR H 249 62.44 33.57 11.50
N VAL H 250 62.04 32.81 10.49
CA VAL H 250 61.15 31.67 10.69
C VAL H 250 61.89 30.41 10.26
N ALA H 251 61.89 29.41 11.14
CA ALA H 251 62.51 28.13 10.84
C ALA H 251 61.48 27.03 10.99
N TRP H 252 61.25 26.30 9.90
CA TRP H 252 60.40 25.12 9.93
C TRP H 252 61.09 24.01 9.17
N ASP H 253 60.92 22.78 9.64
CA ASP H 253 61.58 21.63 9.05
C ASP H 253 61.06 21.44 7.63
N TRP H 254 61.91 21.77 6.65
CA TRP H 254 61.51 21.67 5.26
C TRP H 254 61.11 20.24 4.92
N VAL H 255 60.00 20.12 4.18
CA VAL H 255 59.54 18.81 3.72
C VAL H 255 59.11 18.93 2.26
N PRO H 256 59.17 17.82 1.53
CA PRO H 256 58.72 17.85 0.13
C PRO H 256 57.23 18.09 0.06
N LYS H 257 56.83 18.96 -0.87
CA LYS H 257 55.46 19.44 -0.93
C LYS H 257 54.45 18.34 -1.20
N ARG H 258 54.55 17.72 -2.37
CA ARG H 258 53.53 16.78 -2.84
C ARG H 258 53.19 15.69 -1.84
N PRO H 259 54.14 15.06 -1.13
CA PRO H 259 53.74 14.05 -0.14
C PRO H 259 53.15 14.65 1.13
N SER H 260 53.57 15.85 1.52
CA SER H 260 53.21 16.39 2.82
C SER H 260 51.99 17.30 2.79
N VAL H 261 51.33 17.45 1.65
CA VAL H 261 50.16 18.31 1.54
C VAL H 261 49.14 17.63 0.64
N CYS H 262 47.88 18.04 0.76
CA CYS H 262 46.83 17.45 -0.05
C CYS H 262 45.67 18.44 -0.16
N THR H 263 44.97 18.40 -1.28
CA THR H 263 43.78 19.20 -1.47
C THR H 263 42.50 18.40 -1.26
N MET H 264 42.61 17.19 -0.72
CA MET H 264 41.44 16.37 -0.43
C MET H 264 41.62 15.75 0.95
N THR H 265 40.55 15.73 1.73
CA THR H 265 40.59 15.24 3.10
C THR H 265 39.78 13.96 3.19
N LYS H 266 40.35 12.93 3.81
CA LYS H 266 39.58 11.75 4.15
C LYS H 266 38.41 12.16 5.02
N TRP H 267 37.19 12.02 4.53
CA TRP H 267 36.04 12.45 5.30
C TRP H 267 35.37 11.31 6.05
N GLN H 268 35.08 10.20 5.37
CA GLN H 268 34.44 9.07 6.02
C GLN H 268 35.07 7.78 5.52
N GLU H 269 34.89 6.71 6.29
CA GLU H 269 35.36 5.37 5.94
C GLU H 269 34.15 4.46 6.03
N VAL H 270 33.44 4.31 4.93
CA VAL H 270 32.23 3.50 4.91
C VAL H 270 32.64 2.03 4.83
N ASP H 271 32.25 1.26 5.85
CA ASP H 271 32.61 -0.16 5.86
C ASP H 271 31.86 -0.95 4.80
N GLU H 272 30.62 -0.56 4.50
CA GLU H 272 29.83 -1.23 3.48
C GLU H 272 29.14 -0.16 2.64
N MET H 273 29.57 -0.02 1.39
CA MET H 273 29.05 0.99 0.47
C MET H 273 28.58 0.26 -0.78
N LEU H 274 27.29 -0.05 -0.85
CA LEU H 274 26.75 -0.70 -2.02
C LEU H 274 26.84 0.23 -3.22
N ARG H 275 27.23 -0.32 -4.36
CA ARG H 275 27.33 0.43 -5.60
C ARG H 275 26.39 -0.21 -6.62
N SER H 276 25.71 0.63 -7.39
CA SER H 276 24.73 0.14 -8.37
C SER H 276 24.62 1.16 -9.49
N GLU H 277 25.15 0.80 -10.66
CA GLU H 277 25.02 1.66 -11.83
C GLU H 277 23.56 1.80 -12.21
N TYR H 278 23.15 3.03 -12.52
CA TYR H 278 21.75 3.28 -12.83
C TYR H 278 21.57 4.53 -13.67
N GLY H 279 20.93 4.40 -14.82
CA GLY H 279 20.68 5.56 -15.67
C GLY H 279 21.96 6.26 -16.12
N GLY H 280 23.01 5.49 -16.36
CA GLY H 280 24.27 6.10 -16.75
C GLY H 280 24.95 6.85 -15.64
N SER H 281 24.64 6.53 -14.38
CA SER H 281 25.28 7.18 -13.25
C SER H 281 25.33 6.20 -12.10
N PHE H 282 26.49 6.10 -11.46
CA PHE H 282 26.65 5.19 -10.34
C PHE H 282 25.93 5.74 -9.11
N ARG H 283 25.32 4.85 -8.34
CA ARG H 283 24.74 5.19 -7.05
C ARG H 283 25.59 4.55 -5.95
N PHE H 284 26.13 5.39 -5.06
CA PHE H 284 26.91 4.93 -3.94
C PHE H 284 26.08 5.12 -2.68
N SER H 285 25.41 4.07 -2.23
CA SER H 285 24.55 4.13 -1.06
C SER H 285 25.27 3.52 0.13
N SER H 286 25.28 4.25 1.24
CA SER H 286 25.94 3.80 2.46
C SER H 286 24.90 3.72 3.57
N ASP H 287 24.43 2.50 3.86
CA ASP H 287 23.48 2.32 4.93
C ASP H 287 24.05 2.76 6.28
N ALA H 288 25.35 2.60 6.45
CA ALA H 288 25.98 2.92 7.74
C ALA H 288 25.89 4.41 8.04
N ILE H 289 26.34 5.25 7.10
CA ILE H 289 26.33 6.69 7.32
C ILE H 289 25.08 7.35 6.75
N SER H 290 24.18 6.57 6.15
CA SER H 290 22.90 7.07 5.65
C SER H 290 23.10 8.15 4.60
N THR H 291 23.69 7.74 3.49
CA THR H 291 24.01 8.67 2.41
C THR H 291 24.06 7.91 1.09
N THR H 292 23.66 8.60 0.01
CA THR H 292 23.66 8.01 -1.33
C THR H 292 24.24 9.04 -2.29
N PHE H 293 25.49 8.80 -2.70
CA PHE H 293 26.12 9.67 -3.68
C PHE H 293 25.81 9.21 -5.10
N THR H 294 26.06 10.09 -6.06
CA THR H 294 25.88 9.79 -7.47
C THR H 294 27.05 10.34 -8.26
N THR H 295 27.60 9.52 -9.15
CA THR H 295 28.77 9.89 -9.94
C THR H 295 28.53 9.47 -11.40
N ASN H 296 29.36 10.01 -12.28
CA ASN H 296 29.36 9.55 -13.66
C ASN H 296 30.03 8.19 -13.76
N LEU H 297 29.66 7.41 -14.80
CA LEU H 297 30.17 6.05 -14.92
C LEU H 297 31.68 6.02 -15.11
N THR H 298 32.24 7.02 -15.79
CA THR H 298 33.67 7.07 -15.97
C THR H 298 34.36 7.31 -14.63
N GLU H 299 35.44 6.59 -14.39
CA GLU H 299 36.21 6.81 -13.18
C GLU H 299 36.83 8.21 -13.19
N TYR H 300 37.43 8.56 -12.07
CA TYR H 300 38.06 9.87 -11.95
C TYR H 300 39.57 9.70 -11.92
N PRO H 301 40.28 10.19 -12.92
CA PRO H 301 41.74 10.06 -12.92
C PRO H 301 42.38 10.93 -11.84
N LEU H 302 43.24 10.32 -11.02
CA LEU H 302 43.85 11.06 -9.92
C LEU H 302 44.77 12.14 -10.43
N SER H 303 45.34 11.96 -11.63
CA SER H 303 46.22 12.98 -12.20
C SER H 303 45.48 14.30 -12.40
N ARG H 304 44.16 14.25 -12.52
CA ARG H 304 43.38 15.47 -12.67
C ARG H 304 43.25 16.21 -11.35
N VAL H 305 43.26 15.48 -10.22
CA VAL H 305 43.15 16.10 -8.91
C VAL H 305 44.49 16.75 -8.58
N ASP H 306 44.47 18.04 -8.29
CA ASP H 306 45.71 18.74 -7.94
C ASP H 306 46.13 18.38 -6.53
N LEU H 307 47.41 18.03 -6.36
CA LEU H 307 47.97 17.70 -5.06
C LEU H 307 47.18 16.59 -4.38
N GLY H 308 46.74 15.63 -5.18
CA GLY H 308 45.90 14.56 -4.68
C GLY H 308 46.66 13.31 -4.31
N ASP H 309 47.94 13.46 -3.98
CA ASP H 309 48.77 12.31 -3.65
C ASP H 309 48.28 11.59 -2.40
N CYS H 310 47.78 12.35 -1.41
CA CYS H 310 47.34 11.74 -0.17
C CYS H 310 46.21 10.75 -0.41
N ILE H 311 45.43 10.96 -1.47
CA ILE H 311 44.23 10.17 -1.67
C ILE H 311 44.57 8.70 -1.82
N GLY H 312 45.56 8.39 -2.67
CA GLY H 312 45.90 7.00 -2.90
C GLY H 312 46.36 6.29 -1.64
N LYS H 313 47.28 6.90 -0.91
CA LYS H 313 47.83 6.26 0.28
C LYS H 313 46.75 6.11 1.36
N ASP H 314 46.02 7.19 1.64
CA ASP H 314 44.99 7.13 2.68
C ASP H 314 43.90 6.14 2.32
N ALA H 315 43.43 6.17 1.07
CA ALA H 315 42.47 5.19 0.60
C ALA H 315 42.99 3.78 0.83
N ARG H 316 44.15 3.47 0.24
CA ARG H 316 44.73 2.14 0.35
C ARG H 316 44.77 1.66 1.79
N ASP H 317 45.28 2.50 2.69
CA ASP H 317 45.36 2.11 4.09
C ASP H 317 43.97 1.82 4.66
N ALA H 318 43.00 2.68 4.33
CA ALA H 318 41.66 2.51 4.89
C ALA H 318 41.01 1.22 4.40
N MET H 319 41.04 0.97 3.09
CA MET H 319 40.44 -0.26 2.59
C MET H 319 41.17 -1.49 3.11
N ASP H 320 42.50 -1.42 3.24
CA ASP H 320 43.23 -2.56 3.75
C ASP H 320 42.87 -2.84 5.21
N ARG H 321 42.79 -1.79 6.02
CA ARG H 321 42.43 -1.98 7.42
C ARG H 321 41.01 -2.54 7.56
N ILE H 322 40.07 -1.98 6.79
CA ILE H 322 38.70 -2.45 6.86
C ILE H 322 38.60 -3.89 6.39
N PHE H 323 39.30 -4.21 5.30
CA PHE H 323 39.27 -5.57 4.76
C PHE H 323 39.83 -6.56 5.77
N ALA H 324 40.93 -6.21 6.44
CA ALA H 324 41.49 -7.09 7.45
C ALA H 324 40.54 -7.25 8.63
N ARG H 325 39.90 -6.17 9.04
CA ARG H 325 39.07 -6.22 10.25
C ARG H 325 37.76 -6.96 10.02
N ARG H 326 37.17 -6.84 8.83
CA ARG H 326 35.82 -7.36 8.60
C ARG H 326 35.68 -8.27 7.39
N TYR H 327 36.47 -8.10 6.35
CA TYR H 327 36.29 -8.86 5.11
C TYR H 327 37.49 -9.73 4.75
N ASN H 328 38.34 -10.07 5.72
CA ASN H 328 39.51 -10.88 5.41
C ASN H 328 39.12 -12.29 4.99
N ALA H 329 38.08 -12.85 5.61
CA ALA H 329 37.71 -14.24 5.40
C ALA H 329 36.27 -14.38 4.90
N THR H 330 35.74 -13.35 4.26
CA THR H 330 34.36 -13.43 3.79
C THR H 330 34.27 -13.00 2.33
N HIS H 331 35.17 -12.11 1.91
CA HIS H 331 35.14 -11.59 0.55
C HIS H 331 36.56 -11.51 0.02
N ILE H 332 36.67 -11.17 -1.27
CA ILE H 332 37.93 -10.97 -1.94
C ILE H 332 37.83 -9.70 -2.78
N LYS H 333 38.86 -8.88 -2.75
CA LYS H 333 38.86 -7.66 -3.55
C LYS H 333 38.80 -7.99 -5.03
N VAL H 334 38.05 -7.19 -5.77
CA VAL H 334 37.95 -7.31 -7.21
C VAL H 334 38.51 -6.05 -7.82
N GLY H 335 39.65 -6.15 -8.48
CA GLY H 335 40.27 -4.99 -9.09
C GLY H 335 40.87 -4.03 -8.09
N GLN H 336 41.86 -3.25 -8.55
CA GLN H 336 42.49 -2.25 -7.71
C GLN H 336 41.49 -1.12 -7.43
N PRO H 337 41.69 -0.38 -6.34
CA PRO H 337 40.67 0.59 -5.92
C PRO H 337 40.34 1.62 -6.99
N GLN H 338 39.06 1.94 -7.11
CA GLN H 338 38.57 2.88 -8.12
C GLN H 338 38.23 4.21 -7.48
N TYR H 339 38.10 5.23 -8.32
CA TYR H 339 37.90 6.59 -7.85
C TYR H 339 36.85 7.28 -8.70
N TYR H 340 35.77 7.74 -8.07
CA TYR H 340 34.68 8.43 -8.75
C TYR H 340 34.43 9.77 -8.10
N GLN H 341 33.89 10.70 -8.89
CA GLN H 341 33.63 12.06 -8.46
C GLN H 341 32.12 12.26 -8.35
N ALA H 342 31.66 12.58 -7.15
CA ALA H 342 30.24 12.62 -6.83
C ALA H 342 29.71 14.04 -6.88
N ASN H 343 28.38 14.16 -6.97
CA ASN H 343 27.74 15.47 -6.93
C ASN H 343 28.02 16.13 -5.59
N GLY H 344 28.16 17.45 -5.62
CA GLY H 344 28.59 18.14 -4.42
C GLY H 344 30.07 18.07 -4.17
N GLY H 345 30.85 17.58 -5.13
CA GLY H 345 32.29 17.53 -4.99
C GLY H 345 32.76 16.57 -3.92
N PHE H 346 32.54 15.28 -4.11
CA PHE H 346 33.01 14.26 -3.18
C PHE H 346 33.72 13.16 -3.95
N LEU H 347 35.04 13.25 -4.03
CA LEU H 347 35.80 12.16 -4.60
C LEU H 347 35.62 10.91 -3.76
N ILE H 348 35.30 9.81 -4.42
CA ILE H 348 34.99 8.56 -3.74
C ILE H 348 36.02 7.53 -4.14
N ALA H 349 36.67 6.93 -3.16
CA ALA H 349 37.61 5.83 -3.39
C ALA H 349 36.85 4.54 -3.11
N TYR H 350 36.59 3.76 -4.15
CA TYR H 350 35.74 2.58 -4.06
C TYR H 350 36.56 1.33 -4.32
N GLN H 351 36.46 0.36 -3.42
CA GLN H 351 37.12 -0.92 -3.59
C GLN H 351 36.06 -2.01 -3.71
N PRO H 352 35.72 -2.45 -4.92
CA PRO H 352 34.68 -3.46 -5.05
C PRO H 352 35.07 -4.76 -4.35
N LEU H 353 34.06 -5.46 -3.85
CA LEU H 353 34.26 -6.75 -3.20
C LEU H 353 33.38 -7.78 -3.88
N LEU H 354 33.56 -9.04 -3.47
CA LEU H 354 32.77 -10.15 -3.98
C LEU H 354 32.85 -11.27 -2.97
N SER H 355 31.71 -11.85 -2.64
CA SER H 355 31.66 -12.92 -1.66
C SER H 355 32.48 -14.11 -2.14
N ASN H 356 32.96 -14.91 -1.18
CA ASN H 356 33.71 -16.11 -1.53
C ASN H 356 32.88 -17.06 -2.38
N THR H 357 31.56 -16.96 -2.30
CA THR H 357 30.67 -17.75 -3.14
C THR H 357 30.81 -17.37 -4.60
N VAL H 390 44.66 18.76 -14.84
CA VAL H 390 44.85 19.20 -13.46
C VAL H 390 43.83 20.28 -13.11
N GLU H 391 43.15 20.10 -11.98
CA GLU H 391 42.12 21.02 -11.54
C GLU H 391 41.98 20.89 -10.03
N ARG H 392 41.05 21.66 -9.46
CA ARG H 392 40.69 21.54 -8.06
C ARG H 392 39.18 21.35 -7.97
N ILE H 393 38.77 20.35 -7.20
CA ILE H 393 37.36 20.08 -6.99
C ILE H 393 36.81 21.00 -5.91
N LYS H 394 35.52 21.31 -5.98
CA LYS H 394 34.85 22.11 -4.98
C LYS H 394 33.74 21.29 -4.33
N THR H 395 33.71 21.28 -3.01
CA THR H 395 32.78 20.45 -2.25
C THR H 395 31.70 21.31 -1.61
N THR H 396 30.46 20.84 -1.71
CA THR H 396 29.35 21.52 -1.06
C THR H 396 29.53 21.50 0.45
N SER H 397 28.70 22.29 1.14
CA SER H 397 28.73 22.36 2.60
C SER H 397 27.52 21.69 3.23
N SER H 398 26.77 20.90 2.47
CA SER H 398 25.54 20.30 2.97
C SER H 398 25.47 18.88 2.45
N ILE H 399 25.66 17.91 3.34
CA ILE H 399 25.39 16.51 3.01
C ILE H 399 23.90 16.27 2.86
N GLU H 400 23.09 17.19 3.38
CA GLU H 400 21.65 16.95 3.49
C GLU H 400 21.02 16.67 2.14
N PHE H 401 21.62 17.17 1.05
CA PHE H 401 21.14 16.76 -0.27
C PHE H 401 21.32 15.26 -0.45
N ALA H 402 22.47 14.73 -0.05
CA ALA H 402 22.73 13.31 -0.24
C ALA H 402 21.97 12.47 0.77
N ARG H 403 21.81 12.98 1.99
CA ARG H 403 21.02 12.25 2.97
C ARG H 403 19.55 12.19 2.59
N LEU H 404 19.02 13.29 2.04
CA LEU H 404 17.69 13.24 1.45
C LEU H 404 17.65 12.26 0.29
N GLN H 405 18.69 12.25 -0.54
CA GLN H 405 18.70 11.30 -1.63
C GLN H 405 18.63 9.88 -1.12
N PHE H 406 19.37 9.58 -0.06
CA PHE H 406 19.38 8.23 0.50
C PHE H 406 18.04 7.90 1.14
N THR H 407 17.50 8.81 1.93
CA THR H 407 16.21 8.57 2.59
C THR H 407 15.12 8.37 1.55
N TYR H 408 15.05 9.26 0.58
CA TYR H 408 14.04 9.16 -0.47
C TYR H 408 14.21 7.89 -1.27
N ASN H 409 15.45 7.52 -1.61
CA ASN H 409 15.66 6.31 -2.38
C ASN H 409 15.31 5.07 -1.57
N HIS H 410 15.67 5.06 -0.28
CA HIS H 410 15.31 3.92 0.57
C HIS H 410 13.80 3.76 0.65
N ILE H 411 13.10 4.86 0.97
CA ILE H 411 11.65 4.81 1.09
C ILE H 411 11.03 4.46 -0.24
N GLN H 412 11.59 4.97 -1.33
CA GLN H 412 11.03 4.70 -2.64
C GLN H 412 11.23 3.25 -3.05
N ARG H 413 12.43 2.70 -2.82
CA ARG H 413 12.62 1.27 -3.04
C ARG H 413 11.59 0.47 -2.27
N HIS H 414 11.41 0.79 -0.99
CA HIS H 414 10.47 0.02 -0.19
C HIS H 414 9.06 0.13 -0.74
N VAL H 415 8.57 1.35 -0.95
CA VAL H 415 7.17 1.53 -1.33
C VAL H 415 6.93 1.02 -2.74
N ASN H 416 7.88 1.24 -3.66
CA ASN H 416 7.73 0.71 -5.01
C ASN H 416 7.70 -0.80 -5.00
N ASP H 417 8.60 -1.42 -4.24
CA ASP H 417 8.59 -2.88 -4.13
C ASP H 417 7.28 -3.38 -3.56
N MET H 418 6.80 -2.74 -2.50
CA MET H 418 5.62 -3.26 -1.81
C MET H 418 4.36 -3.03 -2.62
N LEU H 419 4.23 -1.85 -3.23
CA LEU H 419 3.08 -1.60 -4.09
C LEU H 419 3.15 -2.42 -5.36
N GLY H 420 4.34 -2.75 -5.85
CA GLY H 420 4.45 -3.69 -6.95
C GLY H 420 3.99 -5.07 -6.56
N ARG H 421 4.37 -5.52 -5.38
CA ARG H 421 3.87 -6.80 -4.89
C ARG H 421 2.36 -6.77 -4.71
N VAL H 422 1.84 -5.64 -4.23
CA VAL H 422 0.39 -5.50 -4.05
C VAL H 422 -0.31 -5.57 -5.40
N ALA H 423 0.21 -4.86 -6.40
CA ALA H 423 -0.42 -4.87 -7.71
C ALA H 423 -0.33 -6.25 -8.36
N ILE H 424 0.81 -6.92 -8.22
CA ILE H 424 0.96 -8.26 -8.77
C ILE H 424 -0.02 -9.22 -8.11
N ALA H 425 -0.09 -9.18 -6.78
CA ALA H 425 -1.02 -10.03 -6.06
C ALA H 425 -2.46 -9.66 -6.39
N TRP H 426 -2.72 -8.40 -6.72
CA TRP H 426 -4.06 -7.97 -7.08
C TRP H 426 -4.45 -8.52 -8.44
N CYS H 427 -3.52 -8.49 -9.41
CA CYS H 427 -3.79 -9.14 -10.69
C CYS H 427 -4.03 -10.62 -10.49
N GLU H 428 -3.19 -11.27 -9.70
CA GLU H 428 -3.36 -12.69 -9.48
C GLU H 428 -4.70 -12.97 -8.82
N LEU H 429 -5.12 -12.08 -7.91
CA LEU H 429 -6.43 -12.23 -7.29
C LEU H 429 -7.54 -12.08 -8.31
N GLN H 430 -7.43 -11.12 -9.22
CA GLN H 430 -8.48 -10.95 -10.22
C GLN H 430 -8.57 -12.15 -11.15
N ASN H 431 -7.43 -12.58 -11.71
CA ASN H 431 -7.42 -13.75 -12.57
C ASN H 431 -7.90 -14.98 -11.81
N HIS H 432 -7.65 -15.01 -10.51
CA HIS H 432 -7.98 -16.16 -9.69
C HIS H 432 -9.47 -16.19 -9.37
N GLU H 433 -10.05 -15.01 -9.14
CA GLU H 433 -11.47 -14.84 -8.89
C GLU H 433 -12.29 -15.03 -10.16
N LEU H 434 -11.67 -14.90 -11.33
CA LEU H 434 -12.42 -15.12 -12.56
C LEU H 434 -13.08 -16.48 -12.60
N THR H 435 -12.46 -17.50 -12.00
CA THR H 435 -13.07 -18.82 -11.97
C THR H 435 -14.36 -18.81 -11.16
N LEU H 436 -14.33 -18.18 -9.99
CA LEU H 436 -15.54 -18.05 -9.19
C LEU H 436 -16.59 -17.27 -9.95
N TRP H 437 -16.17 -16.26 -10.70
CA TRP H 437 -17.12 -15.48 -11.47
C TRP H 437 -17.76 -16.31 -12.57
N ASN H 438 -16.99 -17.17 -13.22
CA ASN H 438 -17.56 -18.09 -14.21
C ASN H 438 -18.61 -18.98 -13.57
N GLU H 439 -18.27 -19.56 -12.42
CA GLU H 439 -19.23 -20.45 -11.76
C GLU H 439 -20.49 -19.70 -11.37
N ALA H 440 -20.34 -18.49 -10.83
CA ALA H 440 -21.51 -17.72 -10.44
C ALA H 440 -22.36 -17.36 -11.65
N ARG H 441 -21.74 -16.92 -12.73
CA ARG H 441 -22.51 -16.56 -13.92
C ARG H 441 -23.25 -17.77 -14.46
N LYS H 442 -22.70 -18.97 -14.24
CA LYS H 442 -23.48 -20.17 -14.53
C LYS H 442 -24.63 -20.33 -13.55
N LEU H 443 -24.45 -19.89 -12.30
CA LEU H 443 -25.48 -20.10 -11.29
C LEU H 443 -26.63 -19.11 -11.47
N ASN H 444 -26.35 -17.81 -11.31
CA ASN H 444 -27.39 -16.78 -11.31
C ASN H 444 -27.00 -15.70 -12.30
N PRO H 445 -27.10 -15.98 -13.60
CA PRO H 445 -26.54 -15.05 -14.59
C PRO H 445 -27.08 -13.64 -14.51
N ASN H 446 -28.31 -13.47 -14.02
CA ASN H 446 -28.88 -12.14 -13.91
C ASN H 446 -28.03 -11.24 -13.02
N ALA H 447 -27.74 -11.70 -11.80
CA ALA H 447 -27.02 -10.86 -10.84
C ALA H 447 -25.60 -10.56 -11.31
N ILE H 448 -24.89 -11.58 -11.78
CA ILE H 448 -23.52 -11.38 -12.27
C ILE H 448 -23.49 -10.45 -13.46
N ALA H 449 -24.41 -10.62 -14.41
CA ALA H 449 -24.42 -9.72 -15.55
C ALA H 449 -24.75 -8.30 -15.11
N SER H 450 -25.69 -8.14 -14.17
CA SER H 450 -26.03 -6.81 -13.69
C SER H 450 -24.85 -6.13 -13.03
N VAL H 451 -24.09 -6.88 -12.25
CA VAL H 451 -22.92 -6.30 -11.58
C VAL H 451 -21.83 -5.97 -12.59
N THR H 452 -21.55 -6.89 -13.50
CA THR H 452 -20.42 -6.73 -14.40
C THR H 452 -20.67 -5.66 -15.44
N VAL H 453 -21.84 -5.68 -16.09
CA VAL H 453 -22.15 -4.69 -17.11
C VAL H 453 -22.28 -3.31 -16.48
N GLY H 454 -22.86 -3.24 -15.29
CA GLY H 454 -23.05 -1.98 -14.62
C GLY H 454 -24.47 -1.48 -14.55
N ARG H 455 -25.45 -2.30 -14.88
CA ARG H 455 -26.85 -1.89 -14.83
C ARG H 455 -27.71 -3.14 -14.78
N ARG H 456 -28.89 -3.00 -14.18
CA ARG H 456 -29.81 -4.13 -14.06
C ARG H 456 -30.18 -4.64 -15.45
N VAL H 457 -29.72 -5.84 -15.79
CA VAL H 457 -29.94 -6.43 -17.10
C VAL H 457 -30.30 -7.90 -16.94
N SER H 458 -31.27 -8.37 -17.70
CA SER H 458 -31.57 -9.78 -17.74
C SER H 458 -30.53 -10.51 -18.58
N ALA H 459 -30.12 -11.68 -18.14
CA ALA H 459 -29.08 -12.42 -18.85
C ALA H 459 -29.35 -13.91 -18.81
N ARG H 460 -28.73 -14.60 -19.77
CA ARG H 460 -28.76 -16.05 -19.82
C ARG H 460 -27.56 -16.48 -20.64
N MET H 461 -27.00 -17.63 -20.28
CA MET H 461 -25.83 -18.13 -20.98
C MET H 461 -26.22 -18.70 -22.34
N LEU H 462 -25.38 -18.44 -23.33
CA LEU H 462 -25.52 -18.98 -24.68
C LEU H 462 -24.36 -19.93 -24.96
N GLY H 463 -24.07 -20.81 -24.02
CA GLY H 463 -22.90 -21.65 -24.13
C GLY H 463 -21.78 -21.10 -23.27
N ASP H 464 -20.84 -20.39 -23.89
CA ASP H 464 -19.74 -19.78 -23.19
C ASP H 464 -19.78 -18.27 -23.24
N VAL H 465 -20.91 -17.69 -23.62
CA VAL H 465 -21.12 -16.24 -23.62
C VAL H 465 -22.48 -15.96 -22.99
N MET H 466 -22.65 -14.71 -22.57
CA MET H 466 -23.88 -14.27 -21.93
C MET H 466 -24.63 -13.36 -22.89
N ALA H 467 -25.94 -13.53 -22.96
CA ALA H 467 -26.80 -12.62 -23.71
C ALA H 467 -27.52 -11.71 -22.72
N VAL H 468 -27.34 -10.41 -22.87
CA VAL H 468 -27.90 -9.44 -21.94
C VAL H 468 -29.01 -8.66 -22.63
N SER H 469 -29.86 -8.06 -21.81
CA SER H 469 -30.96 -7.22 -22.29
C SER H 469 -31.40 -6.35 -21.14
N THR H 470 -31.38 -5.04 -21.32
CA THR H 470 -31.63 -4.12 -20.22
C THR H 470 -33.06 -4.27 -19.71
N CYS H 471 -33.21 -4.16 -18.39
CA CYS H 471 -34.50 -4.28 -17.75
C CYS H 471 -35.11 -2.90 -17.54
N VAL H 472 -36.42 -2.81 -17.76
CA VAL H 472 -37.16 -1.55 -17.63
C VAL H 472 -37.39 -1.25 -16.16
N PRO H 473 -36.93 -0.11 -15.64
CA PRO H 473 -37.24 0.24 -14.25
C PRO H 473 -38.72 0.50 -14.06
N VAL H 474 -39.19 0.22 -12.84
CA VAL H 474 -40.58 0.44 -12.47
C VAL H 474 -40.61 1.21 -11.16
N ALA H 475 -41.46 2.23 -11.09
CA ALA H 475 -41.56 3.04 -9.89
C ALA H 475 -42.00 2.18 -8.71
N ALA H 476 -41.47 2.51 -7.52
CA ALA H 476 -41.78 1.74 -6.32
C ALA H 476 -43.27 1.81 -6.01
N ASP H 477 -43.86 2.99 -6.12
CA ASP H 477 -45.26 3.17 -5.76
C ASP H 477 -46.20 2.42 -6.69
N ASN H 478 -45.71 1.96 -7.84
CA ASN H 478 -46.53 1.26 -8.81
C ASN H 478 -46.47 -0.26 -8.66
N VAL H 479 -46.22 -0.76 -7.45
CA VAL H 479 -46.11 -2.18 -7.20
C VAL H 479 -46.99 -2.55 -6.02
N ILE H 480 -47.83 -3.57 -6.20
CA ILE H 480 -48.75 -4.02 -5.16
C ILE H 480 -48.54 -5.51 -4.94
N VAL H 481 -48.48 -5.91 -3.67
CA VAL H 481 -48.26 -7.29 -3.29
C VAL H 481 -49.60 -7.92 -2.92
N GLN H 482 -49.94 -9.04 -3.56
CA GLN H 482 -51.09 -9.79 -3.13
C GLN H 482 -50.81 -10.44 -1.78
N ASN H 483 -51.82 -10.40 -0.89
CA ASN H 483 -51.59 -10.79 0.49
C ASN H 483 -51.22 -12.27 0.60
N SER H 484 -51.84 -13.12 -0.21
CA SER H 484 -51.64 -14.55 -0.09
C SER H 484 -50.82 -15.09 -1.25
N MET H 485 -49.83 -15.91 -0.92
CA MET H 485 -49.11 -16.67 -1.94
C MET H 485 -49.73 -18.04 -2.19
N ARG H 486 -50.85 -18.35 -1.55
CA ARG H 486 -51.54 -19.60 -1.81
C ARG H 486 -52.04 -19.63 -3.24
N ILE H 487 -52.40 -20.84 -3.68
CA ILE H 487 -53.08 -21.05 -4.96
C ILE H 487 -54.34 -21.81 -4.61
N SER H 488 -55.44 -21.08 -4.40
CA SER H 488 -56.67 -21.71 -3.91
C SER H 488 -57.18 -22.77 -4.88
N SER H 489 -56.85 -22.64 -6.17
CA SER H 489 -57.36 -23.58 -7.16
C SER H 489 -56.76 -24.97 -7.02
N ARG H 490 -55.71 -25.14 -6.22
CA ARG H 490 -55.09 -26.45 -6.11
C ARG H 490 -54.45 -26.65 -4.74
N PRO H 491 -54.60 -27.83 -4.15
CA PRO H 491 -54.08 -28.04 -2.79
C PRO H 491 -52.56 -28.22 -2.80
N GLY H 492 -51.94 -27.86 -1.68
CA GLY H 492 -50.54 -28.14 -1.47
C GLY H 492 -49.58 -27.34 -2.33
N ALA H 493 -50.07 -26.65 -3.35
CA ALA H 493 -49.21 -25.89 -4.25
C ALA H 493 -49.22 -24.43 -3.83
N CYS H 494 -48.04 -23.89 -3.54
CA CYS H 494 -47.89 -22.52 -3.11
C CYS H 494 -46.91 -21.78 -4.01
N TYR H 495 -47.19 -20.49 -4.23
CA TYR H 495 -46.24 -19.63 -4.90
C TYR H 495 -45.03 -19.46 -3.99
N SER H 496 -43.85 -19.85 -4.48
CA SER H 496 -42.65 -19.78 -3.66
C SER H 496 -42.15 -18.36 -3.48
N ARG H 497 -42.73 -17.41 -4.21
CA ARG H 497 -42.25 -16.04 -4.21
C ARG H 497 -43.44 -15.12 -4.44
N PRO H 498 -43.58 -14.05 -3.66
CA PRO H 498 -44.85 -13.32 -3.63
C PRO H 498 -45.29 -12.80 -4.98
N LEU H 499 -46.60 -12.85 -5.19
CA LEU H 499 -47.23 -12.30 -6.39
C LEU H 499 -47.28 -10.78 -6.29
N VAL H 500 -47.07 -10.12 -7.42
CA VAL H 500 -47.10 -8.66 -7.46
C VAL H 500 -47.90 -8.23 -8.68
N SER H 501 -48.74 -7.21 -8.49
CA SER H 501 -49.40 -6.51 -9.58
C SER H 501 -48.75 -5.15 -9.71
N PHE H 502 -48.42 -4.77 -10.95
CA PHE H 502 -47.65 -3.57 -11.18
C PHE H 502 -48.08 -2.91 -12.48
N ARG H 503 -47.74 -1.63 -12.61
CA ARG H 503 -48.00 -0.85 -13.81
C ARG H 503 -46.74 -0.09 -14.18
N TYR H 504 -46.40 -0.08 -15.46
CA TYR H 504 -45.16 0.59 -15.89
C TYR H 504 -45.22 2.08 -15.64
N GLU H 505 -46.36 2.70 -15.92
CA GLU H 505 -46.55 4.13 -15.71
C GLU H 505 -47.61 4.36 -14.65
N ASP H 506 -47.71 5.61 -14.19
CA ASP H 506 -48.64 5.93 -13.12
C ASP H 506 -50.09 5.71 -13.51
N GLN H 507 -50.39 5.60 -14.80
CA GLN H 507 -51.73 5.34 -15.27
C GLN H 507 -51.83 4.10 -16.16
N GLY H 508 -50.75 3.35 -16.32
CA GLY H 508 -50.75 2.17 -17.15
C GLY H 508 -51.65 1.08 -16.62
N PRO H 509 -52.06 0.17 -17.48
CA PRO H 509 -52.91 -0.94 -17.05
C PRO H 509 -52.21 -1.79 -16.00
N LEU H 510 -52.99 -2.31 -15.06
CA LEU H 510 -52.42 -3.15 -14.02
C LEU H 510 -51.98 -4.48 -14.61
N VAL H 511 -50.70 -4.81 -14.43
CA VAL H 511 -50.10 -6.00 -15.03
C VAL H 511 -49.71 -6.95 -13.90
N GLU H 512 -50.17 -8.20 -14.01
CA GLU H 512 -49.82 -9.21 -13.03
C GLU H 512 -48.38 -9.65 -13.21
N GLY H 513 -47.81 -10.19 -12.15
CA GLY H 513 -46.44 -10.65 -12.17
C GLY H 513 -46.07 -11.29 -10.85
N GLN H 514 -44.82 -11.71 -10.77
CA GLN H 514 -44.31 -12.31 -9.55
C GLN H 514 -43.00 -11.65 -9.18
N LEU H 515 -42.79 -11.46 -7.88
CA LEU H 515 -41.59 -10.84 -7.39
C LEU H 515 -40.38 -11.73 -7.68
N GLY H 516 -39.20 -11.14 -7.69
CA GLY H 516 -37.99 -11.91 -7.90
C GLY H 516 -36.94 -11.65 -6.84
N GLU H 517 -35.72 -11.37 -7.27
CA GLU H 517 -34.63 -11.06 -6.37
C GLU H 517 -34.05 -9.72 -6.73
N ASN H 518 -33.65 -8.96 -5.70
CA ASN H 518 -33.25 -7.57 -5.86
C ASN H 518 -34.33 -6.78 -6.57
N ASN H 519 -35.57 -6.93 -6.10
CA ASN H 519 -36.72 -6.14 -6.54
C ASN H 519 -37.08 -6.39 -8.00
N GLU H 520 -36.56 -7.45 -8.60
CA GLU H 520 -36.91 -7.76 -9.98
C GLU H 520 -38.31 -8.32 -10.06
N LEU H 521 -39.10 -7.81 -11.00
CA LEU H 521 -40.46 -8.27 -11.22
C LEU H 521 -40.49 -9.21 -12.41
N ARG H 522 -40.96 -10.43 -12.19
CA ARG H 522 -41.02 -11.44 -13.23
C ARG H 522 -42.42 -11.44 -13.83
N LEU H 523 -42.50 -11.43 -15.16
CA LEU H 523 -43.78 -11.33 -15.84
C LEU H 523 -44.60 -12.61 -15.78
N THR H 524 -44.00 -13.73 -15.37
CA THR H 524 -44.68 -15.01 -15.36
C THR H 524 -44.75 -15.53 -13.93
N ARG H 525 -45.96 -15.87 -13.49
CA ARG H 525 -46.19 -16.43 -12.15
C ARG H 525 -46.02 -17.93 -12.26
N ASP H 526 -44.78 -18.40 -12.14
CA ASP H 526 -44.46 -19.81 -12.30
C ASP H 526 -43.66 -20.42 -11.18
N ALA H 527 -43.08 -19.63 -10.28
CA ALA H 527 -42.28 -20.18 -9.19
C ALA H 527 -43.17 -20.82 -8.14
N ILE H 528 -43.58 -22.06 -8.38
CA ILE H 528 -44.49 -22.76 -7.50
C ILE H 528 -43.74 -23.85 -6.75
N GLU H 529 -44.00 -23.93 -5.44
CA GLU H 529 -43.38 -24.93 -4.59
C GLU H 529 -44.46 -25.58 -3.76
N PRO H 530 -44.25 -26.80 -3.27
CA PRO H 530 -45.22 -27.41 -2.35
C PRO H 530 -45.33 -26.59 -1.08
N CYS H 531 -46.55 -26.47 -0.57
CA CYS H 531 -46.78 -25.68 0.64
C CYS H 531 -46.13 -26.37 1.84
N THR H 532 -45.57 -25.56 2.74
CA THR H 532 -44.79 -26.07 3.87
C THR H 532 -45.36 -25.52 5.17
N VAL H 533 -45.41 -26.37 6.20
CA VAL H 533 -45.81 -25.91 7.51
C VAL H 533 -44.69 -25.02 8.07
N GLY H 534 -45.08 -24.11 8.97
CA GLY H 534 -44.10 -23.20 9.55
C GLY H 534 -43.40 -22.35 8.52
N HIS H 535 -44.14 -21.90 7.51
CA HIS H 535 -43.56 -21.21 6.36
C HIS H 535 -43.30 -19.76 6.73
N ARG H 536 -42.10 -19.45 7.16
CA ARG H 536 -41.67 -18.09 7.41
C ARG H 536 -40.71 -17.67 6.32
N ARG H 537 -40.96 -16.50 5.72
CA ARG H 537 -40.10 -16.02 4.65
C ARG H 537 -39.99 -14.50 4.73
N TYR H 538 -38.81 -14.00 4.41
CA TYR H 538 -38.58 -12.57 4.23
C TYR H 538 -38.15 -12.38 2.79
N PHE H 539 -38.84 -11.51 2.07
CA PHE H 539 -38.52 -11.25 0.67
C PHE H 539 -38.13 -9.79 0.50
N THR H 540 -37.05 -9.54 -0.24
CA THR H 540 -36.67 -8.17 -0.52
C THR H 540 -37.77 -7.49 -1.32
N PHE H 541 -38.13 -6.29 -0.89
CA PHE H 541 -39.22 -5.56 -1.53
C PHE H 541 -38.95 -4.07 -1.33
N GLY H 542 -38.62 -3.38 -2.41
CA GLY H 542 -38.23 -1.98 -2.27
C GLY H 542 -37.02 -1.85 -1.39
N GLY H 543 -37.09 -0.93 -0.43
CA GLY H 543 -35.97 -0.69 0.46
C GLY H 543 -35.88 -1.63 1.64
N GLY H 544 -36.88 -2.46 1.85
CA GLY H 544 -36.90 -3.38 2.98
C GLY H 544 -37.40 -4.74 2.55
N TYR H 545 -37.96 -5.47 3.51
CA TYR H 545 -38.47 -6.80 3.27
C TYR H 545 -39.98 -6.84 3.49
N VAL H 546 -40.59 -7.91 3.03
CA VAL H 546 -42.02 -8.14 3.20
C VAL H 546 -42.18 -9.51 3.86
N TYR H 547 -42.27 -9.50 5.19
CA TYR H 547 -42.32 -10.75 5.94
C TYR H 547 -43.60 -11.50 5.65
N PHE H 548 -43.47 -12.80 5.40
CA PHE H 548 -44.61 -13.66 5.09
C PHE H 548 -44.66 -14.81 6.08
N GLU H 549 -45.87 -15.18 6.49
CA GLU H 549 -46.08 -16.33 7.35
C GLU H 549 -47.22 -17.16 6.81
N GLU H 550 -46.99 -18.47 6.73
CA GLU H 550 -48.01 -19.42 6.27
C GLU H 550 -48.58 -19.00 4.92
N TYR H 551 -47.70 -18.53 4.04
CA TYR H 551 -48.09 -18.06 2.71
C TYR H 551 -49.15 -16.96 2.80
N ALA H 552 -48.95 -16.03 3.71
CA ALA H 552 -49.84 -14.88 3.86
C ALA H 552 -49.01 -13.67 4.27
N TYR H 553 -49.34 -12.51 3.69
CA TYR H 553 -48.65 -11.29 4.02
C TYR H 553 -48.79 -10.98 5.51
N SER H 554 -47.67 -10.64 6.15
CA SER H 554 -47.69 -10.26 7.55
C SER H 554 -47.47 -8.76 7.73
N HIS H 555 -46.36 -8.22 7.22
CA HIS H 555 -46.07 -6.80 7.28
C HIS H 555 -44.75 -6.55 6.58
N GLN H 556 -44.54 -5.30 6.17
CA GLN H 556 -43.24 -4.89 5.66
C GLN H 556 -42.28 -4.63 6.81
N LEU H 557 -40.99 -4.78 6.52
CA LEU H 557 -39.95 -4.54 7.51
C LEU H 557 -38.97 -3.52 6.97
N SER H 558 -38.52 -2.61 7.83
CA SER H 558 -37.43 -1.73 7.46
C SER H 558 -36.15 -2.55 7.27
N ARG H 559 -35.23 -2.01 6.48
CA ARG H 559 -34.01 -2.75 6.18
C ARG H 559 -33.21 -3.01 7.44
N ALA H 560 -33.18 -2.05 8.35
CA ALA H 560 -32.38 -2.17 9.57
C ALA H 560 -33.07 -2.96 10.66
N ASP H 561 -34.32 -3.39 10.46
CA ASP H 561 -35.00 -4.16 11.48
C ASP H 561 -34.43 -5.56 11.66
N ILE H 562 -33.56 -6.00 10.74
CA ILE H 562 -32.97 -7.32 10.78
C ILE H 562 -31.47 -7.17 11.04
N THR H 563 -30.95 -8.00 11.95
CA THR H 563 -29.52 -7.95 12.26
C THR H 563 -28.70 -8.16 11.00
N THR H 564 -27.58 -7.44 10.93
CA THR H 564 -26.76 -7.41 9.73
C THR H 564 -25.40 -8.04 10.02
N VAL H 565 -25.01 -8.97 9.17
CA VAL H 565 -23.68 -9.59 9.22
C VAL H 565 -22.93 -9.16 7.97
N SER H 566 -21.65 -8.86 8.13
CA SER H 566 -20.86 -8.25 7.07
C SER H 566 -19.96 -9.29 6.42
N THR H 567 -20.13 -9.48 5.11
CA THR H 567 -19.18 -10.24 4.33
C THR H 567 -17.99 -9.41 3.91
N PHE H 568 -18.06 -8.10 4.08
CA PHE H 568 -16.93 -7.22 3.78
C PHE H 568 -15.83 -7.41 4.81
N ILE H 569 -14.62 -7.04 4.43
CA ILE H 569 -13.47 -7.07 5.33
C ILE H 569 -12.95 -5.65 5.45
N ASP H 570 -13.04 -5.10 6.66
CA ASP H 570 -12.66 -3.71 6.87
C ASP H 570 -11.17 -3.52 6.60
N LEU H 571 -10.86 -2.50 5.81
CA LEU H 571 -9.48 -2.08 5.55
C LEU H 571 -9.45 -0.60 5.92
N ASN H 572 -9.24 -0.32 7.20
CA ASN H 572 -9.32 1.04 7.69
C ASN H 572 -8.05 1.80 7.31
N ILE H 573 -7.97 2.21 6.04
CA ILE H 573 -6.83 2.94 5.52
C ILE H 573 -7.13 4.42 5.71
N THR H 574 -6.56 5.02 6.75
CA THR H 574 -6.62 6.47 6.88
C THR H 574 -5.41 7.04 6.13
N MET H 575 -5.31 8.36 6.08
CA MET H 575 -4.37 8.99 5.17
C MET H 575 -3.29 9.70 5.95
N LEU H 576 -2.07 9.64 5.44
CA LEU H 576 -0.95 10.36 6.05
C LEU H 576 -1.29 11.85 6.05
N GLU H 577 -1.47 12.40 7.24
CA GLU H 577 -1.90 13.79 7.35
C GLU H 577 -0.79 14.73 6.89
N ASP H 578 -1.20 15.91 6.45
CA ASP H 578 -0.23 16.94 6.11
C ASP H 578 0.56 17.34 7.34
N HIS H 579 1.86 17.48 7.16
CA HIS H 579 2.74 17.92 8.24
C HIS H 579 3.59 19.06 7.73
N GLU H 580 3.72 20.11 8.55
CA GLU H 580 4.43 21.31 8.18
C GLU H 580 5.76 21.39 8.90
N PHE H 581 6.82 21.65 8.15
CA PHE H 581 8.17 21.67 8.67
C PHE H 581 8.58 23.11 8.88
N VAL H 582 8.77 23.50 10.13
CA VAL H 582 9.20 24.85 10.45
C VAL H 582 10.70 24.96 10.20
N PRO H 583 11.21 26.12 9.81
CA PRO H 583 12.66 26.27 9.71
C PRO H 583 13.31 26.05 11.06
N LEU H 584 14.44 25.36 11.06
CA LEU H 584 15.09 24.97 12.30
C LEU H 584 16.59 25.07 12.15
N GLU H 585 17.21 25.71 13.13
CA GLU H 585 18.66 25.86 13.17
C GLU H 585 19.12 25.63 14.59
N VAL H 586 20.07 24.71 14.78
CA VAL H 586 20.72 24.61 16.08
C VAL H 586 21.46 25.90 16.38
N TYR H 587 22.02 26.54 15.34
CA TYR H 587 22.78 27.77 15.50
C TYR H 587 22.53 28.63 14.26
N THR H 588 21.80 29.72 14.43
CA THR H 588 21.65 30.66 13.33
C THR H 588 23.00 31.28 13.00
N ARG H 589 23.14 31.74 11.75
CA ARG H 589 24.44 32.31 11.35
C ARG H 589 24.79 33.53 12.19
N HIS H 590 23.80 34.19 12.78
CA HIS H 590 24.10 35.33 13.64
C HIS H 590 24.81 34.90 14.91
N GLU H 591 24.29 33.88 15.59
CA GLU H 591 24.99 33.41 16.79
C GLU H 591 26.27 32.69 16.45
N ILE H 592 26.37 32.10 15.26
CA ILE H 592 27.64 31.51 14.83
C ILE H 592 28.68 32.59 14.62
N LYS H 593 28.29 33.72 14.04
CA LYS H 593 29.20 34.85 13.92
C LYS H 593 29.55 35.42 15.28
N ASP H 594 28.56 35.48 16.18
CA ASP H 594 28.77 36.04 17.51
C ASP H 594 29.61 35.13 18.40
N SER H 595 29.73 33.85 18.05
CA SER H 595 30.50 32.92 18.86
C SER H 595 31.95 33.37 19.02
N GLY H 596 32.49 34.02 18.01
CA GLY H 596 33.83 34.57 18.13
C GLY H 596 33.90 35.67 19.16
N LEU H 597 35.01 35.71 19.90
CA LEU H 597 35.19 36.72 20.92
C LEU H 597 35.29 38.12 20.32
N LEU H 598 35.98 38.26 19.20
CA LEU H 598 36.14 39.57 18.57
C LEU H 598 35.89 39.43 17.07
N ASP H 599 36.01 40.55 16.36
CA ASP H 599 35.86 40.59 14.91
C ASP H 599 36.31 41.95 14.41
N TYR H 600 37.05 41.94 13.28
CA TYR H 600 37.50 43.18 12.66
C TYR H 600 36.46 44.28 12.62
N THR H 601 35.27 43.95 12.14
CA THR H 601 34.24 44.95 11.93
C THR H 601 34.04 45.72 13.22
N GLU H 602 33.49 45.05 14.23
CA GLU H 602 33.21 45.71 15.50
C GLU H 602 34.48 46.31 16.08
N VAL H 603 35.53 45.50 16.18
CA VAL H 603 36.71 45.84 16.95
C VAL H 603 37.39 47.08 16.39
N GLN H 604 37.92 47.02 15.18
CA GLN H 604 38.63 48.23 14.82
C GLN H 604 37.72 49.27 14.18
N ARG H 605 36.46 48.96 13.91
CA ARG H 605 35.51 50.03 13.63
C ARG H 605 35.47 50.94 14.85
N ARG H 606 35.29 50.35 16.04
CA ARG H 606 35.32 51.14 17.27
C ARG H 606 36.69 51.77 17.47
N ASN H 607 37.75 51.02 17.20
CA ASN H 607 39.10 51.50 17.44
C ASN H 607 39.46 52.69 16.54
N GLN H 608 38.79 52.84 15.40
CA GLN H 608 39.07 54.00 14.57
C GLN H 608 38.03 55.09 14.73
N LEU H 609 36.83 54.78 15.24
CA LEU H 609 36.02 55.84 15.82
C LEU H 609 36.76 56.55 16.92
N HIS H 610 37.55 55.82 17.70
CA HIS H 610 38.19 56.37 18.89
C HIS H 610 38.67 57.82 18.69
N ASP H 611 39.36 58.07 17.58
CA ASP H 611 39.86 59.42 17.30
C ASP H 611 38.69 60.40 17.09
N LEU H 612 37.74 60.02 16.24
CA LEU H 612 36.58 60.86 15.95
C LEU H 612 35.77 61.17 17.21
N ARG H 613 35.44 60.14 17.96
CA ARG H 613 34.62 60.27 19.16
C ARG H 613 35.32 61.08 20.24
N PHE H 614 36.61 60.81 20.47
CA PHE H 614 37.27 61.31 21.66
C PHE H 614 38.25 62.43 21.30
N ALA H 615 38.09 63.02 20.13
CA ALA H 615 38.93 64.14 19.70
C ALA H 615 38.27 64.80 18.49
N ASP H 616 38.74 65.99 18.17
CA ASP H 616 38.27 66.71 16.99
C ASP H 616 39.24 66.47 15.84
N ILE H 617 38.69 66.14 14.67
CA ILE H 617 39.52 65.90 13.49
C ILE H 617 39.39 67.03 12.48
N ASP H 618 38.84 68.17 12.89
CA ASP H 618 38.63 69.27 11.96
C ASP H 618 39.25 70.56 12.49
N THR H 619 39.19 70.76 13.79
CA THR H 619 39.72 71.98 14.38
C THR H 619 41.22 72.10 14.15
N VAL H 620 41.64 73.28 13.73
CA VAL H 620 43.05 73.54 13.41
C VAL H 620 43.55 74.65 14.31
N ILE H 621 44.71 74.42 14.94
CA ILE H 621 45.26 75.39 15.88
C ILE H 621 46.61 75.86 15.37
N HIS H 622 46.78 77.18 15.32
CA HIS H 622 48.03 77.79 14.93
C HIS H 622 48.37 78.89 15.92
N ALA H 623 49.64 79.01 16.27
CA ALA H 623 50.08 80.01 17.23
C ALA H 623 51.56 80.35 17.05
N ALA I 9 -10.11 -29.08 15.61
CA ALA I 9 -10.11 -30.37 16.28
C ALA I 9 -11.28 -30.49 17.23
N ASN I 10 -12.40 -29.83 16.89
CA ASN I 10 -13.59 -29.87 17.70
C ASN I 10 -14.82 -30.02 16.81
N PHE I 11 -15.68 -30.96 17.17
CA PHE I 11 -16.88 -31.21 16.38
C PHE I 11 -17.99 -30.26 16.80
N TYR I 12 -19.07 -30.26 16.03
CA TYR I 12 -20.21 -29.41 16.29
C TYR I 12 -21.49 -30.14 15.91
N VAL I 13 -22.53 -29.92 16.71
CA VAL I 13 -23.87 -30.41 16.41
C VAL I 13 -24.76 -29.20 16.15
N CYS I 14 -25.37 -29.16 14.96
CA CYS I 14 -26.09 -28.00 14.49
C CYS I 14 -27.59 -28.28 14.43
N PRO I 15 -28.36 -27.81 15.40
CA PRO I 15 -29.81 -27.94 15.32
C PRO I 15 -30.35 -27.11 14.16
N PRO I 16 -31.44 -27.53 13.53
CA PRO I 16 -32.04 -26.74 12.46
C PRO I 16 -32.46 -25.38 12.98
N PRO I 17 -32.23 -24.32 12.21
CA PRO I 17 -32.55 -22.98 12.68
C PRO I 17 -34.05 -22.71 12.63
N THR I 18 -34.45 -21.71 13.40
CA THR I 18 -35.81 -21.22 13.42
C THR I 18 -35.81 -19.73 13.12
N GLY I 19 -36.98 -19.20 12.78
CA GLY I 19 -37.10 -17.81 12.42
C GLY I 19 -36.85 -16.83 13.57
N ALA I 20 -36.45 -17.35 14.73
CA ALA I 20 -36.19 -16.50 15.88
C ALA I 20 -35.03 -15.54 15.62
N THR I 21 -33.93 -16.07 15.09
CA THR I 21 -32.75 -15.26 14.80
C THR I 21 -32.61 -15.12 13.29
N VAL I 22 -32.45 -13.89 12.82
CA VAL I 22 -32.40 -13.59 11.39
C VAL I 22 -31.27 -12.61 11.15
N VAL I 23 -30.46 -12.87 10.12
CA VAL I 23 -29.34 -12.00 9.75
C VAL I 23 -29.41 -11.70 8.26
N GLN I 24 -28.75 -10.63 7.87
CA GLN I 24 -28.69 -10.19 6.48
C GLN I 24 -27.29 -9.72 6.17
N PHE I 25 -26.96 -9.72 4.88
CA PHE I 25 -25.65 -9.25 4.43
C PHE I 25 -25.67 -7.74 4.28
N GLU I 26 -24.62 -7.09 4.76
CA GLU I 26 -24.54 -5.64 4.66
C GLU I 26 -24.49 -5.21 3.20
N GLN I 27 -25.26 -4.19 2.87
CA GLN I 27 -25.33 -3.71 1.50
C GLN I 27 -24.02 -3.05 1.10
N PRO I 28 -23.74 -2.98 -0.21
CA PRO I 28 -22.46 -2.42 -0.66
C PRO I 28 -22.26 -0.99 -0.16
N ARG I 29 -21.03 -0.70 0.21
CA ARG I 29 -20.72 0.61 0.76
C ARG I 29 -20.38 1.60 -0.35
N ARG I 30 -20.70 2.85 -0.09
CA ARG I 30 -20.24 3.96 -0.93
C ARG I 30 -19.11 4.69 -0.22
N CYS I 31 -17.89 4.20 -0.38
CA CYS I 31 -16.76 4.80 0.32
C CYS I 31 -16.09 5.79 -0.63
N PRO I 32 -15.07 6.58 -0.18
CA PRO I 32 -14.76 7.82 -0.91
C PRO I 32 -14.35 7.62 -2.35
N THR I 33 -14.54 8.67 -3.14
CA THR I 33 -13.97 8.80 -4.47
C THR I 33 -12.59 9.43 -4.33
N ARG I 34 -11.85 9.45 -5.43
CA ARG I 34 -10.54 10.07 -5.41
C ARG I 34 -10.68 11.56 -5.07
N PRO I 35 -9.74 12.13 -4.33
CA PRO I 35 -9.76 13.58 -4.14
C PRO I 35 -9.60 14.30 -5.46
N GLU I 36 -10.07 15.55 -5.49
CA GLU I 36 -10.06 16.32 -6.74
C GLU I 36 -8.66 16.43 -7.32
N GLY I 37 -7.63 16.40 -6.48
CA GLY I 37 -6.29 16.61 -6.95
C GLY I 37 -5.98 18.10 -6.92
N GLN I 38 -4.94 18.48 -6.19
CA GLN I 38 -4.65 19.89 -6.00
C GLN I 38 -4.36 20.56 -7.34
N ASN I 39 -5.02 21.69 -7.58
CA ASN I 39 -4.87 22.41 -8.83
C ASN I 39 -3.57 23.19 -8.82
N TYR I 40 -2.74 23.00 -9.84
CA TYR I 40 -1.44 23.63 -9.93
C TYR I 40 -1.44 24.69 -11.02
N THR I 41 -0.79 25.81 -10.72
CA THR I 41 -0.62 26.91 -11.66
C THR I 41 0.85 26.98 -12.02
N GLU I 42 1.22 26.39 -13.16
CA GLU I 42 2.60 26.43 -13.60
C GLU I 42 3.05 27.87 -13.74
N GLY I 43 4.30 28.14 -13.36
CA GLY I 43 4.77 29.50 -13.38
C GLY I 43 6.28 29.59 -13.36
N ILE I 44 6.77 30.77 -13.74
CA ILE I 44 8.20 31.06 -13.71
C ILE I 44 8.47 31.82 -12.41
N ALA I 45 9.32 31.27 -11.56
CA ALA I 45 9.57 31.85 -10.25
C ALA I 45 11.06 32.12 -10.06
N VAL I 46 11.34 33.22 -9.38
CA VAL I 46 12.70 33.58 -8.99
C VAL I 46 12.64 33.92 -7.51
N VAL I 47 13.11 33.01 -6.68
CA VAL I 47 13.07 33.17 -5.22
C VAL I 47 14.27 34.01 -4.81
N PHE I 48 14.08 34.87 -3.83
CA PHE I 48 15.10 35.79 -3.38
C PHE I 48 15.46 35.52 -1.93
N LYS I 49 16.74 35.62 -1.62
CA LYS I 49 17.25 35.49 -0.26
C LYS I 49 17.69 36.85 0.24
N GLU I 50 17.82 36.98 1.55
CA GLU I 50 18.31 38.24 2.11
C GLU I 50 19.73 38.50 1.65
N ASN I 51 19.96 39.69 1.10
CA ASN I 51 21.28 40.04 0.62
C ASN I 51 22.21 40.30 1.81
N ILE I 52 23.20 39.42 1.98
CA ILE I 52 24.19 39.64 3.01
C ILE I 52 25.52 39.90 2.34
N ALA I 53 25.54 39.81 1.02
CA ALA I 53 26.72 40.21 0.27
C ALA I 53 26.85 41.71 0.39
N PRO I 54 27.95 42.22 0.94
CA PRO I 54 28.09 43.67 1.11
C PRO I 54 28.18 44.36 -0.23
N TYR I 55 27.88 45.65 -0.23
CA TYR I 55 28.07 46.46 -1.43
C TYR I 55 29.55 46.52 -1.77
N LYS I 56 29.88 46.28 -3.04
CA LYS I 56 31.26 46.28 -3.49
C LYS I 56 31.39 47.22 -4.68
N PHE I 57 32.52 47.91 -4.74
CA PHE I 57 32.78 48.90 -5.78
C PHE I 57 34.23 49.32 -5.68
N LYS I 58 34.80 49.70 -6.83
CA LYS I 58 36.18 50.16 -6.84
C LYS I 58 36.32 51.44 -6.02
N ALA I 59 37.53 51.68 -5.54
CA ALA I 59 37.80 52.87 -4.75
C ALA I 59 39.30 53.14 -4.80
N THR I 60 39.65 54.40 -5.01
CA THR I 60 41.04 54.79 -5.20
C THR I 60 41.50 55.54 -3.96
N MET I 61 42.54 55.04 -3.33
CA MET I 61 43.04 55.58 -2.07
C MET I 61 44.30 56.37 -2.35
N TYR I 62 44.28 57.67 -2.02
CA TYR I 62 45.43 58.54 -2.24
C TYR I 62 45.95 59.01 -0.89
N TYR I 63 47.23 58.76 -0.62
CA TYR I 63 47.83 59.27 0.61
C TYR I 63 49.33 59.33 0.44
N LYS I 64 49.95 60.20 1.23
CA LYS I 64 51.41 60.28 1.31
C LYS I 64 51.85 59.74 2.66
N ASP I 65 52.62 58.67 2.65
CA ASP I 65 53.13 58.05 3.88
C ASP I 65 54.25 58.92 4.44
N VAL I 66 53.86 59.92 5.22
CA VAL I 66 54.87 60.67 5.96
C VAL I 66 55.47 59.74 7.01
N THR I 67 56.66 59.24 6.72
CA THR I 67 57.31 58.28 7.62
C THR I 67 58.62 58.93 8.04
N VAL I 68 58.55 59.75 9.08
CA VAL I 68 59.71 60.49 9.57
C VAL I 68 60.52 59.58 10.49
N SER I 69 61.83 59.56 10.28
CA SER I 69 62.72 58.73 11.07
C SER I 69 63.71 59.61 11.81
N GLN I 70 64.11 59.16 13.00
CA GLN I 70 65.11 59.86 13.79
C GLN I 70 66.28 58.91 14.01
N VAL I 71 67.47 59.38 13.68
CA VAL I 71 68.66 58.55 13.69
C VAL I 71 69.70 59.21 14.57
N TRP I 72 70.48 58.39 15.26
CA TRP I 72 71.70 58.85 15.90
C TRP I 72 72.88 58.31 15.12
N PHE I 73 73.87 59.16 14.90
CA PHE I 73 75.19 58.73 14.46
C PHE I 73 76.10 58.74 15.69
N GLY I 74 76.70 57.58 15.98
CA GLY I 74 77.51 57.43 17.16
C GLY I 74 79.00 57.49 16.85
N HIS I 75 79.80 57.29 17.90
CA HIS I 75 81.24 57.36 17.77
C HIS I 75 81.75 56.31 16.79
N ARG I 76 81.19 55.10 16.86
CA ARG I 76 81.59 54.02 15.98
C ARG I 76 80.46 53.49 15.11
N TYR I 77 79.20 53.79 15.42
CA TYR I 77 78.17 53.26 14.54
C TYR I 77 76.90 54.06 14.79
N SER I 78 75.96 53.98 13.84
CA SER I 78 74.76 54.82 13.83
C SER I 78 73.52 53.99 14.09
N GLN I 79 72.67 54.46 15.00
CA GLN I 79 71.44 53.77 15.36
C GLN I 79 70.28 54.77 15.50
N PHE I 80 69.06 54.27 15.25
CA PHE I 80 67.87 55.10 15.36
C PHE I 80 67.64 55.59 16.78
N MET I 81 66.81 56.63 16.90
CA MET I 81 66.21 57.01 18.16
C MET I 81 64.69 56.93 18.09
N GLY I 82 64.14 56.76 16.89
CA GLY I 82 62.71 56.65 16.71
C GLY I 82 62.33 56.84 15.26
N ILE I 83 61.28 56.13 14.87
CA ILE I 83 60.73 56.26 13.52
C ILE I 83 59.22 56.43 13.64
N PHE I 84 58.75 57.60 13.24
CA PHE I 84 57.32 57.84 13.14
C PHE I 84 56.83 57.73 11.71
N GLU I 85 55.75 56.99 11.53
CA GLU I 85 55.07 56.88 10.26
C GLU I 85 53.69 57.50 10.40
N ASP I 86 53.29 58.25 9.39
CA ASP I 86 51.98 58.88 9.35
C ASP I 86 51.43 58.78 7.93
N ARG I 87 50.12 58.59 7.85
CA ARG I 87 49.43 58.57 6.57
C ARG I 87 48.75 59.93 6.41
N ALA I 88 49.15 60.67 5.38
CA ALA I 88 48.78 62.07 5.21
C ALA I 88 47.82 62.24 4.04
N PRO I 89 46.70 62.93 4.24
CA PRO I 89 45.78 63.17 3.13
C PRO I 89 46.36 64.12 2.10
N VAL I 90 45.89 63.98 0.87
CA VAL I 90 46.24 64.87 -0.23
C VAL I 90 45.02 65.73 -0.55
N PRO I 91 45.14 67.05 -0.59
CA PRO I 91 43.96 67.88 -0.85
C PRO I 91 43.33 67.58 -2.20
N PHE I 92 42.00 67.73 -2.25
CA PHE I 92 41.21 67.60 -3.47
C PHE I 92 41.91 68.18 -4.70
N GLU I 93 42.36 69.42 -4.58
CA GLU I 93 42.99 70.09 -5.71
C GLU I 93 44.21 69.30 -6.19
N GLU I 94 44.94 68.65 -5.28
CA GLU I 94 46.07 67.83 -5.70
C GLU I 94 45.63 66.66 -6.56
N VAL I 95 44.61 65.90 -6.10
CA VAL I 95 44.13 64.75 -6.85
C VAL I 95 43.64 65.18 -8.22
N ILE I 96 42.95 66.32 -8.29
CA ILE I 96 42.40 66.78 -9.55
C ILE I 96 43.53 67.23 -10.49
N ASP I 97 44.33 68.18 -10.02
CA ASP I 97 45.22 68.89 -10.93
C ASP I 97 46.46 68.10 -11.28
N LYS I 98 47.00 67.31 -10.36
CA LYS I 98 48.26 66.65 -10.63
C LYS I 98 48.21 65.13 -10.56
N ILE I 99 47.25 64.55 -9.84
CA ILE I 99 47.06 63.11 -9.92
C ILE I 99 46.24 62.76 -11.15
N ASN I 100 45.13 63.46 -11.35
CA ASN I 100 44.26 63.15 -12.50
C ASN I 100 44.79 63.70 -13.81
N ALA I 101 45.46 64.85 -13.79
CA ALA I 101 45.83 65.51 -15.04
C ALA I 101 47.24 65.15 -15.49
N LYS I 102 48.25 65.32 -14.64
CA LYS I 102 49.62 65.11 -15.05
C LYS I 102 50.29 63.92 -14.40
N GLY I 103 49.61 63.21 -13.50
CA GLY I 103 50.19 62.02 -12.90
C GLY I 103 51.42 62.31 -12.08
N VAL I 104 51.45 63.45 -11.40
CA VAL I 104 52.56 63.84 -10.56
C VAL I 104 52.02 64.16 -9.17
N CYS I 105 52.93 64.27 -8.22
CA CYS I 105 52.54 64.55 -6.85
C CYS I 105 53.66 65.29 -6.16
N ARG I 106 53.31 66.20 -5.26
CA ARG I 106 54.29 67.07 -4.64
C ARG I 106 55.13 66.32 -3.62
N SER I 107 56.33 66.83 -3.38
CA SER I 107 57.23 66.35 -2.33
C SER I 107 56.86 66.87 -0.98
N THR I 108 55.81 67.68 -0.91
CA THR I 108 55.30 68.18 0.34
C THR I 108 53.91 67.57 0.56
N ALA I 109 53.59 67.32 1.82
CA ALA I 109 52.28 66.77 2.19
C ALA I 109 51.65 67.72 3.20
N LYS I 110 50.93 68.73 2.70
CA LYS I 110 50.34 69.75 3.55
C LYS I 110 49.01 69.23 4.08
N TYR I 111 48.95 68.99 5.39
CA TYR I 111 47.72 68.44 5.95
C TYR I 111 47.69 68.80 7.42
N VAL I 112 46.47 68.92 7.95
CA VAL I 112 46.30 69.24 9.35
C VAL I 112 46.30 67.94 10.13
N ARG I 113 47.39 67.65 10.83
CA ARG I 113 47.47 66.41 11.58
C ARG I 113 47.14 66.64 13.05
N ASN I 114 46.11 65.95 13.51
CA ASN I 114 45.73 65.94 14.93
C ASN I 114 45.69 67.36 15.48
N ASN I 115 44.88 68.19 14.83
CA ASN I 115 44.64 69.58 15.22
C ASN I 115 45.88 70.44 15.07
N LEU I 116 46.66 70.20 14.01
CA LEU I 116 47.78 71.07 13.68
C LEU I 116 48.15 70.84 12.24
N GLU I 117 48.39 71.93 11.53
CA GLU I 117 48.73 71.87 10.11
C GLU I 117 50.21 71.58 9.94
N THR I 118 50.52 70.55 9.15
CA THR I 118 51.90 70.13 8.94
C THR I 118 52.09 69.67 7.51
N THR I 119 53.24 70.03 6.93
CA THR I 119 53.63 69.53 5.62
C THR I 119 55.03 68.97 5.74
N ALA I 120 55.32 67.98 4.91
CA ALA I 120 56.59 67.27 5.01
C ALA I 120 57.29 67.31 3.67
N PHE I 121 58.42 68.02 3.63
CA PHE I 121 59.26 68.08 2.44
C PHE I 121 60.05 66.79 2.36
N HIS I 122 59.65 65.91 1.44
CA HIS I 122 60.44 64.73 1.14
C HIS I 122 61.83 65.16 0.66
N ARG I 123 62.81 64.28 0.86
CA ARG I 123 64.21 64.51 0.53
C ARG I 123 64.80 65.57 1.45
N ASP I 124 63.99 66.14 2.35
CA ASP I 124 64.32 67.31 3.17
C ASP I 124 64.76 68.50 2.32
N ASP I 125 64.33 68.54 1.06
CA ASP I 125 64.62 69.65 0.16
C ASP I 125 63.34 70.39 -0.19
N HIS I 126 63.48 71.35 -1.10
CA HIS I 126 62.33 72.18 -1.49
C HIS I 126 61.32 71.35 -2.27
N GLU I 127 60.13 71.93 -2.43
CA GLU I 127 59.02 71.24 -3.07
C GLU I 127 59.36 70.85 -4.51
N THR I 128 59.02 69.61 -4.86
CA THR I 128 59.18 69.12 -6.22
C THR I 128 58.10 68.09 -6.51
N ASP I 129 57.60 68.09 -7.74
CA ASP I 129 56.51 67.20 -8.14
C ASP I 129 57.10 66.00 -8.85
N MET I 130 57.04 64.84 -8.21
CA MET I 130 57.56 63.61 -8.79
C MET I 130 56.54 62.99 -9.73
N GLU I 131 56.99 62.55 -10.90
CA GLU I 131 56.14 61.77 -11.79
C GLU I 131 55.80 60.43 -11.13
N LEU I 132 54.51 60.16 -10.99
CA LEU I 132 54.07 58.90 -10.44
C LEU I 132 54.50 57.74 -11.32
N LYS I 133 54.77 56.61 -10.68
CA LYS I 133 55.19 55.39 -11.35
C LYS I 133 54.54 54.21 -10.66
N PRO I 134 54.35 53.09 -11.36
CA PRO I 134 53.70 51.95 -10.73
C PRO I 134 54.63 51.23 -9.77
N ALA I 135 54.04 50.71 -8.70
CA ALA I 135 54.81 49.97 -7.71
C ALA I 135 55.24 48.63 -8.29
N ASN I 136 56.17 47.98 -7.59
CA ASN I 136 56.66 46.70 -8.05
C ASN I 136 55.57 45.63 -7.91
N ALA I 137 55.80 44.51 -8.61
CA ALA I 137 54.75 43.52 -8.78
C ALA I 137 54.41 42.82 -7.47
N ALA I 138 53.20 42.29 -7.42
CA ALA I 138 52.75 41.50 -6.29
C ALA I 138 51.66 40.57 -6.77
N THR I 139 51.28 39.62 -5.93
CA THR I 139 50.33 38.59 -6.29
C THR I 139 48.93 38.92 -5.82
N ARG I 140 48.02 38.99 -6.77
CA ARG I 140 46.60 39.34 -6.63
C ARG I 140 46.38 40.45 -5.61
N THR I 141 47.13 41.54 -5.79
CA THR I 141 46.83 42.85 -5.22
C THR I 141 46.47 43.79 -6.35
N SER I 142 45.47 44.63 -6.12
CA SER I 142 45.08 45.61 -7.12
C SER I 142 46.21 46.61 -7.33
N ARG I 143 46.13 47.34 -8.44
CA ARG I 143 47.24 48.18 -8.86
C ARG I 143 47.55 49.25 -7.82
N GLY I 144 48.84 49.50 -7.61
CA GLY I 144 49.27 50.56 -6.73
C GLY I 144 50.33 51.41 -7.41
N TRP I 145 50.55 52.60 -6.85
CA TRP I 145 51.49 53.54 -7.42
C TRP I 145 52.13 54.36 -6.31
N HIS I 146 53.43 54.59 -6.41
CA HIS I 146 54.12 55.37 -5.40
C HIS I 146 55.24 56.18 -6.02
N THR I 147 55.28 57.46 -5.69
CA THR I 147 56.36 58.33 -6.16
C THR I 147 57.70 57.86 -5.62
N THR I 148 57.86 57.92 -4.30
CA THR I 148 59.14 57.56 -3.68
C THR I 148 59.29 56.05 -3.62
N ASP I 149 60.54 55.58 -3.71
CA ASP I 149 60.86 54.17 -3.66
C ASP I 149 61.78 53.78 -2.52
N LEU I 150 62.46 54.75 -1.89
CA LEU I 150 63.29 54.50 -0.72
C LEU I 150 62.81 55.42 0.39
N LYS I 151 63.56 55.54 1.48
CA LYS I 151 63.29 56.57 2.47
C LYS I 151 64.54 57.41 2.66
N TYR I 152 64.36 58.72 2.74
CA TYR I 152 65.49 59.61 2.94
C TYR I 152 66.04 59.45 4.35
N ASN I 153 67.37 59.52 4.47
CA ASN I 153 68.02 59.46 5.77
C ASN I 153 69.18 60.43 5.76
N PRO I 154 69.42 61.12 6.88
CA PRO I 154 70.53 62.07 6.92
C PRO I 154 71.86 61.36 6.75
N SER I 155 72.79 62.03 6.07
CA SER I 155 74.16 61.53 6.02
C SER I 155 74.78 61.60 7.40
N ARG I 156 75.69 60.67 7.67
CA ARG I 156 76.30 60.58 9.00
C ARG I 156 77.04 61.86 9.35
N VAL I 157 76.71 62.40 10.53
CA VAL I 157 77.51 63.45 11.17
C VAL I 157 77.74 62.96 12.59
N GLU I 158 79.02 62.85 12.98
CA GLU I 158 79.35 62.06 14.15
C GLU I 158 78.84 62.71 15.42
N ALA I 159 78.23 61.88 16.28
CA ALA I 159 77.77 62.23 17.62
C ALA I 159 76.74 63.34 17.63
N PHE I 160 75.89 63.40 16.59
CA PHE I 160 74.80 64.37 16.52
C PHE I 160 73.50 63.65 16.24
N HIS I 161 72.41 64.24 16.71
CA HIS I 161 71.06 63.75 16.48
C HIS I 161 70.57 64.32 15.16
N ARG I 162 70.30 63.44 14.20
CA ARG I 162 69.82 63.86 12.90
C ARG I 162 68.44 63.25 12.64
N TYR I 163 67.49 64.10 12.30
CA TYR I 163 66.12 63.70 11.99
C TYR I 163 65.98 63.47 10.48
N GLY I 164 65.24 62.42 10.11
CA GLY I 164 65.07 62.08 8.72
C GLY I 164 63.62 61.96 8.30
N THR I 165 63.20 62.82 7.36
CA THR I 165 61.84 62.78 6.86
C THR I 165 61.75 61.87 5.65
N THR I 166 60.52 61.54 5.26
CA THR I 166 60.27 60.74 4.07
C THR I 166 58.79 60.89 3.70
N VAL I 167 58.53 61.26 2.46
CA VAL I 167 57.17 61.34 1.93
C VAL I 167 57.09 60.44 0.71
N ASN I 168 56.17 59.49 0.75
CA ASN I 168 55.90 58.62 -0.39
C ASN I 168 54.46 58.87 -0.77
N CYS I 169 54.24 59.75 -1.75
CA CYS I 169 52.89 60.06 -2.22
C CYS I 169 52.39 58.84 -2.98
N ILE I 170 51.54 58.07 -2.34
CA ILE I 170 51.09 56.79 -2.86
C ILE I 170 49.66 56.91 -3.34
N VAL I 171 49.41 56.41 -4.54
CA VAL I 171 48.07 56.28 -5.08
C VAL I 171 47.82 54.79 -5.27
N GLU I 172 46.74 54.30 -4.68
CA GLU I 172 46.44 52.88 -4.68
C GLU I 172 44.95 52.68 -4.91
N GLU I 173 44.63 51.68 -5.71
CA GLU I 173 43.25 51.33 -5.99
C GLU I 173 42.89 50.07 -5.22
N VAL I 174 41.78 50.14 -4.50
CA VAL I 174 41.30 49.01 -3.72
C VAL I 174 39.84 48.79 -4.09
N ASP I 175 39.20 47.82 -3.47
CA ASP I 175 37.76 47.70 -3.54
C ASP I 175 37.17 47.94 -2.16
N ALA I 176 36.12 48.74 -2.13
CA ALA I 176 35.50 49.12 -0.87
C ALA I 176 34.28 48.23 -0.60
N ARG I 177 33.89 48.18 0.66
CA ARG I 177 32.84 47.29 1.11
C ARG I 177 31.97 48.02 2.13
N SER I 178 30.66 48.02 1.91
CA SER I 178 29.72 48.63 2.84
C SER I 178 28.53 47.69 3.02
N VAL I 179 27.89 47.80 4.18
CA VAL I 179 26.78 46.94 4.54
C VAL I 179 25.65 47.83 5.07
N TYR I 180 24.45 47.28 5.06
CA TYR I 180 23.27 48.03 5.48
C TYR I 180 23.47 48.55 6.90
N PRO I 181 23.09 49.80 7.20
CA PRO I 181 22.37 50.74 6.33
C PRO I 181 23.24 51.51 5.36
N TYR I 182 24.39 50.96 4.99
CA TYR I 182 25.33 51.66 4.14
C TYR I 182 25.65 53.02 4.75
N ASP I 183 25.80 53.01 6.07
CA ASP I 183 26.07 54.22 6.82
C ASP I 183 27.49 54.69 6.63
N GLU I 184 28.46 53.77 6.70
CA GLU I 184 29.85 54.06 6.47
C GLU I 184 30.47 52.84 5.81
N PHE I 185 31.62 53.04 5.16
CA PHE I 185 32.17 51.97 4.35
C PHE I 185 33.66 51.81 4.65
N VAL I 186 34.16 50.64 4.27
CA VAL I 186 35.48 50.17 4.66
C VAL I 186 36.29 50.01 3.39
N LEU I 187 37.60 50.08 3.52
CA LEU I 187 38.44 49.77 2.38
C LEU I 187 39.39 48.63 2.76
N ALA I 188 39.98 48.01 1.75
CA ALA I 188 40.77 46.80 1.97
C ALA I 188 41.92 47.06 2.93
N THR I 189 42.46 48.27 2.96
CA THR I 189 43.59 48.54 3.83
C THR I 189 43.24 48.53 5.31
N GLY I 190 41.99 48.23 5.66
CA GLY I 190 41.59 48.20 7.05
C GLY I 190 41.14 49.54 7.60
N ASP I 191 41.40 50.62 6.90
CA ASP I 191 40.94 51.93 7.33
C ASP I 191 39.43 52.05 7.14
N PHE I 192 38.91 53.24 7.46
CA PHE I 192 37.48 53.49 7.36
C PHE I 192 37.24 54.85 6.73
N VAL I 193 36.00 55.07 6.31
CA VAL I 193 35.54 56.35 5.80
C VAL I 193 34.12 56.56 6.32
N TYR I 194 33.98 57.51 7.24
CA TYR I 194 32.76 57.61 8.05
C TYR I 194 31.67 58.34 7.29
N MET I 195 31.09 57.69 6.30
CA MET I 195 30.19 58.36 5.38
C MET I 195 29.60 57.33 4.44
N SER I 196 28.35 57.52 4.06
CA SER I 196 27.72 56.58 3.15
C SER I 196 28.41 56.63 1.79
N PRO I 197 28.44 55.51 1.07
CA PRO I 197 29.02 55.52 -0.28
C PRO I 197 28.25 56.41 -1.24
N PHE I 198 26.98 56.70 -0.94
CA PHE I 198 26.11 57.46 -1.84
C PHE I 198 25.91 58.90 -1.39
N TYR I 199 26.56 59.34 -0.32
CA TYR I 199 26.45 60.73 0.08
C TYR I 199 27.01 61.63 -1.01
N GLY I 200 26.38 62.78 -1.18
CA GLY I 200 26.78 63.74 -2.19
C GLY I 200 25.86 64.93 -2.23
N TYR I 201 25.57 65.43 -3.42
CA TYR I 201 24.69 66.57 -3.58
C TYR I 201 23.48 66.27 -4.46
N ARG I 202 23.69 65.65 -5.61
CA ARG I 202 22.63 65.52 -6.60
C ARG I 202 21.65 64.41 -6.22
N GLU I 203 20.36 64.69 -6.44
CA GLU I 203 19.29 63.71 -6.29
C GLU I 203 19.23 63.17 -4.86
N GLY I 204 19.02 64.09 -3.92
CA GLY I 204 18.86 63.70 -2.53
C GLY I 204 20.04 63.00 -1.91
N SER I 205 21.23 63.11 -2.51
CA SER I 205 22.40 62.47 -1.94
C SER I 205 22.78 63.08 -0.60
N HIS I 206 22.46 64.37 -0.41
CA HIS I 206 22.75 65.02 0.86
C HIS I 206 21.97 64.38 2.00
N THR I 207 20.87 63.68 1.68
CA THR I 207 20.13 62.97 2.72
C THR I 207 20.97 61.88 3.36
N GLU I 208 21.74 61.14 2.55
CA GLU I 208 22.51 60.02 3.05
C GLU I 208 23.57 60.50 4.04
N HIS I 209 23.91 59.62 4.97
CA HIS I 209 24.68 60.04 6.14
C HIS I 209 26.13 60.29 5.79
N THR I 210 26.66 61.39 6.31
CA THR I 210 28.09 61.61 6.41
C THR I 210 28.43 61.85 7.87
N THR I 211 29.72 61.93 8.17
CA THR I 211 30.14 62.25 9.51
C THR I 211 31.32 63.22 9.44
N TYR I 212 31.28 64.12 8.47
CA TYR I 212 32.36 65.04 8.23
C TYR I 212 31.79 66.41 7.86
N ALA I 213 32.54 67.45 8.18
CA ALA I 213 32.18 68.79 7.72
C ALA I 213 32.28 68.84 6.20
N ALA I 214 31.46 69.70 5.59
CA ALA I 214 31.35 69.72 4.14
C ALA I 214 32.67 70.01 3.46
N ASP I 215 33.61 70.65 4.16
CA ASP I 215 34.89 70.98 3.56
C ASP I 215 35.65 69.73 3.16
N ARG I 216 35.57 68.68 3.99
CA ARG I 216 36.30 67.45 3.70
C ARG I 216 35.74 66.71 2.49
N PHE I 217 34.47 66.91 2.15
CA PHE I 217 33.79 66.13 1.12
C PHE I 217 33.47 67.01 -0.08
N LYS I 218 34.22 66.82 -1.15
CA LYS I 218 33.97 67.53 -2.40
C LYS I 218 33.65 66.51 -3.50
N GLN I 219 32.96 66.97 -4.53
CA GLN I 219 32.54 66.12 -5.63
C GLN I 219 32.87 66.80 -6.95
N VAL I 220 33.25 66.00 -7.95
CA VAL I 220 33.55 66.50 -9.29
C VAL I 220 32.46 66.02 -10.23
N ASP I 221 31.83 66.95 -10.94
CA ASP I 221 31.00 66.60 -12.06
C ASP I 221 31.82 66.68 -13.34
N GLY I 222 31.50 65.82 -14.31
CA GLY I 222 32.29 65.76 -15.52
C GLY I 222 33.73 65.35 -15.29
N PHE I 223 33.97 64.48 -14.31
CA PHE I 223 35.32 64.05 -13.99
C PHE I 223 35.87 63.14 -15.08
N TYR I 224 37.06 63.47 -15.57
CA TYR I 224 37.72 62.68 -16.60
C TYR I 224 38.73 61.78 -15.90
N ALA I 225 38.45 60.48 -15.88
CA ALA I 225 39.36 59.52 -15.24
C ALA I 225 40.71 59.51 -15.96
N ARG I 226 41.78 59.56 -15.18
CA ARG I 226 43.11 59.61 -15.76
C ARG I 226 43.49 58.29 -16.42
N ASP I 227 44.11 58.40 -17.59
CA ASP I 227 44.76 57.28 -18.28
C ASP I 227 46.06 57.00 -17.53
N LEU I 228 45.94 56.33 -16.38
CA LEU I 228 47.11 56.03 -15.55
C LEU I 228 47.41 54.55 -15.49
N ALA I 236 35.58 58.72 -20.93
CA ALA I 236 34.21 59.11 -20.67
C ALA I 236 34.10 59.94 -19.39
N PRO I 237 33.42 61.08 -19.48
CA PRO I 237 33.23 61.90 -18.29
C PRO I 237 32.46 61.15 -17.21
N THR I 238 32.82 61.42 -15.95
CA THR I 238 32.27 60.71 -14.81
C THR I 238 31.85 61.71 -13.75
N THR I 239 31.42 61.17 -12.61
CA THR I 239 31.09 61.95 -11.42
C THR I 239 31.86 61.38 -10.23
N ARG I 240 33.10 61.81 -10.09
CA ARG I 240 33.99 61.30 -9.06
C ARG I 240 33.60 61.91 -7.71
N ASN I 241 34.08 61.27 -6.64
CA ASN I 241 33.57 61.51 -5.30
C ASN I 241 34.69 61.29 -4.30
N LEU I 242 35.16 62.37 -3.68
CA LEU I 242 36.36 62.34 -2.86
C LEU I 242 36.07 62.83 -1.45
N LEU I 243 36.71 62.19 -0.47
CA LEU I 243 36.64 62.57 0.93
C LEU I 243 38.04 62.60 1.53
N THR I 244 38.36 63.66 2.26
CA THR I 244 39.68 63.82 2.87
C THR I 244 39.57 63.41 4.34
N THR I 245 39.69 62.11 4.59
CA THR I 245 39.74 61.61 5.95
C THR I 245 41.07 62.04 6.60
N PRO I 246 41.16 61.99 7.93
CA PRO I 246 42.36 62.54 8.59
C PRO I 246 43.65 61.82 8.25
N LYS I 247 43.60 60.84 7.35
CA LYS I 247 44.78 60.11 6.93
C LYS I 247 45.00 60.05 5.44
N PHE I 248 43.95 60.14 4.63
CA PHE I 248 44.06 59.80 3.21
C PHE I 248 42.93 60.47 2.46
N THR I 249 42.72 60.04 1.22
CA THR I 249 41.56 60.45 0.42
C THR I 249 41.04 59.23 -0.31
N VAL I 250 39.73 59.09 -0.36
CA VAL I 250 39.09 57.97 -1.06
C VAL I 250 38.25 58.52 -2.19
N ALA I 251 38.44 57.99 -3.40
CA ALA I 251 37.67 58.38 -4.56
C ALA I 251 36.98 57.16 -5.14
N TRP I 252 35.65 57.20 -5.19
CA TRP I 252 34.88 56.17 -5.86
C TRP I 252 33.82 56.85 -6.71
N ASP I 253 33.53 56.25 -7.86
CA ASP I 253 32.60 56.82 -8.81
C ASP I 253 31.22 56.85 -8.17
N TRP I 254 30.76 58.04 -7.81
CA TRP I 254 29.48 58.20 -7.14
C TRP I 254 28.36 57.65 -8.03
N VAL I 255 27.45 56.91 -7.41
CA VAL I 255 26.27 56.39 -8.11
C VAL I 255 25.05 56.58 -7.24
N PRO I 256 23.88 56.68 -7.87
CA PRO I 256 22.63 56.81 -7.08
C PRO I 256 22.37 55.54 -6.30
N LYS I 257 21.97 55.72 -5.04
CA LYS I 257 21.88 54.61 -4.09
C LYS I 257 20.85 53.56 -4.52
N ARG I 258 19.59 53.97 -4.58
CA ARG I 258 18.49 53.02 -4.77
C ARG I 258 18.67 52.10 -5.96
N PRO I 259 19.13 52.55 -7.14
CA PRO I 259 19.33 51.60 -8.24
C PRO I 259 20.55 50.73 -8.06
N SER I 260 21.60 51.20 -7.39
CA SER I 260 22.88 50.51 -7.36
C SER I 260 23.05 49.61 -6.14
N VAL I 261 22.05 49.48 -5.28
CA VAL I 261 22.14 48.65 -4.09
C VAL I 261 20.82 47.94 -3.90
N CYS I 262 20.86 46.85 -3.14
CA CYS I 262 19.65 46.08 -2.88
C CYS I 262 19.83 45.29 -1.60
N THR I 263 18.73 45.08 -0.88
CA THR I 263 18.73 44.24 0.31
C THR I 263 18.20 42.84 0.03
N MET I 264 18.04 42.47 -1.24
CA MET I 264 17.59 41.14 -1.59
C MET I 264 18.44 40.64 -2.77
N THR I 265 18.83 39.38 -2.71
CA THR I 265 19.71 38.79 -3.70
C THR I 265 18.94 37.75 -4.49
N LYS I 266 19.04 37.82 -5.82
CA LYS I 266 18.53 36.74 -6.65
C LYS I 266 19.21 35.44 -6.24
N TRP I 267 18.46 34.50 -5.69
CA TRP I 267 19.07 33.26 -5.24
C TRP I 267 18.94 32.14 -6.25
N GLN I 268 17.74 31.89 -6.77
CA GLN I 268 17.54 30.82 -7.73
C GLN I 268 16.59 31.30 -8.81
N GLU I 269 16.63 30.62 -9.95
CA GLU I 269 15.74 30.89 -11.09
C GLU I 269 15.07 29.57 -11.44
N VAL I 270 13.93 29.31 -10.81
CA VAL I 270 13.22 28.06 -11.03
C VAL I 270 12.48 28.14 -12.36
N ASP I 271 12.83 27.24 -13.28
CA ASP I 271 12.18 27.25 -14.59
C ASP I 271 10.73 26.81 -14.52
N GLU I 272 10.41 25.90 -13.61
CA GLU I 272 9.04 25.42 -13.43
C GLU I 272 8.75 25.34 -11.94
N MET I 273 7.91 26.24 -11.45
CA MET I 273 7.55 26.33 -10.03
C MET I 273 6.03 26.23 -9.93
N LEU I 274 5.55 25.03 -9.67
CA LEU I 274 4.11 24.84 -9.51
C LEU I 274 3.63 25.57 -8.27
N ARG I 275 2.49 26.24 -8.39
CA ARG I 275 1.88 26.96 -7.28
C ARG I 275 0.51 26.36 -7.03
N SER I 276 0.15 26.22 -5.75
CA SER I 276 -1.11 25.60 -5.37
C SER I 276 -1.54 26.15 -4.02
N GLU I 277 -2.57 26.99 -4.01
CA GLU I 277 -3.12 27.50 -2.77
C GLU I 277 -3.67 26.35 -1.94
N TYR I 278 -3.37 26.37 -0.64
CA TYR I 278 -3.82 25.28 0.23
C TYR I 278 -3.89 25.70 1.68
N GLY I 279 -5.06 25.54 2.30
CA GLY I 279 -5.21 25.89 3.70
C GLY I 279 -4.92 27.34 3.99
N GLY I 280 -5.29 28.22 3.06
CA GLY I 280 -5.02 29.64 3.25
C GLY I 280 -3.56 29.99 3.16
N SER I 281 -2.76 29.17 2.48
CA SER I 281 -1.34 29.45 2.30
C SER I 281 -0.90 28.85 0.98
N PHE I 282 -0.17 29.64 0.19
CA PHE I 282 0.32 29.16 -1.09
C PHE I 282 1.46 28.17 -0.88
N ARG I 283 1.49 27.13 -1.72
CA ARG I 283 2.61 26.20 -1.77
C ARG I 283 3.36 26.41 -3.07
N PHE I 284 4.65 26.74 -2.97
CA PHE I 284 5.51 26.92 -4.13
C PHE I 284 6.46 25.73 -4.18
N SER I 285 6.13 24.74 -4.99
CA SER I 285 6.94 23.54 -5.11
C SER I 285 7.76 23.60 -6.38
N SER I 286 9.06 23.36 -6.26
CA SER I 286 9.97 23.38 -7.39
C SER I 286 10.61 22.01 -7.53
N ASP I 287 10.12 21.23 -8.49
CA ASP I 287 10.69 19.91 -8.74
C ASP I 287 12.15 20.01 -9.16
N ALA I 288 12.50 21.09 -9.86
CA ALA I 288 13.87 21.24 -10.37
C ALA I 288 14.88 21.37 -9.23
N ILE I 289 14.65 22.30 -8.31
CA ILE I 289 15.57 22.51 -7.20
C ILE I 289 15.15 21.76 -5.95
N SER I 290 14.06 21.00 -6.01
CA SER I 290 13.63 20.13 -4.91
C SER I 290 13.38 20.95 -3.64
N THR I 291 12.38 21.82 -3.73
CA THR I 291 12.04 22.71 -2.63
C THR I 291 10.57 23.09 -2.71
N THR I 292 9.96 23.28 -1.54
CA THR I 292 8.55 23.66 -1.45
C THR I 292 8.42 24.79 -0.42
N PHE I 293 8.23 26.00 -0.91
CA PHE I 293 8.02 27.13 -0.02
C PHE I 293 6.55 27.29 0.31
N THR I 294 6.28 28.07 1.36
CA THR I 294 4.91 28.37 1.77
C THR I 294 4.80 29.85 2.13
N THR I 295 3.77 30.50 1.62
CA THR I 295 3.56 31.92 1.83
C THR I 295 2.10 32.17 2.18
N ASN I 296 1.83 33.37 2.69
CA ASN I 296 0.45 33.80 2.90
C ASN I 296 -0.19 34.14 1.55
N LEU I 297 -1.52 34.03 1.50
CA LEU I 297 -2.23 34.24 0.24
C LEU I 297 -2.07 35.67 -0.27
N THR I 298 -1.99 36.64 0.63
CA THR I 298 -1.79 38.01 0.21
C THR I 298 -0.41 38.18 -0.41
N GLU I 299 -0.35 38.92 -1.51
CA GLU I 299 0.94 39.19 -2.13
C GLU I 299 1.79 40.05 -1.21
N TYR I 300 3.04 40.25 -1.61
CA TYR I 300 3.95 41.05 -0.83
C TYR I 300 4.22 42.36 -1.54
N PRO I 301 3.81 43.49 -0.97
CA PRO I 301 4.07 44.78 -1.63
C PRO I 301 5.54 45.12 -1.61
N LEU I 302 6.10 45.45 -2.78
CA LEU I 302 7.52 45.75 -2.86
C LEU I 302 7.88 47.01 -2.09
N SER I 303 6.93 47.93 -1.96
CA SER I 303 7.19 49.15 -1.20
C SER I 303 7.54 48.84 0.24
N ARG I 304 7.12 47.69 0.75
CA ARG I 304 7.47 47.31 2.11
C ARG I 304 8.91 46.84 2.21
N VAL I 305 9.46 46.28 1.13
CA VAL I 305 10.84 45.82 1.13
C VAL I 305 11.75 47.05 1.02
N ASP I 306 12.66 47.20 1.97
CA ASP I 306 13.58 48.33 1.93
C ASP I 306 14.66 48.10 0.88
N LEU I 307 14.89 49.11 0.05
CA LEU I 307 15.91 49.06 -0.99
C LEU I 307 15.72 47.85 -1.89
N GLY I 308 14.45 47.54 -2.18
CA GLY I 308 14.13 46.37 -2.97
C GLY I 308 13.95 46.64 -4.44
N ASP I 309 14.58 47.71 -4.93
CA ASP I 309 14.43 48.08 -6.33
C ASP I 309 14.98 47.01 -7.27
N CYS I 310 16.07 46.35 -6.87
CA CYS I 310 16.68 45.35 -7.74
C CYS I 310 15.72 44.22 -8.04
N ILE I 311 14.78 43.97 -7.12
CA ILE I 311 13.93 42.79 -7.23
C ILE I 311 13.13 42.84 -8.51
N GLY I 312 12.49 43.97 -8.78
CA GLY I 312 11.64 44.07 -9.95
C GLY I 312 12.40 43.85 -11.24
N LYS I 313 13.53 44.55 -11.40
CA LYS I 313 14.30 44.44 -12.64
C LYS I 313 14.88 43.04 -12.81
N ASP I 314 15.50 42.50 -11.76
CA ASP I 314 16.10 41.17 -11.87
C ASP I 314 15.04 40.11 -12.12
N ALA I 315 13.94 40.17 -11.39
CA ALA I 315 12.82 39.27 -11.64
C ALA I 315 12.39 39.35 -13.10
N ARG I 316 11.99 40.55 -13.53
CA ARG I 316 11.51 40.74 -14.90
C ARG I 316 12.46 40.13 -15.92
N ASP I 317 13.75 40.43 -15.80
CA ASP I 317 14.71 39.89 -16.75
C ASP I 317 14.73 38.37 -16.70
N ALA I 318 14.70 37.80 -15.49
CA ALA I 318 14.78 36.34 -15.37
C ALA I 318 13.56 35.66 -15.98
N MET I 319 12.35 36.14 -15.64
CA MET I 319 11.16 35.52 -16.22
C MET I 319 11.11 35.72 -17.73
N ASP I 320 11.54 36.89 -18.22
CA ASP I 320 11.53 37.10 -19.66
C ASP I 320 12.51 36.16 -20.37
N ARG I 321 13.71 36.01 -19.82
CA ARG I 321 14.68 35.11 -20.44
C ARG I 321 14.18 33.67 -20.42
N ILE I 322 13.64 33.23 -19.28
CA ILE I 322 13.15 31.86 -19.19
C ILE I 322 11.98 31.65 -20.13
N PHE I 323 11.07 32.62 -20.21
CA PHE I 323 9.92 32.51 -21.08
C PHE I 323 10.35 32.41 -22.54
N ALA I 324 11.32 33.23 -22.94
CA ALA I 324 11.82 33.16 -24.31
C ALA I 324 12.50 31.83 -24.58
N ARG I 325 13.26 31.32 -23.62
CA ARG I 325 14.05 30.12 -23.87
C ARG I 325 13.18 28.86 -23.89
N ARG I 326 12.14 28.80 -23.07
CA ARG I 326 11.39 27.57 -22.90
C ARG I 326 9.88 27.69 -23.09
N TYR I 327 9.28 28.84 -22.80
CA TYR I 327 7.83 28.98 -22.82
C TYR I 327 7.35 30.00 -23.84
N ASN I 328 8.15 30.34 -24.86
CA ASN I 328 7.73 31.34 -25.83
C ASN I 328 6.56 30.85 -26.67
N ALA I 329 6.55 29.55 -27.00
CA ALA I 329 5.56 29.00 -27.92
C ALA I 329 4.77 27.86 -27.29
N THR I 330 4.67 27.84 -25.96
CA THR I 330 3.92 26.76 -25.32
C THR I 330 2.94 27.32 -24.31
N HIS I 331 3.24 28.49 -23.74
CA HIS I 331 2.39 29.09 -22.73
C HIS I 331 2.31 30.59 -22.96
N ILE I 332 1.45 31.23 -22.19
CA ILE I 332 1.29 32.68 -22.20
C ILE I 332 1.23 33.17 -20.76
N LYS I 333 1.91 34.27 -20.49
CA LYS I 333 1.89 34.84 -19.15
C LYS I 333 0.49 35.27 -18.77
N VAL I 334 0.12 35.04 -17.52
CA VAL I 334 -1.16 35.47 -16.96
C VAL I 334 -0.86 36.47 -15.87
N GLY I 335 -1.20 37.74 -16.10
CA GLY I 335 -0.97 38.77 -15.12
C GLY I 335 0.49 39.14 -14.97
N GLN I 336 0.74 40.36 -14.52
CA GLN I 336 2.09 40.84 -14.27
C GLN I 336 2.69 40.07 -13.09
N PRO I 337 4.02 40.00 -13.00
CA PRO I 337 4.64 39.12 -12.00
C PRO I 337 4.22 39.46 -10.59
N GLN I 338 4.02 38.42 -9.78
CA GLN I 338 3.57 38.56 -8.41
C GLN I 338 4.71 38.30 -7.45
N TYR I 339 4.53 38.72 -6.20
CA TYR I 339 5.59 38.64 -5.20
C TYR I 339 5.02 38.17 -3.87
N TYR I 340 5.53 37.06 -3.37
CA TYR I 340 5.08 36.48 -2.11
C TYR I 340 6.27 36.30 -1.17
N GLN I 341 5.99 36.32 0.12
CA GLN I 341 6.99 36.20 1.17
C GLN I 341 6.85 34.85 1.85
N ALA I 342 7.91 34.05 1.78
CA ALA I 342 7.88 32.66 2.21
C ALA I 342 8.46 32.51 3.60
N ASN I 343 8.16 31.37 4.24
CA ASN I 343 8.73 31.06 5.53
C ASN I 343 10.24 30.95 5.41
N GLY I 344 10.94 31.37 6.46
CA GLY I 344 12.37 31.45 6.36
C GLY I 344 12.89 32.67 5.63
N GLY I 345 12.01 33.64 5.35
CA GLY I 345 12.41 34.87 4.71
C GLY I 345 12.89 34.69 3.29
N PHE I 346 12.02 34.27 2.39
CA PHE I 346 12.36 34.13 0.99
C PHE I 346 11.30 34.82 0.14
N LEU I 347 11.57 36.06 -0.25
CA LEU I 347 10.70 36.73 -1.19
C LEU I 347 10.71 35.98 -2.51
N ILE I 348 9.51 35.71 -3.03
CA ILE I 348 9.35 34.91 -4.23
C ILE I 348 8.70 35.76 -5.29
N ALA I 349 9.35 35.85 -6.45
CA ALA I 349 8.79 36.54 -7.60
C ALA I 349 8.18 35.47 -8.51
N TYR I 350 6.86 35.46 -8.62
CA TYR I 350 6.14 34.40 -9.31
C TYR I 350 5.44 34.98 -10.53
N GLN I 351 5.66 34.35 -11.68
CA GLN I 351 4.99 34.73 -12.91
C GLN I 351 4.09 33.59 -13.36
N PRO I 352 2.79 33.64 -13.09
CA PRO I 352 1.92 32.53 -13.48
C PRO I 352 1.90 32.34 -14.99
N LEU I 353 1.74 31.10 -15.40
CA LEU I 353 1.63 30.75 -16.82
C LEU I 353 0.34 29.99 -17.05
N LEU I 354 0.07 29.73 -18.32
CA LEU I 354 -1.11 28.97 -18.73
C LEU I 354 -0.85 28.42 -20.12
N SER I 355 -1.12 27.13 -20.30
CA SER I 355 -0.89 26.50 -21.59
C SER I 355 -1.72 27.17 -22.67
N ASN I 356 -1.26 27.05 -23.91
CA ASN I 356 -2.00 27.61 -25.03
C ASN I 356 -3.38 26.98 -25.16
N THR I 357 -3.56 25.78 -24.61
CA THR I 357 -4.85 25.13 -24.58
C THR I 357 -5.83 25.90 -23.70
N VAL I 390 7.68 49.99 5.26
CA VAL I 390 9.08 49.74 4.98
C VAL I 390 9.72 48.92 6.09
N GLU I 391 10.39 47.84 5.72
CA GLU I 391 11.02 46.94 6.68
C GLU I 391 12.17 46.23 5.99
N ARG I 392 12.82 45.33 6.73
CA ARG I 392 13.84 44.45 6.18
C ARG I 392 13.48 43.02 6.54
N ILE I 393 13.51 42.14 5.55
CA ILE I 393 13.21 40.74 5.77
C ILE I 393 14.47 40.03 6.27
N LYS I 394 14.28 38.97 7.03
CA LYS I 394 15.38 38.15 7.53
C LYS I 394 15.25 36.73 7.00
N THR I 395 16.32 36.20 6.43
CA THR I 395 16.31 34.91 5.78
C THR I 395 17.04 33.87 6.62
N THR I 396 16.44 32.69 6.74
CA THR I 396 17.08 31.59 7.44
C THR I 396 18.36 31.18 6.72
N SER I 397 19.15 30.35 7.39
CA SER I 397 20.40 29.83 6.82
C SER I 397 20.30 28.36 6.46
N SER I 398 19.10 27.80 6.41
CA SER I 398 18.93 26.38 6.16
C SER I 398 17.74 26.20 5.23
N ILE I 399 18.00 25.84 3.98
CA ILE I 399 16.94 25.41 3.07
C ILE I 399 16.37 24.08 3.50
N GLU I 400 17.09 23.34 4.34
CA GLU I 400 16.74 21.97 4.63
C GLU I 400 15.34 21.85 5.20
N PHE I 401 14.84 22.90 5.86
CA PHE I 401 13.44 22.88 6.26
C PHE I 401 12.54 22.78 5.02
N ALA I 402 12.84 23.55 3.99
CA ALA I 402 12.00 23.56 2.80
C ALA I 402 12.23 22.31 1.96
N ARG I 403 13.47 21.82 1.93
CA ARG I 403 13.72 20.57 1.19
C ARG I 403 13.05 19.38 1.88
N LEU I 404 13.06 19.35 3.21
CA LEU I 404 12.24 18.37 3.92
C LEU I 404 10.77 18.55 3.60
N GLN I 405 10.31 19.80 3.57
CA GLN I 405 8.91 20.03 3.23
C GLN I 405 8.58 19.46 1.87
N PHE I 406 9.47 19.67 0.91
CA PHE I 406 9.21 19.17 -0.45
C PHE I 406 9.28 17.65 -0.50
N THR I 407 10.29 17.06 0.13
CA THR I 407 10.41 15.60 0.13
C THR I 407 9.22 14.96 0.81
N TYR I 408 8.86 15.47 1.99
CA TYR I 408 7.73 14.92 2.72
C TYR I 408 6.44 15.11 1.96
N ASN I 409 6.24 16.27 1.34
CA ASN I 409 5.03 16.50 0.57
C ASN I 409 4.97 15.60 -0.66
N HIS I 410 6.10 15.43 -1.34
CA HIS I 410 6.13 14.55 -2.51
C HIS I 410 5.79 13.12 -2.11
N ILE I 411 6.46 12.61 -1.08
CA ILE I 411 6.22 11.24 -0.64
C ILE I 411 4.79 11.11 -0.12
N GLN I 412 4.29 12.15 0.55
CA GLN I 412 2.94 12.08 1.10
C GLN I 412 1.90 12.10 0.00
N ARG I 413 2.05 12.97 -1.01
CA ARG I 413 1.17 12.92 -2.16
C ARG I 413 1.16 11.53 -2.76
N HIS I 414 2.35 10.96 -2.98
CA HIS I 414 2.39 9.64 -3.59
C HIS I 414 1.69 8.60 -2.74
N VAL I 415 2.04 8.51 -1.46
CA VAL I 415 1.51 7.43 -0.64
C VAL I 415 0.04 7.63 -0.37
N ASN I 416 -0.39 8.88 -0.15
CA ASN I 416 -1.81 9.14 0.04
C ASN I 416 -2.60 8.79 -1.21
N ASP I 417 -2.10 9.17 -2.38
CA ASP I 417 -2.79 8.82 -3.62
C ASP I 417 -2.86 7.31 -3.78
N MET I 418 -1.77 6.61 -3.52
CA MET I 418 -1.73 5.19 -3.80
C MET I 418 -2.54 4.41 -2.79
N LEU I 419 -2.47 4.76 -1.51
CA LEU I 419 -3.29 4.12 -0.52
C LEU I 419 -4.76 4.48 -0.68
N GLY I 420 -5.06 5.67 -1.20
CA GLY I 420 -6.44 5.98 -1.54
C GLY I 420 -6.95 5.12 -2.67
N ARG I 421 -6.12 4.92 -3.69
CA ARG I 421 -6.49 4.01 -4.77
C ARG I 421 -6.67 2.60 -4.24
N VAL I 422 -5.79 2.18 -3.33
CA VAL I 422 -5.89 0.84 -2.75
C VAL I 422 -7.20 0.70 -1.97
N ALA I 423 -7.54 1.70 -1.16
CA ALA I 423 -8.77 1.63 -0.37
C ALA I 423 -9.99 1.66 -1.27
N ILE I 424 -9.97 2.49 -2.31
CA ILE I 424 -11.10 2.55 -3.24
C ILE I 424 -11.27 1.21 -3.94
N ALA I 425 -10.17 0.65 -4.45
CA ALA I 425 -10.23 -0.65 -5.10
C ALA I 425 -10.63 -1.74 -4.12
N TRP I 426 -10.29 -1.57 -2.85
CA TRP I 426 -10.67 -2.56 -1.84
C TRP I 426 -12.16 -2.51 -1.57
N CYS I 427 -12.74 -1.31 -1.48
CA CYS I 427 -14.18 -1.19 -1.38
C CYS I 427 -14.86 -1.81 -2.58
N GLU I 428 -14.35 -1.50 -3.77
CA GLU I 428 -14.95 -2.03 -4.97
C GLU I 428 -14.85 -3.55 -4.98
N LEU I 429 -13.73 -4.08 -4.48
CA LEU I 429 -13.59 -5.52 -4.37
C LEU I 429 -14.60 -6.11 -3.40
N GLN I 430 -14.82 -5.46 -2.27
CA GLN I 430 -15.78 -5.98 -1.31
C GLN I 430 -17.19 -5.98 -1.88
N ASN I 431 -17.62 -4.83 -2.41
CA ASN I 431 -18.94 -4.75 -3.03
C ASN I 431 -19.07 -5.73 -4.18
N HIS I 432 -17.96 -6.00 -4.85
CA HIS I 432 -17.96 -6.86 -6.02
C HIS I 432 -18.04 -8.32 -5.62
N GLU I 433 -17.36 -8.68 -4.53
CA GLU I 433 -17.39 -10.03 -3.97
C GLU I 433 -18.70 -10.32 -3.27
N LEU I 434 -19.47 -9.29 -2.91
CA LEU I 434 -20.76 -9.54 -2.28
C LEU I 434 -21.65 -10.43 -3.15
N THR I 435 -21.55 -10.30 -4.47
CA THR I 435 -22.36 -11.15 -5.35
C THR I 435 -21.96 -12.61 -5.19
N LEU I 436 -20.67 -12.89 -5.19
CA LEU I 436 -20.21 -14.25 -4.96
C LEU I 436 -20.66 -14.75 -3.60
N TRP I 437 -20.65 -13.87 -2.60
CA TRP I 437 -21.09 -14.28 -1.28
C TRP I 437 -22.57 -14.62 -1.26
N ASN I 438 -23.39 -13.86 -1.99
CA ASN I 438 -24.80 -14.19 -2.11
C ASN I 438 -24.98 -15.57 -2.73
N GLU I 439 -24.26 -15.83 -3.81
CA GLU I 439 -24.40 -17.12 -4.48
C GLU I 439 -23.96 -18.26 -3.55
N ALA I 440 -22.85 -18.06 -2.84
CA ALA I 440 -22.38 -19.09 -1.93
C ALA I 440 -23.38 -19.34 -0.80
N ARG I 441 -23.91 -18.26 -0.21
CA ARG I 441 -24.86 -18.43 0.88
C ARG I 441 -26.10 -19.16 0.39
N LYS I 442 -26.42 -19.01 -0.90
CA LYS I 442 -27.47 -19.85 -1.47
C LYS I 442 -27.00 -21.29 -1.59
N LEU I 443 -25.70 -21.49 -1.83
CA LEU I 443 -25.20 -22.85 -2.04
C LEU I 443 -25.08 -23.61 -0.72
N ASN I 444 -24.22 -23.15 0.18
CA ASN I 444 -23.91 -23.86 1.43
C ASN I 444 -24.07 -22.90 2.59
N PRO I 445 -25.31 -22.56 2.95
CA PRO I 445 -25.52 -21.47 3.91
C PRO I 445 -24.83 -21.69 5.25
N ASN I 446 -24.61 -22.95 5.64
CA ASN I 446 -23.95 -23.23 6.91
C ASN I 446 -22.56 -22.60 6.96
N ALA I 447 -21.74 -22.89 5.95
CA ALA I 447 -20.35 -22.43 5.97
C ALA I 447 -20.26 -20.91 5.89
N ILE I 448 -21.03 -20.31 4.98
CA ILE I 448 -21.02 -18.87 4.83
C ILE I 448 -21.51 -18.18 6.10
N ALA I 449 -22.59 -18.68 6.70
CA ALA I 449 -23.05 -18.07 7.93
C ALA I 449 -22.03 -18.23 9.04
N SER I 450 -21.37 -19.39 9.12
CA SER I 450 -20.36 -19.59 10.15
C SER I 450 -19.21 -18.63 9.99
N VAL I 451 -18.78 -18.40 8.74
CA VAL I 451 -17.66 -17.48 8.50
C VAL I 451 -18.08 -16.05 8.80
N THR I 452 -19.25 -15.65 8.32
CA THR I 452 -19.66 -14.25 8.40
C THR I 452 -20.02 -13.86 9.83
N VAL I 453 -20.81 -14.67 10.51
CA VAL I 453 -21.21 -14.35 11.88
C VAL I 453 -20.00 -14.41 12.81
N GLY I 454 -19.11 -15.36 12.58
CA GLY I 454 -17.94 -15.52 13.41
C GLY I 454 -17.94 -16.71 14.33
N ARG I 455 -18.85 -17.65 14.16
CA ARG I 455 -18.92 -18.84 15.00
C ARG I 455 -19.71 -19.91 14.27
N ARG I 456 -19.40 -21.17 14.56
CA ARG I 456 -20.10 -22.27 13.93
C ARG I 456 -21.59 -22.20 14.23
N VAL I 457 -22.39 -21.92 13.21
CA VAL I 457 -23.83 -21.75 13.37
C VAL I 457 -24.54 -22.44 12.22
N SER I 458 -25.63 -23.13 12.52
CA SER I 458 -26.47 -23.70 11.48
C SER I 458 -27.31 -22.59 10.85
N ALA I 459 -27.48 -22.64 9.54
CA ALA I 459 -28.20 -21.60 8.85
C ALA I 459 -29.02 -22.17 7.70
N ARG I 460 -30.03 -21.41 7.30
CA ARG I 460 -30.84 -21.71 6.14
C ARG I 460 -31.48 -20.42 5.68
N MET I 461 -31.65 -20.30 4.37
CA MET I 461 -32.24 -19.09 3.82
C MET I 461 -33.73 -19.05 4.06
N LEU I 462 -34.23 -17.86 4.39
CA LEU I 462 -35.64 -17.60 4.55
C LEU I 462 -36.13 -16.65 3.47
N GLY I 463 -35.74 -16.94 2.24
CA GLY I 463 -36.01 -16.02 1.14
C GLY I 463 -34.77 -15.22 0.81
N ASP I 464 -34.71 -13.98 1.31
CA ASP I 464 -33.56 -13.12 1.10
C ASP I 464 -32.83 -12.81 2.39
N VAL I 465 -33.09 -13.58 3.45
CA VAL I 465 -32.38 -13.45 4.72
C VAL I 465 -32.02 -14.84 5.21
N MET I 466 -31.05 -14.89 6.11
CA MET I 466 -30.56 -16.14 6.67
C MET I 466 -31.05 -16.26 8.11
N ALA I 467 -31.48 -17.45 8.49
CA ALA I 467 -31.81 -17.75 9.88
C ALA I 467 -30.69 -18.58 10.49
N VAL I 468 -30.09 -18.08 11.56
CA VAL I 468 -28.94 -18.73 12.17
C VAL I 468 -29.34 -19.29 13.52
N SER I 469 -28.54 -20.24 13.99
CA SER I 469 -28.75 -20.87 15.29
C SER I 469 -27.44 -21.52 15.69
N THR I 470 -26.91 -21.14 16.85
CA THR I 470 -25.57 -21.59 17.23
C THR I 470 -25.54 -23.10 17.42
N CYS I 471 -24.43 -23.71 17.02
CA CYS I 471 -24.25 -25.15 17.12
C CYS I 471 -23.49 -25.48 18.41
N VAL I 472 -23.91 -26.56 19.07
CA VAL I 472 -23.31 -27.00 20.31
C VAL I 472 -21.99 -27.71 20.02
N PRO I 473 -20.88 -27.24 20.58
CA PRO I 473 -19.61 -27.96 20.39
C PRO I 473 -19.65 -29.31 21.07
N VAL I 474 -18.89 -30.25 20.52
CA VAL I 474 -18.78 -31.61 21.06
C VAL I 474 -17.30 -31.95 21.15
N ALA I 475 -16.91 -32.52 22.28
CA ALA I 475 -15.51 -32.90 22.47
C ALA I 475 -15.08 -33.93 21.44
N ALA I 476 -13.82 -33.83 21.01
CA ALA I 476 -13.31 -34.72 19.98
C ALA I 476 -13.34 -36.17 20.45
N ASP I 477 -12.93 -36.41 21.70
CA ASP I 477 -12.86 -37.76 22.23
C ASP I 477 -14.22 -38.42 22.35
N ASN I 478 -15.31 -37.65 22.28
CA ASN I 478 -16.65 -38.17 22.42
C ASN I 478 -17.31 -38.49 21.08
N VAL I 479 -16.52 -38.84 20.07
CA VAL I 479 -17.03 -39.13 18.73
C VAL I 479 -16.44 -40.45 18.27
N ILE I 480 -17.30 -41.36 17.81
CA ILE I 480 -16.90 -42.68 17.35
C ILE I 480 -17.44 -42.89 15.95
N VAL I 481 -16.60 -43.40 15.05
CA VAL I 481 -16.97 -43.65 13.67
C VAL I 481 -17.28 -45.13 13.51
N GLN I 482 -18.47 -45.43 12.98
CA GLN I 482 -18.76 -46.79 12.59
C GLN I 482 -17.93 -47.19 11.39
N ASN I 483 -17.39 -48.42 11.43
CA ASN I 483 -16.42 -48.84 10.43
C ASN I 483 -17.01 -48.85 9.03
N SER I 484 -18.25 -49.29 8.91
CA SER I 484 -18.86 -49.46 7.59
C SER I 484 -19.92 -48.40 7.33
N MET I 485 -19.87 -47.81 6.14
CA MET I 485 -20.94 -46.94 5.67
C MET I 485 -21.99 -47.70 4.89
N ARG I 486 -21.86 -49.02 4.78
CA ARG I 486 -22.89 -49.81 4.12
C ARG I 486 -24.21 -49.72 4.89
N ILE I 487 -25.27 -50.13 4.21
CA ILE I 487 -26.58 -50.31 4.83
C ILE I 487 -26.98 -51.75 4.52
N SER I 488 -26.66 -52.66 5.45
CA SER I 488 -26.86 -54.07 5.18
C SER I 488 -28.32 -54.39 4.91
N SER I 489 -29.25 -53.60 5.44
CA SER I 489 -30.67 -53.87 5.28
C SER I 489 -31.15 -53.68 3.84
N ARG I 490 -30.34 -53.09 2.97
CA ARG I 490 -30.80 -52.85 1.61
C ARG I 490 -29.64 -52.84 0.62
N PRO I 491 -29.79 -53.44 -0.54
CA PRO I 491 -28.68 -53.53 -1.49
C PRO I 491 -28.44 -52.20 -2.20
N GLY I 492 -27.20 -51.99 -2.61
CA GLY I 492 -26.84 -50.87 -3.45
C GLY I 492 -26.94 -49.51 -2.79
N ALA I 493 -27.52 -49.41 -1.60
CA ALA I 493 -27.68 -48.14 -0.91
C ALA I 493 -26.57 -47.99 0.11
N CYS I 494 -25.79 -46.93 0.00
CA CYS I 494 -24.68 -46.65 0.90
C CYS I 494 -24.82 -45.28 1.51
N TYR I 495 -24.40 -45.17 2.77
CA TYR I 495 -24.28 -43.87 3.41
C TYR I 495 -23.18 -43.08 2.71
N SER I 496 -23.53 -41.92 2.16
CA SER I 496 -22.55 -41.14 1.42
C SER I 496 -21.55 -40.45 2.33
N ARG I 497 -21.77 -40.49 3.64
CA ARG I 497 -20.96 -39.77 4.59
C ARG I 497 -20.94 -40.56 5.90
N PRO I 498 -19.76 -40.74 6.50
CA PRO I 498 -19.63 -41.74 7.57
C PRO I 498 -20.57 -41.52 8.74
N LEU I 499 -21.06 -42.63 9.27
CA LEU I 499 -21.89 -42.63 10.46
C LEU I 499 -21.03 -42.38 11.68
N VAL I 500 -21.56 -41.62 12.63
CA VAL I 500 -20.85 -41.32 13.87
C VAL I 500 -21.81 -41.49 15.05
N SER I 501 -21.30 -42.09 16.12
CA SER I 501 -21.98 -42.14 17.40
C SER I 501 -21.24 -41.20 18.34
N PHE I 502 -21.98 -40.35 19.05
CA PHE I 502 -21.37 -39.32 19.86
C PHE I 502 -22.19 -39.07 21.11
N ARG I 503 -21.56 -38.45 22.09
CA ARG I 503 -22.19 -38.05 23.34
C ARG I 503 -21.82 -36.62 23.65
N TYR I 504 -22.80 -35.82 24.07
CA TYR I 504 -22.54 -34.41 24.34
C TYR I 504 -21.55 -34.24 25.49
N GLU I 505 -21.71 -35.01 26.56
CA GLU I 505 -20.84 -34.96 27.72
C GLU I 505 -20.09 -36.27 27.85
N ASP I 506 -19.08 -36.26 28.72
CA ASP I 506 -18.22 -37.44 28.87
C ASP I 506 -18.99 -38.63 29.41
N GLN I 507 -20.18 -38.44 29.97
CA GLN I 507 -21.00 -39.53 30.47
C GLN I 507 -22.39 -39.56 29.85
N GLY I 508 -22.68 -38.68 28.89
CA GLY I 508 -23.98 -38.61 28.27
C GLY I 508 -24.30 -39.87 27.49
N PRO I 509 -25.59 -40.10 27.25
CA PRO I 509 -26.00 -41.28 26.47
C PRO I 509 -25.42 -41.22 25.06
N LEU I 510 -25.09 -42.39 24.53
CA LEU I 510 -24.55 -42.44 23.19
C LEU I 510 -25.63 -42.11 22.17
N VAL I 511 -25.37 -41.10 21.35
CA VAL I 511 -26.35 -40.59 20.39
C VAL I 511 -25.84 -40.86 18.99
N GLU I 512 -26.68 -41.51 18.17
CA GLU I 512 -26.33 -41.78 16.79
C GLU I 512 -26.39 -40.51 15.96
N GLY I 513 -25.67 -40.53 14.86
CA GLY I 513 -25.63 -39.37 13.98
C GLY I 513 -24.79 -39.68 12.76
N GLN I 514 -24.66 -38.67 11.91
CA GLN I 514 -23.87 -38.79 10.70
C GLN I 514 -22.93 -37.62 10.60
N LEU I 515 -21.71 -37.88 10.13
CA LEU I 515 -20.71 -36.84 9.97
C LEU I 515 -21.15 -35.84 8.91
N GLY I 516 -20.59 -34.65 8.96
CA GLY I 516 -20.90 -33.65 7.97
C GLY I 516 -19.66 -33.05 7.34
N GLU I 517 -19.60 -31.72 7.30
CA GLU I 517 -18.45 -31.02 6.75
C GLU I 517 -17.91 -30.08 7.81
N ASN I 518 -16.59 -29.94 7.84
CA ASN I 518 -15.91 -29.21 8.90
C ASN I 518 -16.31 -29.75 10.27
N ASN I 519 -16.28 -31.08 10.40
CA ASN I 519 -16.48 -31.78 11.67
C ASN I 519 -17.89 -31.60 12.22
N GLU I 520 -18.83 -31.14 11.41
CA GLU I 520 -20.20 -30.99 11.87
C GLU I 520 -20.87 -32.35 11.97
N LEU I 521 -21.55 -32.60 13.08
CA LEU I 521 -22.27 -33.84 13.30
C LEU I 521 -23.75 -33.60 13.03
N ARG I 522 -24.31 -34.38 12.11
CA ARG I 522 -25.72 -34.26 11.75
C ARG I 522 -26.52 -35.29 12.52
N LEU I 523 -27.62 -34.85 13.13
CA LEU I 523 -28.41 -35.74 13.97
C LEU I 523 -29.21 -36.77 13.19
N THR I 524 -29.33 -36.62 11.88
CA THR I 524 -30.14 -37.53 11.07
C THR I 524 -29.25 -38.24 10.06
N ARG I 525 -29.33 -39.57 10.05
CA ARG I 525 -28.58 -40.40 9.11
C ARG I 525 -29.41 -40.53 7.84
N ASP I 526 -29.28 -39.56 6.94
CA ASP I 526 -30.09 -39.51 5.74
C ASP I 526 -29.29 -39.35 4.45
N ALA I 527 -28.01 -39.00 4.51
CA ALA I 527 -27.23 -38.80 3.30
C ALA I 527 -26.89 -40.13 2.66
N ILE I 528 -27.83 -40.68 1.89
CA ILE I 528 -27.67 -41.98 1.28
C ILE I 528 -27.45 -41.83 -0.22
N GLU I 529 -26.48 -42.57 -0.74
CA GLU I 529 -26.17 -42.54 -2.16
C GLU I 529 -26.06 -43.99 -2.64
N PRO I 530 -26.25 -44.24 -3.94
CA PRO I 530 -26.02 -45.59 -4.46
C PRO I 530 -24.57 -45.99 -4.28
N CYS I 531 -24.36 -47.26 -3.94
CA CYS I 531 -23.01 -47.75 -3.72
C CYS I 531 -22.23 -47.77 -5.04
N THR I 532 -20.94 -47.42 -4.96
CA THR I 532 -20.11 -47.27 -6.14
C THR I 532 -18.88 -48.15 -6.03
N VAL I 533 -18.49 -48.76 -7.15
CA VAL I 533 -17.25 -49.51 -7.17
C VAL I 533 -16.07 -48.54 -7.10
N GLY I 534 -14.95 -49.02 -6.58
CA GLY I 534 -13.78 -48.18 -6.45
C GLY I 534 -14.03 -46.97 -5.58
N HIS I 535 -14.79 -47.16 -4.50
CA HIS I 535 -15.24 -46.05 -3.66
C HIS I 535 -14.12 -45.65 -2.70
N ARG I 536 -13.34 -44.65 -3.09
CA ARG I 536 -12.32 -44.07 -2.23
C ARG I 536 -12.79 -42.70 -1.78
N ARG I 537 -12.74 -42.45 -0.48
CA ARG I 537 -13.18 -41.17 0.06
C ARG I 537 -12.29 -40.78 1.23
N TYR I 538 -12.02 -39.49 1.34
CA TYR I 538 -11.38 -38.90 2.51
C TYR I 538 -12.38 -37.94 3.12
N PHE I 539 -12.67 -38.09 4.41
CA PHE I 539 -13.61 -37.22 5.10
C PHE I 539 -12.90 -36.49 6.22
N THR I 540 -13.14 -35.19 6.32
CA THR I 540 -12.58 -34.45 7.43
C THR I 540 -13.12 -34.99 8.75
N PHE I 541 -12.22 -35.21 9.69
CA PHE I 541 -12.61 -35.80 10.97
C PHE I 541 -11.61 -35.31 12.01
N GLY I 542 -12.06 -34.45 12.92
CA GLY I 542 -11.13 -33.86 13.86
C GLY I 542 -10.06 -33.06 13.14
N GLY I 543 -8.81 -33.29 13.53
CA GLY I 543 -7.71 -32.58 12.93
C GLY I 543 -7.20 -33.13 11.63
N GLY I 544 -7.68 -34.31 11.22
CA GLY I 544 -7.24 -34.94 9.99
C GLY I 544 -8.41 -35.53 9.23
N TYR I 545 -8.13 -36.55 8.44
CA TYR I 545 -9.14 -37.21 7.63
C TYR I 545 -9.30 -38.66 8.07
N VAL I 546 -10.38 -39.26 7.61
CA VAL I 546 -10.68 -40.66 7.89
C VAL I 546 -10.88 -41.34 6.54
N TYR I 547 -9.81 -41.93 6.02
CA TYR I 547 -9.85 -42.52 4.69
C TYR I 547 -10.77 -43.74 4.67
N PHE I 548 -11.62 -43.80 3.65
CA PHE I 548 -12.57 -44.89 3.50
C PHE I 548 -12.38 -45.56 2.15
N GLU I 549 -12.50 -46.89 2.13
CA GLU I 549 -12.43 -47.65 0.90
C GLU I 549 -13.57 -48.66 0.86
N GLU I 550 -14.28 -48.70 -0.27
CA GLU I 550 -15.37 -49.64 -0.48
C GLU I 550 -16.38 -49.55 0.66
N TYR I 551 -16.67 -48.32 1.09
CA TYR I 551 -17.60 -48.07 2.19
C TYR I 551 -17.19 -48.82 3.45
N ALA I 552 -15.91 -48.79 3.77
CA ALA I 552 -15.38 -49.39 4.98
C ALA I 552 -14.22 -48.56 5.50
N TYR I 553 -14.18 -48.38 6.81
CA TYR I 553 -13.11 -47.62 7.43
C TYR I 553 -11.76 -48.24 7.10
N SER I 554 -10.81 -47.40 6.69
CA SER I 554 -9.45 -47.85 6.43
C SER I 554 -8.48 -47.41 7.51
N HIS I 555 -8.37 -46.12 7.74
CA HIS I 555 -7.51 -45.56 8.79
C HIS I 555 -7.66 -44.06 8.79
N GLN I 556 -7.30 -43.45 9.92
CA GLN I 556 -7.22 -41.99 9.98
C GLN I 556 -5.93 -41.50 9.35
N LEU I 557 -5.96 -40.27 8.86
CA LEU I 557 -4.78 -39.65 8.26
C LEU I 557 -4.49 -38.34 8.97
N SER I 558 -3.21 -38.07 9.18
CA SER I 558 -2.81 -36.76 9.65
C SER I 558 -3.10 -35.72 8.58
N ARG I 559 -3.27 -34.48 9.02
CA ARG I 559 -3.64 -33.42 8.07
C ARG I 559 -2.56 -33.22 7.02
N ALA I 560 -1.29 -33.34 7.43
CA ALA I 560 -0.19 -33.10 6.50
C ALA I 560 0.16 -34.32 5.65
N ASP I 561 -0.51 -35.45 5.86
CA ASP I 561 -0.22 -36.62 5.04
C ASP I 561 -0.68 -36.47 3.60
N ILE I 562 -1.48 -35.44 3.30
CA ILE I 562 -2.01 -35.20 1.97
C ILE I 562 -1.38 -33.92 1.43
N THR I 563 -0.96 -33.97 0.15
CA THR I 563 -0.35 -32.80 -0.47
C THR I 563 -1.31 -31.61 -0.42
N THR I 564 -0.76 -30.43 -0.22
CA THR I 564 -1.53 -29.23 0.01
C THR I 564 -1.33 -28.25 -1.13
N VAL I 565 -2.43 -27.77 -1.70
CA VAL I 565 -2.43 -26.74 -2.72
C VAL I 565 -3.07 -25.49 -2.12
N SER I 566 -2.49 -24.34 -2.42
CA SER I 566 -2.88 -23.09 -1.76
C SER I 566 -3.75 -22.26 -2.68
N THR I 567 -4.97 -21.96 -2.22
CA THR I 567 -5.81 -20.97 -2.87
C THR I 567 -5.45 -19.56 -2.45
N PHE I 568 -4.63 -19.40 -1.42
CA PHE I 568 -4.18 -18.09 -1.00
C PHE I 568 -3.19 -17.53 -2.01
N ILE I 569 -3.03 -16.21 -1.99
CA ILE I 569 -2.05 -15.54 -2.82
C ILE I 569 -1.10 -14.80 -1.89
N ASP I 570 0.16 -15.22 -1.91
CA ASP I 570 1.14 -14.66 -1.00
C ASP I 570 1.35 -13.18 -1.29
N LEU I 571 1.30 -12.38 -0.23
CA LEU I 571 1.62 -10.96 -0.28
C LEU I 571 2.70 -10.73 0.76
N ASN I 572 3.95 -10.98 0.37
CA ASN I 572 5.05 -10.94 1.32
C ASN I 572 5.40 -9.49 1.65
N ILE I 573 4.59 -8.85 2.47
CA ILE I 573 4.80 -7.46 2.87
C ILE I 573 5.66 -7.50 4.12
N THR I 574 6.96 -7.24 3.97
CA THR I 574 7.80 -7.03 5.13
C THR I 574 7.76 -5.54 5.46
N MET I 575 8.42 -5.14 6.54
CA MET I 575 8.21 -3.82 7.10
C MET I 575 9.46 -2.99 6.94
N LEU I 576 9.28 -1.71 6.65
CA LEU I 576 10.40 -0.79 6.58
C LEU I 576 11.12 -0.76 7.92
N GLU I 577 12.35 -1.26 7.95
CA GLU I 577 13.07 -1.38 9.21
C GLU I 577 13.43 -0.02 9.77
N ASP I 578 13.58 0.04 11.08
CA ASP I 578 14.06 1.26 11.71
C ASP I 578 15.46 1.59 11.21
N HIS I 579 15.68 2.86 10.93
CA HIS I 579 16.98 3.34 10.50
C HIS I 579 17.36 4.54 11.34
N GLU I 580 18.59 4.57 11.80
CA GLU I 580 19.07 5.61 12.70
C GLU I 580 20.00 6.54 11.95
N PHE I 581 19.75 7.84 12.09
CA PHE I 581 20.49 8.87 11.39
C PHE I 581 21.52 9.47 12.34
N VAL I 582 22.79 9.26 12.05
CA VAL I 582 23.86 9.81 12.87
C VAL I 582 24.03 11.27 12.50
N PRO I 583 24.43 12.13 13.43
CA PRO I 583 24.75 13.51 13.06
C PRO I 583 25.90 13.53 12.06
N LEU I 584 25.78 14.41 11.08
CA LEU I 584 26.73 14.43 9.98
C LEU I 584 27.00 15.87 9.56
N GLU I 585 28.28 16.20 9.43
CA GLU I 585 28.70 17.52 9.00
C GLU I 585 29.87 17.35 8.04
N VAL I 586 29.74 17.93 6.85
CA VAL I 586 30.91 18.00 5.98
C VAL I 586 31.99 18.84 6.64
N TYR I 587 31.60 19.87 7.38
CA TYR I 587 32.53 20.75 8.05
C TYR I 587 31.91 21.19 9.37
N THR I 588 32.45 20.70 10.49
CA THR I 588 32.00 21.19 11.79
C THR I 588 32.35 22.65 11.92
N ARG I 589 31.61 23.36 12.78
CA ARG I 589 31.86 24.79 12.92
C ARG I 589 33.26 25.06 13.45
N HIS I 590 33.88 24.08 14.12
CA HIS I 590 35.24 24.27 14.59
C HIS I 590 36.22 24.34 13.42
N GLU I 591 36.15 23.40 12.49
CA GLU I 591 37.04 23.47 11.33
C GLU I 591 36.66 24.61 10.40
N ILE I 592 35.40 25.02 10.39
CA ILE I 592 35.01 26.19 9.60
C ILE I 592 35.63 27.44 10.19
N LYS I 593 35.66 27.55 11.53
CA LYS I 593 36.35 28.66 12.16
C LYS I 593 37.85 28.57 11.93
N ASP I 594 38.41 27.37 11.97
CA ASP I 594 39.83 27.16 11.79
C ASP I 594 40.28 27.40 10.34
N SER I 595 39.34 27.37 9.39
CA SER I 595 39.70 27.54 7.99
C SER I 595 40.38 28.88 7.76
N GLY I 596 40.01 29.90 8.52
CA GLY I 596 40.69 31.17 8.41
C GLY I 596 42.14 31.08 8.86
N LEU I 597 43.00 31.81 8.16
CA LEU I 597 44.41 31.81 8.50
C LEU I 597 44.67 32.42 9.87
N LEU I 598 43.98 33.50 10.21
CA LEU I 598 44.18 34.17 11.49
C LEU I 598 42.83 34.48 12.10
N ASP I 599 42.85 35.09 13.28
CA ASP I 599 41.64 35.50 13.98
C ASP I 599 42.03 36.40 15.14
N TYR I 600 41.27 37.48 15.34
CA TYR I 600 41.51 38.40 16.46
C TYR I 600 41.81 37.71 17.77
N THR I 601 40.98 36.74 18.15
CA THR I 601 41.11 36.12 19.45
C THR I 601 42.53 35.61 19.62
N GLU I 602 42.88 34.60 18.84
CA GLU I 602 44.21 34.01 18.95
C GLU I 602 45.29 35.05 18.73
N VAL I 603 45.17 35.79 17.63
CA VAL I 603 46.25 36.64 17.14
C VAL I 603 46.59 37.72 18.14
N GLN I 604 45.68 38.64 18.41
CA GLN I 604 46.17 39.69 19.30
C GLN I 604 45.99 39.34 20.76
N ARG I 605 45.32 38.23 21.09
CA ARG I 605 45.44 37.71 22.43
C ARG I 605 46.91 37.40 22.70
N ARG I 606 47.54 36.66 21.77
CA ARG I 606 48.97 36.41 21.89
C ARG I 606 49.77 37.70 21.83
N ASN I 607 49.39 38.59 20.91
CA ASN I 607 50.14 39.83 20.71
C ASN I 607 50.10 40.73 21.93
N GLN I 608 49.09 40.59 22.79
CA GLN I 608 49.08 41.42 23.98
C GLN I 608 49.55 40.65 25.22
N LEU I 609 49.54 39.31 25.19
CA LEU I 609 50.40 38.59 26.13
C LEU I 609 51.84 38.99 25.96
N HIS I 610 52.27 39.25 24.73
CA HIS I 610 53.68 39.49 24.46
C HIS I 610 54.37 40.31 25.54
N ASP I 611 53.75 41.41 25.97
CA ASP I 611 54.34 42.25 27.02
C ASP I 611 54.41 41.50 28.34
N LEU I 612 53.30 40.88 28.76
CA LEU I 612 53.25 40.13 30.00
C LEU I 612 54.27 38.98 30.03
N ARG I 613 54.27 38.18 28.97
CA ARG I 613 55.15 37.03 28.89
C ARG I 613 56.62 37.42 28.84
N PHE I 614 56.95 38.43 28.04
CA PHE I 614 58.33 38.69 27.70
C PHE I 614 58.85 39.93 28.40
N ALA I 615 58.15 40.37 29.46
CA ALA I 615 58.57 41.52 30.24
C ALA I 615 57.77 41.52 31.53
N ASP I 616 58.23 42.32 32.49
CA ASP I 616 57.53 42.52 33.76
C ASP I 616 56.68 43.77 33.67
N ILE I 617 55.41 43.64 34.10
CA ILE I 617 54.51 44.77 34.10
C ILE I 617 54.24 45.29 35.51
N ASP I 618 55.04 44.89 36.48
CA ASP I 618 54.81 45.29 37.86
C ASP I 618 56.05 45.92 38.47
N THR I 619 57.22 45.42 38.09
CA THR I 619 58.45 45.93 38.67
C THR I 619 58.65 47.40 38.30
N VAL I 620 59.02 48.20 39.30
CA VAL I 620 59.21 49.63 39.11
C VAL I 620 60.65 49.99 39.46
N ILE I 621 61.30 50.73 38.59
CA ILE I 621 62.69 51.09 38.77
C ILE I 621 62.83 52.60 38.86
N HIS I 622 63.50 53.05 39.92
CA HIS I 622 63.78 54.47 40.12
C HIS I 622 65.25 54.62 40.48
N ALA I 623 65.87 55.67 39.96
CA ALA I 623 67.29 55.92 40.22
C ALA I 623 67.65 57.38 40.00
#